data_3FLJ
# 
_entry.id   3FLJ 
# 
_audit_conform.dict_name       mmcif_pdbx.dic 
_audit_conform.dict_version    5.397 
_audit_conform.dict_location   http://mmcif.pdb.org/dictionaries/ascii/mmcif_pdbx.dic 
# 
loop_
_database_2.database_id 
_database_2.database_code 
_database_2.pdbx_database_accession 
_database_2.pdbx_DOI 
PDB   3FLJ         pdb_00003flj 10.2210/pdb3flj/pdb 
RCSB  RCSB050738   ?            ?                   
WWPDB D_1000050738 ?            ?                   
# 
loop_
_pdbx_audit_revision_history.ordinal 
_pdbx_audit_revision_history.data_content_type 
_pdbx_audit_revision_history.major_revision 
_pdbx_audit_revision_history.minor_revision 
_pdbx_audit_revision_history.revision_date 
1 'Structure model' 1 0 2009-01-13 
2 'Structure model' 1 1 2011-07-13 
3 'Structure model' 1 2 2017-11-01 
4 'Structure model' 1 3 2019-07-24 
5 'Structure model' 1 4 2023-02-01 
6 'Structure model' 1 5 2024-10-30 
# 
_pdbx_audit_revision_details.ordinal             1 
_pdbx_audit_revision_details.revision_ordinal    1 
_pdbx_audit_revision_details.data_content_type   'Structure model' 
_pdbx_audit_revision_details.provider            repository 
_pdbx_audit_revision_details.type                'Initial release' 
_pdbx_audit_revision_details.description         ? 
_pdbx_audit_revision_details.details             ? 
# 
loop_
_pdbx_audit_revision_group.ordinal 
_pdbx_audit_revision_group.revision_ordinal 
_pdbx_audit_revision_group.data_content_type 
_pdbx_audit_revision_group.group 
1  2 'Structure model' Advisory                    
2  2 'Structure model' 'Version format compliance' 
3  3 'Structure model' 'Refinement description'    
4  4 'Structure model' 'Data collection'           
5  4 'Structure model' 'Derived calculations'      
6  4 'Structure model' 'Refinement description'    
7  5 'Structure model' 'Database references'       
8  5 'Structure model' 'Derived calculations'      
9  6 'Structure model' 'Data collection'           
10 6 'Structure model' 'Structure summary'         
# 
loop_
_pdbx_audit_revision_category.ordinal 
_pdbx_audit_revision_category.revision_ordinal 
_pdbx_audit_revision_category.data_content_type 
_pdbx_audit_revision_category.category 
1  3 'Structure model' software                     
2  4 'Structure model' pdbx_struct_special_symmetry 
3  4 'Structure model' software                     
4  4 'Structure model' struct_conn                  
5  5 'Structure model' database_2                   
6  5 'Structure model' struct_ref_seq_dif           
7  5 'Structure model' struct_site                  
8  6 'Structure model' chem_comp_atom               
9  6 'Structure model' chem_comp_bond               
10 6 'Structure model' pdbx_entry_details           
11 6 'Structure model' pdbx_modification_feature    
# 
loop_
_pdbx_audit_revision_item.ordinal 
_pdbx_audit_revision_item.revision_ordinal 
_pdbx_audit_revision_item.data_content_type 
_pdbx_audit_revision_item.item 
1  3 'Structure model' '_software.classification'                     
2  3 'Structure model' '_software.name'                               
3  4 'Structure model' '_software.classification'                     
4  4 'Structure model' '_software.contact_author'                     
5  4 'Structure model' '_software.contact_author_email'               
6  4 'Structure model' '_software.language'                           
7  4 'Structure model' '_software.location'                           
8  4 'Structure model' '_software.name'                               
9  4 'Structure model' '_software.type'                               
10 4 'Structure model' '_software.version'                            
11 4 'Structure model' '_struct_conn.pdbx_leaving_atom_flag'          
12 5 'Structure model' '_database_2.pdbx_DOI'                         
13 5 'Structure model' '_database_2.pdbx_database_accession'          
14 5 'Structure model' '_struct_ref_seq_dif.details'                  
15 5 'Structure model' '_struct_site.pdbx_auth_asym_id'               
16 5 'Structure model' '_struct_site.pdbx_auth_comp_id'               
17 5 'Structure model' '_struct_site.pdbx_auth_seq_id'                
18 6 'Structure model' '_pdbx_entry_details.has_protein_modification' 
# 
_pdbx_database_status.SG_entry                        Y 
_pdbx_database_status.entry_id                        3FLJ 
_pdbx_database_status.deposit_site                    RCSB 
_pdbx_database_status.process_site                    RCSB 
_pdbx_database_status.recvd_initial_deposition_date   2008-12-18 
_pdbx_database_status.status_code                     REL 
_pdbx_database_status.status_code_sf                  REL 
_pdbx_database_status.status_code_mr                  ? 
_pdbx_database_status.pdb_format_compatible           Y 
_pdbx_database_status.status_code_cs                  ? 
_pdbx_database_status.methods_development_category    ? 
_pdbx_database_status.status_code_nmr_data            ? 
# 
_pdbx_database_related.db_name        TargetDB 
_pdbx_database_related.db_id          391435 
_pdbx_database_related.details        . 
_pdbx_database_related.content_type   unspecified 
# 
_audit_author.name           'Joint Center for Structural Genomics (JCSG)' 
_audit_author.pdbx_ordinal   1 
# 
_citation.id                        primary 
_citation.title                     
;Crystal structure of uncharacterized protein conserved in bacteria with a cystatin-like fold (YP_168589.1) from SILICIBACTER POMEROYI DSS-3 at 2.00 A resolution
;
_citation.journal_abbrev            'To be published' 
_citation.journal_volume            ? 
_citation.page_first                ? 
_citation.page_last                 ? 
_citation.year                      ? 
_citation.journal_id_ASTM           ? 
_citation.country                   ? 
_citation.journal_id_ISSN           ? 
_citation.journal_id_CSD            0353 
_citation.book_publisher            ? 
_citation.pdbx_database_id_PubMed   ? 
_citation.pdbx_database_id_DOI      ? 
# 
_citation_author.citation_id        primary 
_citation_author.name               'Joint Center for Structural Genomics (JCSG)' 
_citation_author.ordinal            1 
_citation_author.identifier_ORCID   ? 
# 
loop_
_entity.id 
_entity.type 
_entity.src_method 
_entity.pdbx_description 
_entity.formula_weight 
_entity.pdbx_number_of_molecules 
_entity.pdbx_ec 
_entity.pdbx_mutation 
_entity.pdbx_fragment 
_entity.details 
1 polymer     man 'uncharacterized protein conserved in bacteria with a cystatin-like fold' 18103.494 1   ? ? ? ? 
2 non-polymer syn 'UNKNOWN LIGAND'                                                          ?         1   ? ? ? ? 
3 water       nat water                                                                     18.015    105 ? ? ? ? 
# 
_entity_poly.entity_id                      1 
_entity_poly.type                           'polypeptide(L)' 
_entity_poly.nstd_linkage                   no 
_entity_poly.nstd_monomer                   yes 
_entity_poly.pdbx_seq_one_letter_code       
;(MSE)GSDKIHHHHHHENLYFQG(MSE)HPTIAR(MSE)QEVVAKGDESLIHALLAEDVRF(MSE)PPTYYKTWTGRDPV
AAVLGHVGQVFSEFRYRRI(MSE)GEGKDWALEFQCKVGELDAVGVDLITLNEGGLIQDFEVV(MSE)RPYKTVGALRDA
(MSE)NARV(MSE)TDARFLKYREALS
;
_entity_poly.pdbx_seq_one_letter_code_can   
;MGSDKIHHHHHHENLYFQGMHPTIARMQEVVAKGDESLIHALLAEDVRFMPPTYYKTWTGRDPVAAVLGHVGQVFSEFRY
RRIMGEGKDWALEFQCKVGELDAVGVDLITLNEGGLIQDFEVVMRPYKTVGALRDAMNARVMTDARFLKYREALS
;
_entity_poly.pdbx_strand_id                 A 
_entity_poly.pdbx_target_identifier         391435 
# 
loop_
_pdbx_entity_nonpoly.entity_id 
_pdbx_entity_nonpoly.name 
_pdbx_entity_nonpoly.comp_id 
2 'UNKNOWN LIGAND' UNL 
3 water            HOH 
# 
loop_
_entity_poly_seq.entity_id 
_entity_poly_seq.num 
_entity_poly_seq.mon_id 
_entity_poly_seq.hetero 
1 1   MSE n 
1 2   GLY n 
1 3   SER n 
1 4   ASP n 
1 5   LYS n 
1 6   ILE n 
1 7   HIS n 
1 8   HIS n 
1 9   HIS n 
1 10  HIS n 
1 11  HIS n 
1 12  HIS n 
1 13  GLU n 
1 14  ASN n 
1 15  LEU n 
1 16  TYR n 
1 17  PHE n 
1 18  GLN n 
1 19  GLY n 
1 20  MSE n 
1 21  HIS n 
1 22  PRO n 
1 23  THR n 
1 24  ILE n 
1 25  ALA n 
1 26  ARG n 
1 27  MSE n 
1 28  GLN n 
1 29  GLU n 
1 30  VAL n 
1 31  VAL n 
1 32  ALA n 
1 33  LYS n 
1 34  GLY n 
1 35  ASP n 
1 36  GLU n 
1 37  SER n 
1 38  LEU n 
1 39  ILE n 
1 40  HIS n 
1 41  ALA n 
1 42  LEU n 
1 43  LEU n 
1 44  ALA n 
1 45  GLU n 
1 46  ASP n 
1 47  VAL n 
1 48  ARG n 
1 49  PHE n 
1 50  MSE n 
1 51  PRO n 
1 52  PRO n 
1 53  THR n 
1 54  TYR n 
1 55  TYR n 
1 56  LYS n 
1 57  THR n 
1 58  TRP n 
1 59  THR n 
1 60  GLY n 
1 61  ARG n 
1 62  ASP n 
1 63  PRO n 
1 64  VAL n 
1 65  ALA n 
1 66  ALA n 
1 67  VAL n 
1 68  LEU n 
1 69  GLY n 
1 70  HIS n 
1 71  VAL n 
1 72  GLY n 
1 73  GLN n 
1 74  VAL n 
1 75  PHE n 
1 76  SER n 
1 77  GLU n 
1 78  PHE n 
1 79  ARG n 
1 80  TYR n 
1 81  ARG n 
1 82  ARG n 
1 83  ILE n 
1 84  MSE n 
1 85  GLY n 
1 86  GLU n 
1 87  GLY n 
1 88  LYS n 
1 89  ASP n 
1 90  TRP n 
1 91  ALA n 
1 92  LEU n 
1 93  GLU n 
1 94  PHE n 
1 95  GLN n 
1 96  CYS n 
1 97  LYS n 
1 98  VAL n 
1 99  GLY n 
1 100 GLU n 
1 101 LEU n 
1 102 ASP n 
1 103 ALA n 
1 104 VAL n 
1 105 GLY n 
1 106 VAL n 
1 107 ASP n 
1 108 LEU n 
1 109 ILE n 
1 110 THR n 
1 111 LEU n 
1 112 ASN n 
1 113 GLU n 
1 114 GLY n 
1 115 GLY n 
1 116 LEU n 
1 117 ILE n 
1 118 GLN n 
1 119 ASP n 
1 120 PHE n 
1 121 GLU n 
1 122 VAL n 
1 123 VAL n 
1 124 MSE n 
1 125 ARG n 
1 126 PRO n 
1 127 TYR n 
1 128 LYS n 
1 129 THR n 
1 130 VAL n 
1 131 GLY n 
1 132 ALA n 
1 133 LEU n 
1 134 ARG n 
1 135 ASP n 
1 136 ALA n 
1 137 MSE n 
1 138 ASN n 
1 139 ALA n 
1 140 ARG n 
1 141 VAL n 
1 142 MSE n 
1 143 THR n 
1 144 ASP n 
1 145 ALA n 
1 146 ARG n 
1 147 PHE n 
1 148 LEU n 
1 149 LYS n 
1 150 TYR n 
1 151 ARG n 
1 152 GLU n 
1 153 ALA n 
1 154 LEU n 
1 155 SER n 
# 
_entity_src_gen.entity_id                          1 
_entity_src_gen.pdbx_src_id                        1 
_entity_src_gen.pdbx_alt_source_flag               sample 
_entity_src_gen.pdbx_seq_type                      ? 
_entity_src_gen.pdbx_beg_seq_num                   ? 
_entity_src_gen.pdbx_end_seq_num                   ? 
_entity_src_gen.gene_src_common_name               ? 
_entity_src_gen.gene_src_genus                     ? 
_entity_src_gen.pdbx_gene_src_gene                 'SPO3393, YP_168589.1' 
_entity_src_gen.gene_src_species                   ? 
_entity_src_gen.gene_src_strain                    ? 
_entity_src_gen.gene_src_tissue                    ? 
_entity_src_gen.gene_src_tissue_fraction           ? 
_entity_src_gen.gene_src_details                   ? 
_entity_src_gen.pdbx_gene_src_fragment             ? 
_entity_src_gen.pdbx_gene_src_scientific_name      'SILICIBACTER POMEROYI DSS-3' 
_entity_src_gen.pdbx_gene_src_ncbi_taxonomy_id     246200 
_entity_src_gen.pdbx_gene_src_variant              ? 
_entity_src_gen.pdbx_gene_src_cell_line            ? 
_entity_src_gen.pdbx_gene_src_atcc                 ? 
_entity_src_gen.pdbx_gene_src_organ                ? 
_entity_src_gen.pdbx_gene_src_organelle            ? 
_entity_src_gen.pdbx_gene_src_cell                 ? 
_entity_src_gen.pdbx_gene_src_cellular_location    ? 
_entity_src_gen.host_org_common_name               ? 
_entity_src_gen.pdbx_host_org_scientific_name      'Escherichia Coli' 
_entity_src_gen.pdbx_host_org_ncbi_taxonomy_id     562 
_entity_src_gen.host_org_genus                     ? 
_entity_src_gen.pdbx_host_org_gene                 ? 
_entity_src_gen.pdbx_host_org_organ                ? 
_entity_src_gen.host_org_species                   ? 
_entity_src_gen.pdbx_host_org_tissue               ? 
_entity_src_gen.pdbx_host_org_tissue_fraction      ? 
_entity_src_gen.pdbx_host_org_strain               HK100 
_entity_src_gen.pdbx_host_org_variant              ? 
_entity_src_gen.pdbx_host_org_cell_line            ? 
_entity_src_gen.pdbx_host_org_atcc                 ? 
_entity_src_gen.pdbx_host_org_culture_collection   ? 
_entity_src_gen.pdbx_host_org_cell                 ? 
_entity_src_gen.pdbx_host_org_organelle            ? 
_entity_src_gen.pdbx_host_org_cellular_location    ? 
_entity_src_gen.pdbx_host_org_vector_type          Plasmid 
_entity_src_gen.pdbx_host_org_vector               ? 
_entity_src_gen.host_org_details                   ? 
_entity_src_gen.expression_system_id               ? 
_entity_src_gen.plasmid_name                       SpeedET 
_entity_src_gen.plasmid_details                    ? 
_entity_src_gen.pdbx_description                   ? 
# 
loop_
_chem_comp.id 
_chem_comp.type 
_chem_comp.mon_nstd_flag 
_chem_comp.name 
_chem_comp.pdbx_synonyms 
_chem_comp.formula 
_chem_comp.formula_weight 
ALA 'L-peptide linking' y ALANINE          ? 'C3 H7 N O2'     89.093  
ARG 'L-peptide linking' y ARGININE         ? 'C6 H15 N4 O2 1' 175.209 
ASN 'L-peptide linking' y ASPARAGINE       ? 'C4 H8 N2 O3'    132.118 
ASP 'L-peptide linking' y 'ASPARTIC ACID'  ? 'C4 H7 N O4'     133.103 
CYS 'L-peptide linking' y CYSTEINE         ? 'C3 H7 N O2 S'   121.158 
GLN 'L-peptide linking' y GLUTAMINE        ? 'C5 H10 N2 O3'   146.144 
GLU 'L-peptide linking' y 'GLUTAMIC ACID'  ? 'C5 H9 N O4'     147.129 
GLY 'peptide linking'   y GLYCINE          ? 'C2 H5 N O2'     75.067  
HIS 'L-peptide linking' y HISTIDINE        ? 'C6 H10 N3 O2 1' 156.162 
HOH non-polymer         . WATER            ? 'H2 O'           18.015  
ILE 'L-peptide linking' y ISOLEUCINE       ? 'C6 H13 N O2'    131.173 
LEU 'L-peptide linking' y LEUCINE          ? 'C6 H13 N O2'    131.173 
LYS 'L-peptide linking' y LYSINE           ? 'C6 H15 N2 O2 1' 147.195 
MSE 'L-peptide linking' n SELENOMETHIONINE ? 'C5 H11 N O2 Se' 196.106 
PHE 'L-peptide linking' y PHENYLALANINE    ? 'C9 H11 N O2'    165.189 
PRO 'L-peptide linking' y PROLINE          ? 'C5 H9 N O2'     115.130 
SER 'L-peptide linking' y SERINE           ? 'C3 H7 N O3'     105.093 
THR 'L-peptide linking' y THREONINE        ? 'C4 H9 N O3'     119.119 
TRP 'L-peptide linking' y TRYPTOPHAN       ? 'C11 H12 N2 O2'  204.225 
TYR 'L-peptide linking' y TYROSINE         ? 'C9 H11 N O3'    181.189 
UNL non-polymer         . 'UNKNOWN LIGAND' ? ?                ?       
VAL 'L-peptide linking' y VALINE           ? 'C5 H11 N O2'    117.146 
# 
loop_
_pdbx_poly_seq_scheme.asym_id 
_pdbx_poly_seq_scheme.entity_id 
_pdbx_poly_seq_scheme.seq_id 
_pdbx_poly_seq_scheme.mon_id 
_pdbx_poly_seq_scheme.ndb_seq_num 
_pdbx_poly_seq_scheme.pdb_seq_num 
_pdbx_poly_seq_scheme.auth_seq_num 
_pdbx_poly_seq_scheme.pdb_mon_id 
_pdbx_poly_seq_scheme.auth_mon_id 
_pdbx_poly_seq_scheme.pdb_strand_id 
_pdbx_poly_seq_scheme.pdb_ins_code 
_pdbx_poly_seq_scheme.hetero 
A 1 1   MSE 1   -18 ?   ?   ?   A . n 
A 1 2   GLY 2   -17 ?   ?   ?   A . n 
A 1 3   SER 3   -16 ?   ?   ?   A . n 
A 1 4   ASP 4   -15 ?   ?   ?   A . n 
A 1 5   LYS 5   -14 ?   ?   ?   A . n 
A 1 6   ILE 6   -13 ?   ?   ?   A . n 
A 1 7   HIS 7   -12 ?   ?   ?   A . n 
A 1 8   HIS 8   -11 ?   ?   ?   A . n 
A 1 9   HIS 9   -10 ?   ?   ?   A . n 
A 1 10  HIS 10  -9  ?   ?   ?   A . n 
A 1 11  HIS 11  -8  ?   ?   ?   A . n 
A 1 12  HIS 12  -7  ?   ?   ?   A . n 
A 1 13  GLU 13  -6  ?   ?   ?   A . n 
A 1 14  ASN 14  -5  ?   ?   ?   A . n 
A 1 15  LEU 15  -4  -4  LEU LEU A . n 
A 1 16  TYR 16  -3  -3  TYR TYR A . n 
A 1 17  PHE 17  -2  -2  PHE PHE A . n 
A 1 18  GLN 18  -1  -1  GLN GLN A . n 
A 1 19  GLY 19  0   0   GLY GLY A . n 
A 1 20  MSE 20  1   1   MSE MSE A . n 
A 1 21  HIS 21  2   2   HIS HIS A . n 
A 1 22  PRO 22  3   3   PRO PRO A . n 
A 1 23  THR 23  4   4   THR THR A . n 
A 1 24  ILE 24  5   5   ILE ILE A . n 
A 1 25  ALA 25  6   6   ALA ALA A . n 
A 1 26  ARG 26  7   7   ARG ARG A . n 
A 1 27  MSE 27  8   8   MSE MSE A . n 
A 1 28  GLN 28  9   9   GLN GLN A . n 
A 1 29  GLU 29  10  10  GLU GLU A . n 
A 1 30  VAL 30  11  11  VAL VAL A . n 
A 1 31  VAL 31  12  12  VAL VAL A . n 
A 1 32  ALA 32  13  13  ALA ALA A . n 
A 1 33  LYS 33  14  14  LYS LYS A . n 
A 1 34  GLY 34  15  15  GLY GLY A . n 
A 1 35  ASP 35  16  16  ASP ASP A . n 
A 1 36  GLU 36  17  17  GLU GLU A . n 
A 1 37  SER 37  18  18  SER SER A . n 
A 1 38  LEU 38  19  19  LEU LEU A . n 
A 1 39  ILE 39  20  20  ILE ILE A . n 
A 1 40  HIS 40  21  21  HIS HIS A . n 
A 1 41  ALA 41  22  22  ALA ALA A . n 
A 1 42  LEU 42  23  23  LEU LEU A . n 
A 1 43  LEU 43  24  24  LEU LEU A . n 
A 1 44  ALA 44  25  25  ALA ALA A . n 
A 1 45  GLU 45  26  26  GLU GLU A . n 
A 1 46  ASP 46  27  27  ASP ASP A . n 
A 1 47  VAL 47  28  28  VAL VAL A . n 
A 1 48  ARG 48  29  29  ARG ARG A . n 
A 1 49  PHE 49  30  30  PHE PHE A . n 
A 1 50  MSE 50  31  31  MSE MSE A . n 
A 1 51  PRO 51  32  32  PRO PRO A . n 
A 1 52  PRO 52  33  33  PRO PRO A . n 
A 1 53  THR 53  34  34  THR THR A . n 
A 1 54  TYR 54  35  35  TYR TYR A . n 
A 1 55  TYR 55  36  36  TYR TYR A . n 
A 1 56  LYS 56  37  37  LYS LYS A . n 
A 1 57  THR 57  38  38  THR THR A . n 
A 1 58  TRP 58  39  39  TRP TRP A . n 
A 1 59  THR 59  40  40  THR THR A . n 
A 1 60  GLY 60  41  41  GLY GLY A . n 
A 1 61  ARG 61  42  42  ARG ARG A . n 
A 1 62  ASP 62  43  43  ASP ASP A . n 
A 1 63  PRO 63  44  44  PRO PRO A . n 
A 1 64  VAL 64  45  45  VAL VAL A . n 
A 1 65  ALA 65  46  46  ALA ALA A . n 
A 1 66  ALA 66  47  47  ALA ALA A . n 
A 1 67  VAL 67  48  48  VAL VAL A . n 
A 1 68  LEU 68  49  49  LEU LEU A . n 
A 1 69  GLY 69  50  50  GLY GLY A . n 
A 1 70  HIS 70  51  51  HIS HIS A . n 
A 1 71  VAL 71  52  52  VAL VAL A . n 
A 1 72  GLY 72  53  53  GLY GLY A . n 
A 1 73  GLN 73  54  54  GLN GLN A . n 
A 1 74  VAL 74  55  55  VAL VAL A . n 
A 1 75  PHE 75  56  56  PHE PHE A . n 
A 1 76  SER 76  57  57  SER SER A . n 
A 1 77  GLU 77  58  58  GLU GLU A . n 
A 1 78  PHE 78  59  59  PHE PHE A . n 
A 1 79  ARG 79  60  60  ARG ARG A . n 
A 1 80  TYR 80  61  61  TYR TYR A . n 
A 1 81  ARG 81  62  62  ARG ARG A . n 
A 1 82  ARG 82  63  63  ARG ARG A . n 
A 1 83  ILE 83  64  64  ILE ILE A . n 
A 1 84  MSE 84  65  65  MSE MSE A . n 
A 1 85  GLY 85  66  66  GLY GLY A . n 
A 1 86  GLU 86  67  67  GLU GLU A . n 
A 1 87  GLY 87  68  68  GLY GLY A . n 
A 1 88  LYS 88  69  69  LYS LYS A . n 
A 1 89  ASP 89  70  70  ASP ASP A . n 
A 1 90  TRP 90  71  71  TRP TRP A . n 
A 1 91  ALA 91  72  72  ALA ALA A . n 
A 1 92  LEU 92  73  73  LEU LEU A . n 
A 1 93  GLU 93  74  74  GLU GLU A . n 
A 1 94  PHE 94  75  75  PHE PHE A . n 
A 1 95  GLN 95  76  76  GLN GLN A . n 
A 1 96  CYS 96  77  77  CYS CYS A . n 
A 1 97  LYS 97  78  78  LYS LYS A . n 
A 1 98  VAL 98  79  79  VAL VAL A . n 
A 1 99  GLY 99  80  80  GLY GLY A . n 
A 1 100 GLU 100 81  81  GLU GLU A . n 
A 1 101 LEU 101 82  82  LEU LEU A . n 
A 1 102 ASP 102 83  83  ASP ASP A . n 
A 1 103 ALA 103 84  84  ALA ALA A . n 
A 1 104 VAL 104 85  85  VAL VAL A . n 
A 1 105 GLY 105 86  86  GLY GLY A . n 
A 1 106 VAL 106 87  87  VAL VAL A . n 
A 1 107 ASP 107 88  88  ASP ASP A . n 
A 1 108 LEU 108 89  89  LEU LEU A . n 
A 1 109 ILE 109 90  90  ILE ILE A . n 
A 1 110 THR 110 91  91  THR THR A . n 
A 1 111 LEU 111 92  92  LEU LEU A . n 
A 1 112 ASN 112 93  93  ASN ASN A . n 
A 1 113 GLU 113 94  94  GLU GLU A . n 
A 1 114 GLY 114 95  95  GLY GLY A . n 
A 1 115 GLY 115 96  96  GLY GLY A . n 
A 1 116 LEU 116 97  97  LEU LEU A . n 
A 1 117 ILE 117 98  98  ILE ILE A . n 
A 1 118 GLN 118 99  99  GLN GLN A . n 
A 1 119 ASP 119 100 100 ASP ASP A . n 
A 1 120 PHE 120 101 101 PHE PHE A . n 
A 1 121 GLU 121 102 102 GLU GLU A . n 
A 1 122 VAL 122 103 103 VAL VAL A . n 
A 1 123 VAL 123 104 104 VAL VAL A . n 
A 1 124 MSE 124 105 105 MSE MSE A . n 
A 1 125 ARG 125 106 106 ARG ARG A . n 
A 1 126 PRO 126 107 107 PRO PRO A . n 
A 1 127 TYR 127 108 108 TYR TYR A . n 
A 1 128 LYS 128 109 109 LYS LYS A . n 
A 1 129 THR 129 110 110 THR THR A . n 
A 1 130 VAL 130 111 111 VAL VAL A . n 
A 1 131 GLY 131 112 112 GLY GLY A . n 
A 1 132 ALA 132 113 113 ALA ALA A . n 
A 1 133 LEU 133 114 114 LEU LEU A . n 
A 1 134 ARG 134 115 115 ARG ARG A . n 
A 1 135 ASP 135 116 116 ASP ASP A . n 
A 1 136 ALA 136 117 117 ALA ALA A . n 
A 1 137 MSE 137 118 118 MSE MSE A . n 
A 1 138 ASN 138 119 119 ASN ASN A . n 
A 1 139 ALA 139 120 120 ALA ALA A . n 
A 1 140 ARG 140 121 121 ARG ARG A . n 
A 1 141 VAL 141 122 122 VAL VAL A . n 
A 1 142 MSE 142 123 123 MSE MSE A . n 
A 1 143 THR 143 124 124 THR THR A . n 
A 1 144 ASP 144 125 125 ASP ASP A . n 
A 1 145 ALA 145 126 126 ALA ALA A . n 
A 1 146 ARG 146 127 127 ARG ARG A . n 
A 1 147 PHE 147 128 128 PHE PHE A . n 
A 1 148 LEU 148 129 129 LEU LEU A . n 
A 1 149 LYS 149 130 130 LYS LYS A . n 
A 1 150 TYR 150 131 131 TYR TYR A . n 
A 1 151 ARG 151 132 132 ARG ARG A . n 
A 1 152 GLU 152 133 133 GLU GLU A . n 
A 1 153 ALA 153 134 134 ALA ALA A . n 
A 1 154 LEU 154 135 135 LEU LEU A . n 
A 1 155 SER 155 136 136 SER SER A . n 
# 
loop_
_pdbx_nonpoly_scheme.asym_id 
_pdbx_nonpoly_scheme.entity_id 
_pdbx_nonpoly_scheme.mon_id 
_pdbx_nonpoly_scheme.ndb_seq_num 
_pdbx_nonpoly_scheme.pdb_seq_num 
_pdbx_nonpoly_scheme.auth_seq_num 
_pdbx_nonpoly_scheme.pdb_mon_id 
_pdbx_nonpoly_scheme.auth_mon_id 
_pdbx_nonpoly_scheme.pdb_strand_id 
_pdbx_nonpoly_scheme.pdb_ins_code 
B 2 UNL 1   137 1   UNL UNL A . 
C 3 HOH 1   138 2   HOH HOH A . 
C 3 HOH 2   139 3   HOH HOH A . 
C 3 HOH 3   140 4   HOH HOH A . 
C 3 HOH 4   141 5   HOH HOH A . 
C 3 HOH 5   142 6   HOH HOH A . 
C 3 HOH 6   143 7   HOH HOH A . 
C 3 HOH 7   144 8   HOH HOH A . 
C 3 HOH 8   145 9   HOH HOH A . 
C 3 HOH 9   146 10  HOH HOH A . 
C 3 HOH 10  147 11  HOH HOH A . 
C 3 HOH 11  148 12  HOH HOH A . 
C 3 HOH 12  149 13  HOH HOH A . 
C 3 HOH 13  150 14  HOH HOH A . 
C 3 HOH 14  151 15  HOH HOH A . 
C 3 HOH 15  152 16  HOH HOH A . 
C 3 HOH 16  153 17  HOH HOH A . 
C 3 HOH 17  154 18  HOH HOH A . 
C 3 HOH 18  155 19  HOH HOH A . 
C 3 HOH 19  156 20  HOH HOH A . 
C 3 HOH 20  157 21  HOH HOH A . 
C 3 HOH 21  158 22  HOH HOH A . 
C 3 HOH 22  159 23  HOH HOH A . 
C 3 HOH 23  160 24  HOH HOH A . 
C 3 HOH 24  161 25  HOH HOH A . 
C 3 HOH 25  162 26  HOH HOH A . 
C 3 HOH 26  163 27  HOH HOH A . 
C 3 HOH 27  164 28  HOH HOH A . 
C 3 HOH 28  165 29  HOH HOH A . 
C 3 HOH 29  166 30  HOH HOH A . 
C 3 HOH 30  167 31  HOH HOH A . 
C 3 HOH 31  168 32  HOH HOH A . 
C 3 HOH 32  169 33  HOH HOH A . 
C 3 HOH 33  170 34  HOH HOH A . 
C 3 HOH 34  171 35  HOH HOH A . 
C 3 HOH 35  172 36  HOH HOH A . 
C 3 HOH 36  173 37  HOH HOH A . 
C 3 HOH 37  174 38  HOH HOH A . 
C 3 HOH 38  175 39  HOH HOH A . 
C 3 HOH 39  176 40  HOH HOH A . 
C 3 HOH 40  177 41  HOH HOH A . 
C 3 HOH 41  178 42  HOH HOH A . 
C 3 HOH 42  179 43  HOH HOH A . 
C 3 HOH 43  180 44  HOH HOH A . 
C 3 HOH 44  181 45  HOH HOH A . 
C 3 HOH 45  182 46  HOH HOH A . 
C 3 HOH 46  183 47  HOH HOH A . 
C 3 HOH 47  184 48  HOH HOH A . 
C 3 HOH 48  185 49  HOH HOH A . 
C 3 HOH 49  186 50  HOH HOH A . 
C 3 HOH 50  187 51  HOH HOH A . 
C 3 HOH 51  188 52  HOH HOH A . 
C 3 HOH 52  189 53  HOH HOH A . 
C 3 HOH 53  190 54  HOH HOH A . 
C 3 HOH 54  191 55  HOH HOH A . 
C 3 HOH 55  192 56  HOH HOH A . 
C 3 HOH 56  193 57  HOH HOH A . 
C 3 HOH 57  194 58  HOH HOH A . 
C 3 HOH 58  195 59  HOH HOH A . 
C 3 HOH 59  196 60  HOH HOH A . 
C 3 HOH 60  197 61  HOH HOH A . 
C 3 HOH 61  198 62  HOH HOH A . 
C 3 HOH 62  199 63  HOH HOH A . 
C 3 HOH 63  200 64  HOH HOH A . 
C 3 HOH 64  201 65  HOH HOH A . 
C 3 HOH 65  202 66  HOH HOH A . 
C 3 HOH 66  203 67  HOH HOH A . 
C 3 HOH 67  204 68  HOH HOH A . 
C 3 HOH 68  205 69  HOH HOH A . 
C 3 HOH 69  206 70  HOH HOH A . 
C 3 HOH 70  207 71  HOH HOH A . 
C 3 HOH 71  208 72  HOH HOH A . 
C 3 HOH 72  209 73  HOH HOH A . 
C 3 HOH 73  210 74  HOH HOH A . 
C 3 HOH 74  211 75  HOH HOH A . 
C 3 HOH 75  212 76  HOH HOH A . 
C 3 HOH 76  213 77  HOH HOH A . 
C 3 HOH 77  214 78  HOH HOH A . 
C 3 HOH 78  215 79  HOH HOH A . 
C 3 HOH 79  216 80  HOH HOH A . 
C 3 HOH 80  217 81  HOH HOH A . 
C 3 HOH 81  218 82  HOH HOH A . 
C 3 HOH 82  219 83  HOH HOH A . 
C 3 HOH 83  220 84  HOH HOH A . 
C 3 HOH 84  221 85  HOH HOH A . 
C 3 HOH 85  222 86  HOH HOH A . 
C 3 HOH 86  223 87  HOH HOH A . 
C 3 HOH 87  224 88  HOH HOH A . 
C 3 HOH 88  225 89  HOH HOH A . 
C 3 HOH 89  226 90  HOH HOH A . 
C 3 HOH 90  227 91  HOH HOH A . 
C 3 HOH 91  228 92  HOH HOH A . 
C 3 HOH 92  229 93  HOH HOH A . 
C 3 HOH 93  230 94  HOH HOH A . 
C 3 HOH 94  231 95  HOH HOH A . 
C 3 HOH 95  232 96  HOH HOH A . 
C 3 HOH 96  233 97  HOH HOH A . 
C 3 HOH 97  234 98  HOH HOH A . 
C 3 HOH 98  235 99  HOH HOH A . 
C 3 HOH 99  236 100 HOH HOH A . 
C 3 HOH 100 237 101 HOH HOH A . 
C 3 HOH 101 238 102 HOH HOH A . 
C 3 HOH 102 239 103 HOH HOH A . 
C 3 HOH 103 240 104 HOH HOH A . 
C 3 HOH 104 241 105 HOH HOH A . 
C 3 HOH 105 242 106 HOH HOH A . 
# 
loop_
_pdbx_unobs_or_zero_occ_atoms.id 
_pdbx_unobs_or_zero_occ_atoms.PDB_model_num 
_pdbx_unobs_or_zero_occ_atoms.polymer_flag 
_pdbx_unobs_or_zero_occ_atoms.occupancy_flag 
_pdbx_unobs_or_zero_occ_atoms.auth_asym_id 
_pdbx_unobs_or_zero_occ_atoms.auth_comp_id 
_pdbx_unobs_or_zero_occ_atoms.auth_seq_id 
_pdbx_unobs_or_zero_occ_atoms.PDB_ins_code 
_pdbx_unobs_or_zero_occ_atoms.auth_atom_id 
_pdbx_unobs_or_zero_occ_atoms.label_alt_id 
_pdbx_unobs_or_zero_occ_atoms.label_asym_id 
_pdbx_unobs_or_zero_occ_atoms.label_comp_id 
_pdbx_unobs_or_zero_occ_atoms.label_seq_id 
_pdbx_unobs_or_zero_occ_atoms.label_atom_id 
1  1 Y 1 A GLN -1  ? CG  ? A GLN 18  CG  
2  1 Y 1 A GLN -1  ? CD  ? A GLN 18  CD  
3  1 Y 1 A GLN -1  ? OE1 ? A GLN 18  OE1 
4  1 Y 1 A GLN -1  ? NE2 ? A GLN 18  NE2 
5  1 Y 1 A LYS 130 ? CG  ? A LYS 149 CG  
6  1 Y 1 A LYS 130 ? CD  ? A LYS 149 CD  
7  1 Y 1 A LYS 130 ? CE  ? A LYS 149 CE  
8  1 Y 1 A LYS 130 ? NZ  ? A LYS 149 NZ  
9  1 Y 1 A GLU 133 ? CG  ? A GLU 152 CG  
10 1 Y 1 A GLU 133 ? CD  ? A GLU 152 CD  
11 1 Y 1 A GLU 133 ? OE1 ? A GLU 152 OE1 
12 1 Y 1 A GLU 133 ? OE2 ? A GLU 152 OE2 
# 
loop_
_software.name 
_software.version 
_software.date 
_software.type 
_software.contact_author 
_software.contact_author_email 
_software.classification 
_software.location 
_software.language 
_software.citation_id 
_software.pdbx_ordinal 
REFMAC      5.2.0019 ?               program 'Garib N. Murshudov'         garib@ysbl.york.ac.uk                refinement        
http://www.ccp4.ac.uk/dist/html/refmac5.html                                Fortran_77 ? 1 
PHENIX      .        ?               package 'P.D. Adams'                 PDAdams@lbl.gov                      refinement        
http://www.phenix-online.org/                                               C++        ? 2 
SHELX       .        ?               package 'George M. Sheldrick'        gsheldr@shelx.uni-ac.gwdg.de         phasing           
http://shelx.uni-ac.gwdg.de/SHELX/                                          Fortran_77 ? 3 
MolProbity  3beta29  ?               package 'D.C. & J.S. Richardson lab' molprobity@kinemage.biochem.duke.edu 'model building'  
http://kinemage.biochem.duke.edu/molprobity/                                ?          ? 4 
XSCALE      .        ?               package 'Wolfgang Kabsch'            ?                                    'data scaling'    
http://www.mpimf-heidelberg.mpg.de/~kabsch/xds/html_doc/xscale_program.html ?          ? 5 
PDB_EXTRACT 3.006    'June 11, 2008' package PDB                          help@deposit.rcsb.org                'data extraction' 
http://sw-tools.pdb.org/apps/PDB_EXTRACT/                                   C++        ? 6 
XDS         .        ?               ?       ?                            ?                                    'data reduction'  ? 
?          ? 7 
SHELXD      .        ?               ?       ?                            ?                                    phasing           ? 
?          ? 8 
autoSHARP   .        ?               ?       ?                            ?                                    phasing           ? 
?          ? 9 
# 
_cell.entry_id           3FLJ 
_cell.length_a           120.880 
_cell.length_b           120.880 
_cell.length_c           120.880 
_cell.angle_alpha        90.000 
_cell.angle_beta         90.000 
_cell.angle_gamma        90.000 
_cell.pdbx_unique_axis   ? 
_cell.Z_PDB              24 
_cell.length_a_esd       ? 
_cell.length_b_esd       ? 
_cell.length_c_esd       ? 
_cell.angle_alpha_esd    ? 
_cell.angle_beta_esd     ? 
_cell.angle_gamma_esd    ? 
# 
_symmetry.entry_id                         3FLJ 
_symmetry.Int_Tables_number                197 
_symmetry.space_group_name_H-M             'I 2 3' 
_symmetry.pdbx_full_space_group_name_H-M   ? 
_symmetry.cell_setting                     ? 
_symmetry.space_group_name_Hall            ? 
# 
_exptl.crystals_number   1 
_exptl.method            'X-RAY DIFFRACTION' 
_exptl.entry_id          3FLJ 
# 
_exptl_crystal.id                    1 
_exptl_crystal.density_Matthews      4.07 
_exptl_crystal.density_meas          ? 
_exptl_crystal.density_percent_sol   69.74 
_exptl_crystal.description           ? 
_exptl_crystal.F_000                 ? 
_exptl_crystal.preparation           ? 
# 
_exptl_crystal_grow.crystal_id      1 
_exptl_crystal_grow.method          'VAPOR DIFFUSION, SITTING DROP' 
_exptl_crystal_grow.pH              7.0 
_exptl_crystal_grow.temp            277 
_exptl_crystal_grow.pdbx_details    
'0.2000M MgCl2, 2.5000M NaCl, 0.1M TRIS pH 7.0, NANODROP, VAPOR DIFFUSION, SITTING DROP, temperature 277K' 
_exptl_crystal_grow.temp_details    ? 
_exptl_crystal_grow.pdbx_pH_range   ? 
# 
_diffrn.id                     1 
_diffrn.ambient_temp           100 
_diffrn.ambient_temp_details   ? 
_diffrn.crystal_id             1 
# 
_diffrn_detector.diffrn_id              1 
_diffrn_detector.detector               CCD 
_diffrn_detector.type                   'MARMOSAIC 325 mm CCD' 
_diffrn_detector.details                'Flat collimating mirror, toroid focusing mirror' 
_diffrn_detector.pdbx_collection_date   2008-12-08 
# 
_diffrn_radiation.diffrn_id                        1 
_diffrn_radiation.pdbx_monochromatic_or_laue_m_l   M 
_diffrn_radiation.monochromator                    'Double crystal monochromator' 
_diffrn_radiation.pdbx_diffrn_protocol             MAD 
_diffrn_radiation.wavelength_id                    1 
_diffrn_radiation.pdbx_scattering_type             x-ray 
# 
loop_
_diffrn_radiation_wavelength.id 
_diffrn_radiation_wavelength.wavelength 
_diffrn_radiation_wavelength.wt 
1 0.91837 1.0 
2 0.97982 1.0 
# 
_diffrn_source.diffrn_id                   1 
_diffrn_source.source                      SYNCHROTRON 
_diffrn_source.pdbx_synchrotron_beamline   BL9-2 
_diffrn_source.type                        'SSRL BEAMLINE BL9-2' 
_diffrn_source.pdbx_wavelength_list        0.91837,0.97982 
_diffrn_source.pdbx_wavelength             ? 
_diffrn_source.pdbx_synchrotron_site       SSRL 
# 
_reflns.entry_id                     3FLJ 
_reflns.d_resolution_high            2.00 
_reflns.d_resolution_low             28.490 
_reflns.number_obs                   19903 
_reflns.pdbx_Rmerge_I_obs            0.072 
_reflns.percent_possible_obs         99.100 
_reflns.B_iso_Wilson_estimate        30.973 
_reflns.observed_criterion_sigma_I   -3.00 
_reflns.observed_criterion_sigma_F   ? 
_reflns.number_all                   ? 
_reflns.pdbx_Rsym_value              ? 
_reflns.pdbx_netI_over_sigmaI        11.950 
_reflns.pdbx_redundancy              ? 
_reflns.R_free_details               ? 
_reflns.limit_h_max                  ? 
_reflns.limit_h_min                  ? 
_reflns.limit_k_max                  ? 
_reflns.limit_k_min                  ? 
_reflns.limit_l_max                  ? 
_reflns.limit_l_min                  ? 
_reflns.observed_criterion_F_max     ? 
_reflns.observed_criterion_F_min     ? 
_reflns.pdbx_chi_squared             ? 
_reflns.pdbx_scaling_rejects         ? 
_reflns.pdbx_ordinal                 1 
_reflns.pdbx_diffrn_id               1 
# 
loop_
_reflns_shell.d_res_high 
_reflns_shell.d_res_low 
_reflns_shell.number_measured_obs 
_reflns_shell.number_measured_all 
_reflns_shell.number_unique_obs 
_reflns_shell.Rmerge_I_obs 
_reflns_shell.meanI_over_sigI_obs 
_reflns_shell.pdbx_Rsym_value 
_reflns_shell.pdbx_chi_squared 
_reflns_shell.pdbx_redundancy 
_reflns_shell.percent_possible_obs 
_reflns_shell.number_unique_all 
_reflns_shell.percent_possible_all 
_reflns_shell.pdbx_ordinal 
_reflns_shell.pdbx_diffrn_id 
2.00 2.07   10258 ? 3591 0.866 1.4  ? ? ? ? ? 96.20 1  1 
2.07 2.15   10691 ? 3738 0.628 1.8  ? ? ? ? ? 99.60 2  1 
2.15 2.25   11265 ? 3942 0.449 2.6  ? ? ? ? ? 99.50 3  1 
2.25 2.37   11227 ? 3915 0.333 3.4  ? ? ? ? ? 99.40 4  1 
2.37 2.52   11105 ? 3850 0.242 4.6  ? ? ? ? ? 99.60 5  1 
2.52 2.71   10906 ? 3780 0.179 6.2  ? ? ? ? ? 99.60 6  1 
2.71 2.99   11370 ? 3920 0.120 9.3  ? ? ? ? ? 99.50 7  1 
2.99 3.42   11105 ? 3840 0.059 16.8 ? ? ? ? ? 99.70 8  1 
3.42 4.30   11016 ? 3789 0.028 31.8 ? ? ? ? ? 99.30 9  1 
4.30 28.490 11214 ? 3845 0.020 41.2 ? ? ? ? ? 98.70 10 1 
# 
_refine.entry_id                                 3FLJ 
_refine.ls_d_res_high                            2.000 
_refine.ls_d_res_low                             28.490 
_refine.pdbx_ls_sigma_F                          0.00 
_refine.pdbx_data_cutoff_high_absF               ? 
_refine.pdbx_data_cutoff_low_absF                ? 
_refine.ls_percent_reflns_obs                    99.870 
_refine.ls_number_reflns_obs                     19902 
_refine.ls_number_reflns_all                     ? 
_refine.pdbx_ls_cross_valid_method               THROUGHOUT 
_refine.pdbx_R_Free_selection_details            RANDOM 
_refine.details                                  
;1. HYDROGENS HAVE BEEN ADDED IN THE RIDING POSITIONS. 2. ATOM RECORDS CONTAIN RESIDUAL B FACTORS ONLY. 3. A MET-INHIBITION PROTOCOL WAS USED FOR SELENOMETHIONINE INCORPORATION DURING PROTEIN EXPRESSION. THE OCCUPANCY OF THE SE ATOMS IN THE MSE RESIDUES WAS REDUCED TO 0.75 FOR THE REDUCED SCATTERING POWER DUE TO PARTIAL S-MET INCORPORATION. 4. AN UNKNOWN LIGAND (UNL) HAS BEEN MODELED IN THE CORE OF THE PROTEIN SURROUNDED BY BOTH HYDROPHOBIC AND HYDROPHILLIC RESIDUES.
;
_refine.ls_R_factor_all                          ? 
_refine.ls_R_factor_obs                          0.177 
_refine.ls_R_factor_R_work                       0.176 
_refine.ls_wR_factor_R_work                      ? 
_refine.ls_R_factor_R_free                       0.185 
_refine.ls_wR_factor_R_free                      ? 
_refine.ls_percent_reflns_R_free                 5.100 
_refine.ls_number_reflns_R_free                  1018 
_refine.ls_R_factor_R_free_error                 ? 
_refine.B_iso_mean                               48.955 
_refine.solvent_model_param_bsol                 ? 
_refine.solvent_model_param_ksol                 ? 
_refine.pdbx_isotropic_thermal_model             ? 
_refine.aniso_B[1][1]                            ? 
_refine.aniso_B[2][2]                            ? 
_refine.aniso_B[3][3]                            ? 
_refine.aniso_B[1][2]                            ? 
_refine.aniso_B[1][3]                            ? 
_refine.aniso_B[2][3]                            ? 
_refine.correlation_coeff_Fo_to_Fc               0.965 
_refine.correlation_coeff_Fo_to_Fc_free          0.961 
_refine.overall_SU_R_Cruickshank_DPI             ? 
_refine.overall_SU_R_free                        ? 
_refine.pdbx_overall_ESU_R                       0.109 
_refine.pdbx_overall_ESU_R_Free                  0.098 
_refine.overall_SU_ML                            0.076 
_refine.overall_SU_B                             5.615 
_refine.solvent_model_details                    'BABINET MODEL WITH MASK' 
_refine.pdbx_solvent_vdw_probe_radii             1.200 
_refine.pdbx_solvent_ion_probe_radii             0.800 
_refine.pdbx_solvent_shrinkage_radii             0.800 
_refine.ls_number_parameters                     ? 
_refine.ls_number_restraints                     ? 
_refine.pdbx_method_to_determine_struct          MAD 
_refine.pdbx_stereochemistry_target_values       'MAXIMUM LIKELIHOOD WITH PHASES' 
_refine.pdbx_stereochem_target_val_spec_case     ? 
_refine.overall_FOM_work_R_set                   ? 
_refine.B_iso_max                                90.63 
_refine.B_iso_min                                30.92 
_refine.occupancy_max                            1.00 
_refine.occupancy_min                            0.37 
_refine.pdbx_ls_sigma_I                          ? 
_refine.ls_redundancy_reflns_obs                 ? 
_refine.ls_R_factor_R_free_error_details         ? 
_refine.pdbx_starting_model                      ? 
_refine.pdbx_data_cutoff_high_rms_absF           ? 
_refine.overall_FOM_free_R_set                   ? 
_refine.pdbx_overall_phase_error                 ? 
_refine.pdbx_refine_id                           'X-RAY DIFFRACTION' 
_refine.pdbx_TLS_residual_ADP_flag               'LIKELY RESIDUAL' 
_refine.pdbx_diffrn_id                           1 
_refine.pdbx_overall_SU_R_free_Cruickshank_DPI   ? 
_refine.pdbx_overall_SU_R_Blow_DPI               ? 
_refine.pdbx_overall_SU_R_free_Blow_DPI          ? 
# 
_refine_hist.pdbx_refine_id                   'X-RAY DIFFRACTION' 
_refine_hist.cycle_id                         LAST 
_refine_hist.pdbx_number_atoms_protein        1113 
_refine_hist.pdbx_number_atoms_nucleic_acid   0 
_refine_hist.pdbx_number_atoms_ligand         4 
_refine_hist.number_atoms_solvent             105 
_refine_hist.number_atoms_total               1222 
_refine_hist.d_res_high                       2.000 
_refine_hist.d_res_low                        28.490 
# 
loop_
_refine_ls_restr.type 
_refine_ls_restr.pdbx_refine_id 
_refine_ls_restr.number 
_refine_ls_restr.dev_ideal 
_refine_ls_restr.dev_ideal_target 
_refine_ls_restr.weight 
_refine_ls_restr.pdbx_restraint_function 
r_bond_refined_d         'X-RAY DIFFRACTION' 1190 0.017  0.022  ? ? 
r_bond_other_d           'X-RAY DIFFRACTION' 826  0.005  0.020  ? ? 
r_angle_refined_deg      'X-RAY DIFFRACTION' 1618 1.711  1.957  ? ? 
r_angle_other_deg        'X-RAY DIFFRACTION' 1994 1.555  3.000  ? ? 
r_dihedral_angle_1_deg   'X-RAY DIFFRACTION' 154  3.858  5.000  ? ? 
r_dihedral_angle_2_deg   'X-RAY DIFFRACTION' 58   27.327 22.241 ? ? 
r_dihedral_angle_3_deg   'X-RAY DIFFRACTION' 207  10.350 15.000 ? ? 
r_dihedral_angle_4_deg   'X-RAY DIFFRACTION' 13   13.777 15.000 ? ? 
r_chiral_restr           'X-RAY DIFFRACTION' 175  0.098  0.200  ? ? 
r_gen_planes_refined     'X-RAY DIFFRACTION' 1348 0.006  0.020  ? ? 
r_gen_planes_other       'X-RAY DIFFRACTION' 271  0.003  0.020  ? ? 
r_nbd_refined            'X-RAY DIFFRACTION' 173  0.156  0.200  ? ? 
r_nbd_other              'X-RAY DIFFRACTION' 810  0.118  0.200  ? ? 
r_nbtor_refined          'X-RAY DIFFRACTION' 548  0.140  0.200  ? ? 
r_nbtor_other            'X-RAY DIFFRACTION' 586  0.066  0.200  ? ? 
r_xyhbond_nbd_refined    'X-RAY DIFFRACTION' 81   0.075  0.200  ? ? 
r_symmetry_vdw_refined   'X-RAY DIFFRACTION' 12   0.071  0.200  ? ? 
r_symmetry_vdw_other     'X-RAY DIFFRACTION' 41   0.193  0.200  ? ? 
r_symmetry_hbond_refined 'X-RAY DIFFRACTION' 6    0.059  0.200  ? ? 
r_mcbond_it              'X-RAY DIFFRACTION' 878  1.188  2.000  ? ? 
r_mcbond_other           'X-RAY DIFFRACTION' 295  0.147  2.000  ? ? 
r_mcangle_it             'X-RAY DIFFRACTION' 1158 1.680  4.000  ? ? 
r_scbond_it              'X-RAY DIFFRACTION' 533  3.369  6.000  ? ? 
r_scangle_it             'X-RAY DIFFRACTION' 453  4.501  8.000  ? ? 
# 
_refine_ls_shell.d_res_high                       2.003 
_refine_ls_shell.d_res_low                        2.055 
_refine_ls_shell.pdbx_total_number_of_bins_used   20 
_refine_ls_shell.percent_reflns_obs               100.000 
_refine_ls_shell.number_reflns_R_work             1405 
_refine_ls_shell.R_factor_all                     ? 
_refine_ls_shell.R_factor_R_work                  0.255 
_refine_ls_shell.R_factor_R_free                  0.275 
_refine_ls_shell.percent_reflns_R_free            ? 
_refine_ls_shell.number_reflns_R_free             71 
_refine_ls_shell.R_factor_R_free_error            ? 
_refine_ls_shell.number_reflns_all                1476 
_refine_ls_shell.number_reflns_obs                ? 
_refine_ls_shell.redundancy_reflns_obs            ? 
_refine_ls_shell.pdbx_refine_id                   'X-RAY DIFFRACTION' 
# 
_struct.entry_id                  3FLJ 
_struct.title                     
;Crystal structure of uncharacterized protein conserved in bacteria with a cystatin-like fold (YP_168589.1) from SILICIBACTER POMEROYI DSS-3 at 2.00 A resolution
;
_struct.pdbx_model_details        ? 
_struct.pdbx_CASP_flag            ? 
_struct.pdbx_model_type_details   ? 
# 
_struct_keywords.text            
;YP_168589.1, uncharacterized protein conserved in bacteria with a cystatin-like fold, Structural Genomics, Joint Center for Structural Genomics, JCSG, Protein Structure Initiative, PSI-2, unknown function
;
_struct_keywords.pdbx_keywords   'structural genomics, unknown function' 
_struct_keywords.entry_id        3FLJ 
# 
loop_
_struct_asym.id 
_struct_asym.pdbx_blank_PDB_chainid_flag 
_struct_asym.pdbx_modified 
_struct_asym.entity_id 
_struct_asym.details 
A N N 1 ? 
B N N 2 ? 
C N N 3 ? 
# 
_struct_ref.id                         1 
_struct_ref.db_name                    UNP 
_struct_ref.db_code                    Q5LN19_SILPO 
_struct_ref.pdbx_db_accession          Q5LN19 
_struct_ref.entity_id                  1 
_struct_ref.pdbx_seq_one_letter_code   
;MHPTIARMQEVVAKGDESLIHALLAEDVRFMPPTYYKTWTGRDPVAAVLGHVGQVFSEFRYRRIMGEGKDWALEFQCKVG
ELDAVGVDLITLNEGGLIQDFEVVMRPYKTVGALRDAMNARVMTDARFLKYREALS
;
_struct_ref.pdbx_align_begin           1 
_struct_ref.pdbx_db_isoform            ? 
# 
_struct_ref_seq.align_id                      1 
_struct_ref_seq.ref_id                        1 
_struct_ref_seq.pdbx_PDB_id_code              3FLJ 
_struct_ref_seq.pdbx_strand_id                A 
_struct_ref_seq.seq_align_beg                 20 
_struct_ref_seq.pdbx_seq_align_beg_ins_code   ? 
_struct_ref_seq.seq_align_end                 155 
_struct_ref_seq.pdbx_seq_align_end_ins_code   ? 
_struct_ref_seq.pdbx_db_accession             Q5LN19 
_struct_ref_seq.db_align_beg                  1 
_struct_ref_seq.pdbx_db_align_beg_ins_code    ? 
_struct_ref_seq.db_align_end                  136 
_struct_ref_seq.pdbx_db_align_end_ins_code    ? 
_struct_ref_seq.pdbx_auth_seq_align_beg       1 
_struct_ref_seq.pdbx_auth_seq_align_end       136 
# 
loop_
_struct_ref_seq_dif.align_id 
_struct_ref_seq_dif.pdbx_pdb_id_code 
_struct_ref_seq_dif.mon_id 
_struct_ref_seq_dif.pdbx_pdb_strand_id 
_struct_ref_seq_dif.seq_num 
_struct_ref_seq_dif.pdbx_pdb_ins_code 
_struct_ref_seq_dif.pdbx_seq_db_name 
_struct_ref_seq_dif.pdbx_seq_db_accession_code 
_struct_ref_seq_dif.db_mon_id 
_struct_ref_seq_dif.pdbx_seq_db_seq_num 
_struct_ref_seq_dif.details 
_struct_ref_seq_dif.pdbx_auth_seq_num 
_struct_ref_seq_dif.pdbx_ordinal 
1 3FLJ MSE A 1  ? UNP Q5LN19 ? ? 'expression tag' -18 1  
1 3FLJ GLY A 2  ? UNP Q5LN19 ? ? 'expression tag' -17 2  
1 3FLJ SER A 3  ? UNP Q5LN19 ? ? 'expression tag' -16 3  
1 3FLJ ASP A 4  ? UNP Q5LN19 ? ? 'expression tag' -15 4  
1 3FLJ LYS A 5  ? UNP Q5LN19 ? ? 'expression tag' -14 5  
1 3FLJ ILE A 6  ? UNP Q5LN19 ? ? 'expression tag' -13 6  
1 3FLJ HIS A 7  ? UNP Q5LN19 ? ? 'expression tag' -12 7  
1 3FLJ HIS A 8  ? UNP Q5LN19 ? ? 'expression tag' -11 8  
1 3FLJ HIS A 9  ? UNP Q5LN19 ? ? 'expression tag' -10 9  
1 3FLJ HIS A 10 ? UNP Q5LN19 ? ? 'expression tag' -9  10 
1 3FLJ HIS A 11 ? UNP Q5LN19 ? ? 'expression tag' -8  11 
1 3FLJ HIS A 12 ? UNP Q5LN19 ? ? 'expression tag' -7  12 
1 3FLJ GLU A 13 ? UNP Q5LN19 ? ? 'expression tag' -6  13 
1 3FLJ ASN A 14 ? UNP Q5LN19 ? ? 'expression tag' -5  14 
1 3FLJ LEU A 15 ? UNP Q5LN19 ? ? 'expression tag' -4  15 
1 3FLJ TYR A 16 ? UNP Q5LN19 ? ? 'expression tag' -3  16 
1 3FLJ PHE A 17 ? UNP Q5LN19 ? ? 'expression tag' -2  17 
1 3FLJ GLN A 18 ? UNP Q5LN19 ? ? 'expression tag' -1  18 
1 3FLJ GLY A 19 ? UNP Q5LN19 ? ? 'expression tag' 0   19 
# 
_pdbx_struct_assembly.id                   1 
_pdbx_struct_assembly.details              author_and_software_defined_assembly 
_pdbx_struct_assembly.method_details       PISA 
_pdbx_struct_assembly.oligomeric_details   dimeric 
_pdbx_struct_assembly.oligomeric_count     2 
# 
loop_
_pdbx_struct_assembly_prop.biol_id 
_pdbx_struct_assembly_prop.type 
_pdbx_struct_assembly_prop.value 
_pdbx_struct_assembly_prop.details 
1 'ABSA (A^2)' 3060  ? 
1 MORE         -12   ? 
1 'SSA (A^2)'  13430 ? 
# 
_pdbx_struct_assembly_gen.assembly_id       1 
_pdbx_struct_assembly_gen.oper_expression   1,2 
_pdbx_struct_assembly_gen.asym_id_list      A,B,C 
# 
loop_
_pdbx_struct_oper_list.id 
_pdbx_struct_oper_list.type 
_pdbx_struct_oper_list.name 
_pdbx_struct_oper_list.symmetry_operation 
_pdbx_struct_oper_list.matrix[1][1] 
_pdbx_struct_oper_list.matrix[1][2] 
_pdbx_struct_oper_list.matrix[1][3] 
_pdbx_struct_oper_list.vector[1] 
_pdbx_struct_oper_list.matrix[2][1] 
_pdbx_struct_oper_list.matrix[2][2] 
_pdbx_struct_oper_list.matrix[2][3] 
_pdbx_struct_oper_list.vector[2] 
_pdbx_struct_oper_list.matrix[3][1] 
_pdbx_struct_oper_list.matrix[3][2] 
_pdbx_struct_oper_list.matrix[3][3] 
_pdbx_struct_oper_list.vector[3] 
1 'identity operation'         1_555 x,y,z     1.0000000000  0.0000000000  0.0000000000  0.0000000000 0.0000000000  1.0000000000 0.0000000000 0.0000000000   0.0000000000  0.0000000000 1.0000000000  0.0000000000  
2 'crystal symmetry operation' 3_655 -x+1,y,-z -0.9792338120 -0.1548614162 -0.1308399141 0.7663360613 -0.1548614162 0.1548608859 0.9757233459 -16.0342067884 -0.1308399141 0.9757233459 -0.1756270739 19.0996292359 
# 
_struct_biol.id        1 
_struct_biol.details   'CRYSTAL PACKING ANALYSIS SUGGESTS THE ASSIGNMENT OF A DIMER AS THE SIGNIFICANT OLIGOMERIZATION STATE.' 
# 
loop_
_struct_conf.conf_type_id 
_struct_conf.id 
_struct_conf.pdbx_PDB_helix_id 
_struct_conf.beg_label_comp_id 
_struct_conf.beg_label_asym_id 
_struct_conf.beg_label_seq_id 
_struct_conf.pdbx_beg_PDB_ins_code 
_struct_conf.end_label_comp_id 
_struct_conf.end_label_asym_id 
_struct_conf.end_label_seq_id 
_struct_conf.pdbx_end_PDB_ins_code 
_struct_conf.beg_auth_comp_id 
_struct_conf.beg_auth_asym_id 
_struct_conf.beg_auth_seq_id 
_struct_conf.end_auth_comp_id 
_struct_conf.end_auth_asym_id 
_struct_conf.end_auth_seq_id 
_struct_conf.pdbx_PDB_helix_class 
_struct_conf.details 
_struct_conf.pdbx_PDB_helix_length 
HELX_P HELX_P1 1 HIS A 21  ? ALA A 32  ? HIS A 2   ALA A 13  1 ? 12 
HELX_P HELX_P2 2 ASP A 35  ? ALA A 41  ? ASP A 16  ALA A 22  1 ? 7  
HELX_P HELX_P3 3 GLY A 60  ? VAL A 74  ? GLY A 41  VAL A 55  1 ? 15 
HELX_P HELX_P4 4 PRO A 126 ? ASP A 144 ? PRO A 107 ASP A 125 1 ? 19 
HELX_P HELX_P5 5 ARG A 146 ? ARG A 151 ? ARG A 127 ARG A 132 1 ? 6  
# 
_struct_conf_type.id          HELX_P 
_struct_conf_type.criteria    ? 
_struct_conf_type.reference   ? 
# 
loop_
_struct_conn.id 
_struct_conn.conn_type_id 
_struct_conn.pdbx_leaving_atom_flag 
_struct_conn.pdbx_PDB_id 
_struct_conn.ptnr1_label_asym_id 
_struct_conn.ptnr1_label_comp_id 
_struct_conn.ptnr1_label_seq_id 
_struct_conn.ptnr1_label_atom_id 
_struct_conn.pdbx_ptnr1_label_alt_id 
_struct_conn.pdbx_ptnr1_PDB_ins_code 
_struct_conn.pdbx_ptnr1_standard_comp_id 
_struct_conn.ptnr1_symmetry 
_struct_conn.ptnr2_label_asym_id 
_struct_conn.ptnr2_label_comp_id 
_struct_conn.ptnr2_label_seq_id 
_struct_conn.ptnr2_label_atom_id 
_struct_conn.pdbx_ptnr2_label_alt_id 
_struct_conn.pdbx_ptnr2_PDB_ins_code 
_struct_conn.ptnr1_auth_asym_id 
_struct_conn.ptnr1_auth_comp_id 
_struct_conn.ptnr1_auth_seq_id 
_struct_conn.ptnr2_auth_asym_id 
_struct_conn.ptnr2_auth_comp_id 
_struct_conn.ptnr2_auth_seq_id 
_struct_conn.ptnr2_symmetry 
_struct_conn.pdbx_ptnr3_label_atom_id 
_struct_conn.pdbx_ptnr3_label_seq_id 
_struct_conn.pdbx_ptnr3_label_comp_id 
_struct_conn.pdbx_ptnr3_label_asym_id 
_struct_conn.pdbx_ptnr3_label_alt_id 
_struct_conn.pdbx_ptnr3_PDB_ins_code 
_struct_conn.details 
_struct_conn.pdbx_dist_value 
_struct_conn.pdbx_value_order 
_struct_conn.pdbx_role 
covale1  covale both ? A GLY 19  C ? ? ? 1_555 A MSE 20  N ? ? A GLY 0   A MSE 1   1_555 ? ? ? ? ? ? ? 1.337 ? ? 
covale2  covale both ? A MSE 20  C ? ? ? 1_555 A HIS 21  N ? ? A MSE 1   A HIS 2   1_555 ? ? ? ? ? ? ? 1.335 ? ? 
covale3  covale both ? A ARG 26  C ? ? ? 1_555 A MSE 27  N ? ? A ARG 7   A MSE 8   1_555 ? ? ? ? ? ? ? 1.326 ? ? 
covale4  covale both ? A MSE 27  C ? ? ? 1_555 A GLN 28  N ? ? A MSE 8   A GLN 9   1_555 ? ? ? ? ? ? ? 1.340 ? ? 
covale5  covale both ? A PHE 49  C ? ? ? 1_555 A MSE 50  N ? ? A PHE 30  A MSE 31  1_555 ? ? ? ? ? ? ? 1.337 ? ? 
covale6  covale both ? A MSE 50  C ? ? ? 1_555 A PRO 51  N ? ? A MSE 31  A PRO 32  1_555 ? ? ? ? ? ? ? 1.363 ? ? 
covale7  covale both ? A ILE 83  C ? ? ? 1_555 A MSE 84  N ? ? A ILE 64  A MSE 65  1_555 ? ? ? ? ? ? ? 1.332 ? ? 
covale8  covale both ? A MSE 84  C ? ? ? 1_555 A GLY 85  N ? ? A MSE 65  A GLY 66  1_555 ? ? ? ? ? ? ? 1.335 ? ? 
covale9  covale both ? A VAL 123 C ? ? ? 1_555 A MSE 124 N ? ? A VAL 104 A MSE 105 1_555 ? ? ? ? ? ? ? 1.336 ? ? 
covale10 covale both ? A MSE 124 C ? ? ? 1_555 A ARG 125 N ? ? A MSE 105 A ARG 106 1_555 ? ? ? ? ? ? ? 1.339 ? ? 
covale11 covale both ? A ALA 136 C ? ? ? 1_555 A MSE 137 N ? ? A ALA 117 A MSE 118 1_555 ? ? ? ? ? ? ? 1.335 ? ? 
covale12 covale both ? A MSE 137 C ? ? ? 1_555 A ASN 138 N ? ? A MSE 118 A ASN 119 1_555 ? ? ? ? ? ? ? 1.339 ? ? 
covale13 covale both ? A VAL 141 C ? ? ? 1_555 A MSE 142 N ? ? A VAL 122 A MSE 123 1_555 ? ? ? ? ? ? ? 1.334 ? ? 
covale14 covale both ? A MSE 142 C ? ? ? 1_555 A THR 143 N ? ? A MSE 123 A THR 124 1_555 ? ? ? ? ? ? ? 1.341 ? ? 
# 
_struct_conn_type.id          covale 
_struct_conn_type.criteria    ? 
_struct_conn_type.reference   ? 
# 
loop_
_pdbx_modification_feature.ordinal 
_pdbx_modification_feature.label_comp_id 
_pdbx_modification_feature.label_asym_id 
_pdbx_modification_feature.label_seq_id 
_pdbx_modification_feature.label_alt_id 
_pdbx_modification_feature.modified_residue_label_comp_id 
_pdbx_modification_feature.modified_residue_label_asym_id 
_pdbx_modification_feature.modified_residue_label_seq_id 
_pdbx_modification_feature.modified_residue_label_alt_id 
_pdbx_modification_feature.auth_comp_id 
_pdbx_modification_feature.auth_asym_id 
_pdbx_modification_feature.auth_seq_id 
_pdbx_modification_feature.PDB_ins_code 
_pdbx_modification_feature.symmetry 
_pdbx_modification_feature.modified_residue_auth_comp_id 
_pdbx_modification_feature.modified_residue_auth_asym_id 
_pdbx_modification_feature.modified_residue_auth_seq_id 
_pdbx_modification_feature.modified_residue_PDB_ins_code 
_pdbx_modification_feature.modified_residue_symmetry 
_pdbx_modification_feature.comp_id_linking_atom 
_pdbx_modification_feature.modified_residue_id_linking_atom 
_pdbx_modification_feature.modified_residue_id 
_pdbx_modification_feature.ref_pcm_id 
_pdbx_modification_feature.ref_comp_id 
_pdbx_modification_feature.type 
_pdbx_modification_feature.category 
1 MSE A 20  ? . . . . MSE A 1   ? 1_555 . . . . . . . MET 1 MSE Selenomethionine 'Named protein modification' 
2 MSE A 27  ? . . . . MSE A 8   ? 1_555 . . . . . . . MET 1 MSE Selenomethionine 'Named protein modification' 
3 MSE A 50  ? . . . . MSE A 31  ? 1_555 . . . . . . . MET 1 MSE Selenomethionine 'Named protein modification' 
4 MSE A 84  ? . . . . MSE A 65  ? 1_555 . . . . . . . MET 1 MSE Selenomethionine 'Named protein modification' 
5 MSE A 124 ? . . . . MSE A 105 ? 1_555 . . . . . . . MET 1 MSE Selenomethionine 'Named protein modification' 
6 MSE A 137 ? . . . . MSE A 118 ? 1_555 . . . . . . . MET 1 MSE Selenomethionine 'Named protein modification' 
7 MSE A 142 ? . . . . MSE A 123 ? 1_555 . . . . . . . MET 1 MSE Selenomethionine 'Named protein modification' 
# 
_struct_mon_prot_cis.pdbx_id                1 
_struct_mon_prot_cis.label_comp_id          ARG 
_struct_mon_prot_cis.label_seq_id           125 
_struct_mon_prot_cis.label_asym_id          A 
_struct_mon_prot_cis.label_alt_id           . 
_struct_mon_prot_cis.pdbx_PDB_ins_code      ? 
_struct_mon_prot_cis.auth_comp_id           ARG 
_struct_mon_prot_cis.auth_seq_id            106 
_struct_mon_prot_cis.auth_asym_id           A 
_struct_mon_prot_cis.pdbx_label_comp_id_2   PRO 
_struct_mon_prot_cis.pdbx_label_seq_id_2    126 
_struct_mon_prot_cis.pdbx_label_asym_id_2   A 
_struct_mon_prot_cis.pdbx_PDB_ins_code_2    ? 
_struct_mon_prot_cis.pdbx_auth_comp_id_2    PRO 
_struct_mon_prot_cis.pdbx_auth_seq_id_2     107 
_struct_mon_prot_cis.pdbx_auth_asym_id_2    A 
_struct_mon_prot_cis.pdbx_PDB_model_num     1 
_struct_mon_prot_cis.pdbx_omega_angle       -6.06 
# 
_struct_sheet.id               A 
_struct_sheet.type             ? 
_struct_sheet.number_strands   7 
_struct_sheet.details          ? 
# 
loop_
_struct_sheet_order.sheet_id 
_struct_sheet_order.range_id_1 
_struct_sheet_order.range_id_2 
_struct_sheet_order.offset 
_struct_sheet_order.sense 
A 1 2 ? anti-parallel 
A 2 3 ? anti-parallel 
A 3 4 ? anti-parallel 
A 4 5 ? parallel      
A 5 6 ? anti-parallel 
A 6 7 ? anti-parallel 
# 
loop_
_struct_sheet_range.sheet_id 
_struct_sheet_range.id 
_struct_sheet_range.beg_label_comp_id 
_struct_sheet_range.beg_label_asym_id 
_struct_sheet_range.beg_label_seq_id 
_struct_sheet_range.pdbx_beg_PDB_ins_code 
_struct_sheet_range.end_label_comp_id 
_struct_sheet_range.end_label_asym_id 
_struct_sheet_range.end_label_seq_id 
_struct_sheet_range.pdbx_end_PDB_ins_code 
_struct_sheet_range.beg_auth_comp_id 
_struct_sheet_range.beg_auth_asym_id 
_struct_sheet_range.beg_auth_seq_id 
_struct_sheet_range.end_auth_comp_id 
_struct_sheet_range.end_auth_asym_id 
_struct_sheet_range.end_auth_seq_id 
A 1 PHE A 75  ? GLU A 86  ? PHE A 56  GLU A 67  
A 2 ASP A 89  ? VAL A 98  ? ASP A 70  VAL A 79  
A 3 LEU A 101 ? LEU A 111 ? LEU A 82  LEU A 92  
A 4 ILE A 117 ? ARG A 125 ? ILE A 98  ARG A 106 
A 5 LEU A 43  ? MSE A 50  ? LEU A 24  MSE A 31  
A 6 THR A 57  ? THR A 59  ? THR A 38  THR A 40  
A 7 LEU A 154 ? SER A 155 ? LEU A 135 SER A 136 
# 
loop_
_pdbx_struct_sheet_hbond.sheet_id 
_pdbx_struct_sheet_hbond.range_id_1 
_pdbx_struct_sheet_hbond.range_id_2 
_pdbx_struct_sheet_hbond.range_1_label_atom_id 
_pdbx_struct_sheet_hbond.range_1_label_comp_id 
_pdbx_struct_sheet_hbond.range_1_label_asym_id 
_pdbx_struct_sheet_hbond.range_1_label_seq_id 
_pdbx_struct_sheet_hbond.range_1_PDB_ins_code 
_pdbx_struct_sheet_hbond.range_1_auth_atom_id 
_pdbx_struct_sheet_hbond.range_1_auth_comp_id 
_pdbx_struct_sheet_hbond.range_1_auth_asym_id 
_pdbx_struct_sheet_hbond.range_1_auth_seq_id 
_pdbx_struct_sheet_hbond.range_2_label_atom_id 
_pdbx_struct_sheet_hbond.range_2_label_comp_id 
_pdbx_struct_sheet_hbond.range_2_label_asym_id 
_pdbx_struct_sheet_hbond.range_2_label_seq_id 
_pdbx_struct_sheet_hbond.range_2_PDB_ins_code 
_pdbx_struct_sheet_hbond.range_2_auth_atom_id 
_pdbx_struct_sheet_hbond.range_2_auth_comp_id 
_pdbx_struct_sheet_hbond.range_2_auth_asym_id 
_pdbx_struct_sheet_hbond.range_2_auth_seq_id 
A 1 2 N ARG A 81  ? N ARG A 62 O GLU A 93  ? O GLU A 74  
A 2 3 N PHE A 94  ? N PHE A 75 O GLY A 105 ? O GLY A 86  
A 3 4 N LEU A 108 ? N LEU A 89 O GLU A 121 ? O GLU A 102 
A 4 5 O ILE A 117 ? O ILE A 98 N ALA A 44  ? N ALA A 25  
A 5 6 N PHE A 49  ? N PHE A 30 O TRP A 58  ? O TRP A 39  
A 6 7 N THR A 57  ? N THR A 38 O SER A 155 ? O SER A 136 
# 
_struct_site.id                   AC1 
_struct_site.pdbx_evidence_code   Software 
_struct_site.pdbx_auth_asym_id    A 
_struct_site.pdbx_auth_comp_id    UNL 
_struct_site.pdbx_auth_seq_id     137 
_struct_site.pdbx_auth_ins_code   ? 
_struct_site.pdbx_num_residues    3 
_struct_site.details              'BINDING SITE FOR RESIDUE UNL A 137' 
# 
loop_
_struct_site_gen.id 
_struct_site_gen.site_id 
_struct_site_gen.pdbx_num_res 
_struct_site_gen.label_comp_id 
_struct_site_gen.label_asym_id 
_struct_site_gen.label_seq_id 
_struct_site_gen.pdbx_auth_ins_code 
_struct_site_gen.auth_comp_id 
_struct_site_gen.auth_asym_id 
_struct_site_gen.auth_seq_id 
_struct_site_gen.label_atom_id 
_struct_site_gen.label_alt_id 
_struct_site_gen.symmetry 
_struct_site_gen.details 
1 AC1 3 VAL A 31  ? VAL A 12 . ? 1_555 ? 
2 AC1 3 PHE A 78  ? PHE A 59 . ? 1_555 ? 
3 AC1 3 ASP A 107 ? ASP A 88 . ? 1_555 ? 
# 
_pdbx_entry_details.entry_id                   3FLJ 
_pdbx_entry_details.compound_details           ? 
_pdbx_entry_details.source_details             ? 
_pdbx_entry_details.nonpolymer_details         ? 
_pdbx_entry_details.sequence_details           'THIS CONSTRUCT WAS EXPRESSED WITH A PURIFICATION TAG MGSDKIHHHHHHENLYFQG.' 
_pdbx_entry_details.has_ligand_of_interest     ? 
_pdbx_entry_details.has_protein_modification   Y 
# 
_pdbx_validate_torsion.id              1 
_pdbx_validate_torsion.PDB_model_num   1 
_pdbx_validate_torsion.auth_comp_id    THR 
_pdbx_validate_torsion.auth_asym_id    A 
_pdbx_validate_torsion.auth_seq_id     34 
_pdbx_validate_torsion.PDB_ins_code    ? 
_pdbx_validate_torsion.label_alt_id    ? 
_pdbx_validate_torsion.phi             -79.22 
_pdbx_validate_torsion.psi             -72.30 
# 
_pdbx_SG_project.project_name          'PSI, Protein Structure Initiative' 
_pdbx_SG_project.full_name_of_center   'Joint Center for Structural Genomics' 
_pdbx_SG_project.id                    1 
_pdbx_SG_project.initial_of_center     JCSG 
# 
loop_
_pdbx_struct_mod_residue.id 
_pdbx_struct_mod_residue.label_asym_id 
_pdbx_struct_mod_residue.label_comp_id 
_pdbx_struct_mod_residue.label_seq_id 
_pdbx_struct_mod_residue.auth_asym_id 
_pdbx_struct_mod_residue.auth_comp_id 
_pdbx_struct_mod_residue.auth_seq_id 
_pdbx_struct_mod_residue.PDB_ins_code 
_pdbx_struct_mod_residue.parent_comp_id 
_pdbx_struct_mod_residue.details 
1 A MSE 20  A MSE 1   ? MET SELENOMETHIONINE 
2 A MSE 27  A MSE 8   ? MET SELENOMETHIONINE 
3 A MSE 50  A MSE 31  ? MET SELENOMETHIONINE 
4 A MSE 84  A MSE 65  ? MET SELENOMETHIONINE 
5 A MSE 124 A MSE 105 ? MET SELENOMETHIONINE 
6 A MSE 137 A MSE 118 ? MET SELENOMETHIONINE 
7 A MSE 142 A MSE 123 ? MET SELENOMETHIONINE 
# 
_pdbx_struct_special_symmetry.id              1 
_pdbx_struct_special_symmetry.PDB_model_num   1 
_pdbx_struct_special_symmetry.auth_asym_id    A 
_pdbx_struct_special_symmetry.auth_comp_id    HOH 
_pdbx_struct_special_symmetry.auth_seq_id     185 
_pdbx_struct_special_symmetry.PDB_ins_code    ? 
_pdbx_struct_special_symmetry.label_asym_id   C 
_pdbx_struct_special_symmetry.label_comp_id   HOH 
_pdbx_struct_special_symmetry.label_seq_id    . 
# 
_pdbx_refine_tls.pdbx_refine_id   'X-RAY DIFFRACTION' 
_pdbx_refine_tls.id               1 
_pdbx_refine_tls.details          ? 
_pdbx_refine_tls.method           refined 
_pdbx_refine_tls.origin_x         0.4939 
_pdbx_refine_tls.origin_y         -0.3455 
_pdbx_refine_tls.origin_z         0.5624 
_pdbx_refine_tls.T[1][1]          -0.0543 
_pdbx_refine_tls.T[2][2]          -0.1358 
_pdbx_refine_tls.T[3][3]          -0.1848 
_pdbx_refine_tls.T[1][2]          0.0356 
_pdbx_refine_tls.T[1][3]          -0.0093 
_pdbx_refine_tls.T[2][3]          -0.0110 
_pdbx_refine_tls.L[1][1]          1.3979 
_pdbx_refine_tls.L[2][2]          2.9825 
_pdbx_refine_tls.L[3][3]          0.7594 
_pdbx_refine_tls.L[1][2]          -0.7728 
_pdbx_refine_tls.L[1][3]          0.0774 
_pdbx_refine_tls.L[2][3]          -0.3377 
_pdbx_refine_tls.S[1][1]          0.0552 
_pdbx_refine_tls.S[2][2]          -0.0616 
_pdbx_refine_tls.S[3][3]          0.0064 
_pdbx_refine_tls.S[1][2]          0.2259 
_pdbx_refine_tls.S[1][3]          0.0338 
_pdbx_refine_tls.S[2][3]          -0.0987 
_pdbx_refine_tls.S[2][1]          -0.0161 
_pdbx_refine_tls.S[3][1]          -0.2158 
_pdbx_refine_tls.S[3][2]          0.0038 
# 
_pdbx_refine_tls_group.pdbx_refine_id      'X-RAY DIFFRACTION' 
_pdbx_refine_tls_group.beg_auth_seq_id     -4 
_pdbx_refine_tls_group.selection_details   ? 
_pdbx_refine_tls_group.id                  1 
_pdbx_refine_tls_group.refine_tls_id       1 
_pdbx_refine_tls_group.beg_auth_asym_id    A 
_pdbx_refine_tls_group.end_auth_asym_id    A 
_pdbx_refine_tls_group.end_auth_seq_id     136 
_pdbx_refine_tls_group.beg_label_asym_id   . 
_pdbx_refine_tls_group.beg_label_seq_id    . 
_pdbx_refine_tls_group.end_label_asym_id   . 
_pdbx_refine_tls_group.end_label_seq_id    . 
_pdbx_refine_tls_group.selection           ? 
# 
_phasing.method   MAD 
# 
loop_
_pdbx_unobs_or_zero_occ_residues.id 
_pdbx_unobs_or_zero_occ_residues.PDB_model_num 
_pdbx_unobs_or_zero_occ_residues.polymer_flag 
_pdbx_unobs_or_zero_occ_residues.occupancy_flag 
_pdbx_unobs_or_zero_occ_residues.auth_asym_id 
_pdbx_unobs_or_zero_occ_residues.auth_comp_id 
_pdbx_unobs_or_zero_occ_residues.auth_seq_id 
_pdbx_unobs_or_zero_occ_residues.PDB_ins_code 
_pdbx_unobs_or_zero_occ_residues.label_asym_id 
_pdbx_unobs_or_zero_occ_residues.label_comp_id 
_pdbx_unobs_or_zero_occ_residues.label_seq_id 
1  1 Y 1 A MSE -18 ? A MSE 1  
2  1 Y 1 A GLY -17 ? A GLY 2  
3  1 Y 1 A SER -16 ? A SER 3  
4  1 Y 1 A ASP -15 ? A ASP 4  
5  1 Y 1 A LYS -14 ? A LYS 5  
6  1 Y 1 A ILE -13 ? A ILE 6  
7  1 Y 1 A HIS -12 ? A HIS 7  
8  1 Y 1 A HIS -11 ? A HIS 8  
9  1 Y 1 A HIS -10 ? A HIS 9  
10 1 Y 1 A HIS -9  ? A HIS 10 
11 1 Y 1 A HIS -8  ? A HIS 11 
12 1 Y 1 A HIS -7  ? A HIS 12 
13 1 Y 1 A GLU -6  ? A GLU 13 
14 1 Y 1 A ASN -5  ? A ASN 14 
# 
loop_
_chem_comp_atom.comp_id 
_chem_comp_atom.atom_id 
_chem_comp_atom.type_symbol 
_chem_comp_atom.pdbx_aromatic_flag 
_chem_comp_atom.pdbx_stereo_config 
_chem_comp_atom.pdbx_ordinal 
ALA N    N  N N 1   
ALA CA   C  N S 2   
ALA C    C  N N 3   
ALA O    O  N N 4   
ALA CB   C  N N 5   
ALA OXT  O  N N 6   
ALA H    H  N N 7   
ALA H2   H  N N 8   
ALA HA   H  N N 9   
ALA HB1  H  N N 10  
ALA HB2  H  N N 11  
ALA HB3  H  N N 12  
ALA HXT  H  N N 13  
ARG N    N  N N 14  
ARG CA   C  N S 15  
ARG C    C  N N 16  
ARG O    O  N N 17  
ARG CB   C  N N 18  
ARG CG   C  N N 19  
ARG CD   C  N N 20  
ARG NE   N  N N 21  
ARG CZ   C  N N 22  
ARG NH1  N  N N 23  
ARG NH2  N  N N 24  
ARG OXT  O  N N 25  
ARG H    H  N N 26  
ARG H2   H  N N 27  
ARG HA   H  N N 28  
ARG HB2  H  N N 29  
ARG HB3  H  N N 30  
ARG HG2  H  N N 31  
ARG HG3  H  N N 32  
ARG HD2  H  N N 33  
ARG HD3  H  N N 34  
ARG HE   H  N N 35  
ARG HH11 H  N N 36  
ARG HH12 H  N N 37  
ARG HH21 H  N N 38  
ARG HH22 H  N N 39  
ARG HXT  H  N N 40  
ASN N    N  N N 41  
ASN CA   C  N S 42  
ASN C    C  N N 43  
ASN O    O  N N 44  
ASN CB   C  N N 45  
ASN CG   C  N N 46  
ASN OD1  O  N N 47  
ASN ND2  N  N N 48  
ASN OXT  O  N N 49  
ASN H    H  N N 50  
ASN H2   H  N N 51  
ASN HA   H  N N 52  
ASN HB2  H  N N 53  
ASN HB3  H  N N 54  
ASN HD21 H  N N 55  
ASN HD22 H  N N 56  
ASN HXT  H  N N 57  
ASP N    N  N N 58  
ASP CA   C  N S 59  
ASP C    C  N N 60  
ASP O    O  N N 61  
ASP CB   C  N N 62  
ASP CG   C  N N 63  
ASP OD1  O  N N 64  
ASP OD2  O  N N 65  
ASP OXT  O  N N 66  
ASP H    H  N N 67  
ASP H2   H  N N 68  
ASP HA   H  N N 69  
ASP HB2  H  N N 70  
ASP HB3  H  N N 71  
ASP HD2  H  N N 72  
ASP HXT  H  N N 73  
CYS N    N  N N 74  
CYS CA   C  N R 75  
CYS C    C  N N 76  
CYS O    O  N N 77  
CYS CB   C  N N 78  
CYS SG   S  N N 79  
CYS OXT  O  N N 80  
CYS H    H  N N 81  
CYS H2   H  N N 82  
CYS HA   H  N N 83  
CYS HB2  H  N N 84  
CYS HB3  H  N N 85  
CYS HG   H  N N 86  
CYS HXT  H  N N 87  
GLN N    N  N N 88  
GLN CA   C  N S 89  
GLN C    C  N N 90  
GLN O    O  N N 91  
GLN CB   C  N N 92  
GLN CG   C  N N 93  
GLN CD   C  N N 94  
GLN OE1  O  N N 95  
GLN NE2  N  N N 96  
GLN OXT  O  N N 97  
GLN H    H  N N 98  
GLN H2   H  N N 99  
GLN HA   H  N N 100 
GLN HB2  H  N N 101 
GLN HB3  H  N N 102 
GLN HG2  H  N N 103 
GLN HG3  H  N N 104 
GLN HE21 H  N N 105 
GLN HE22 H  N N 106 
GLN HXT  H  N N 107 
GLU N    N  N N 108 
GLU CA   C  N S 109 
GLU C    C  N N 110 
GLU O    O  N N 111 
GLU CB   C  N N 112 
GLU CG   C  N N 113 
GLU CD   C  N N 114 
GLU OE1  O  N N 115 
GLU OE2  O  N N 116 
GLU OXT  O  N N 117 
GLU H    H  N N 118 
GLU H2   H  N N 119 
GLU HA   H  N N 120 
GLU HB2  H  N N 121 
GLU HB3  H  N N 122 
GLU HG2  H  N N 123 
GLU HG3  H  N N 124 
GLU HE2  H  N N 125 
GLU HXT  H  N N 126 
GLY N    N  N N 127 
GLY CA   C  N N 128 
GLY C    C  N N 129 
GLY O    O  N N 130 
GLY OXT  O  N N 131 
GLY H    H  N N 132 
GLY H2   H  N N 133 
GLY HA2  H  N N 134 
GLY HA3  H  N N 135 
GLY HXT  H  N N 136 
HIS N    N  N N 137 
HIS CA   C  N S 138 
HIS C    C  N N 139 
HIS O    O  N N 140 
HIS CB   C  N N 141 
HIS CG   C  Y N 142 
HIS ND1  N  Y N 143 
HIS CD2  C  Y N 144 
HIS CE1  C  Y N 145 
HIS NE2  N  Y N 146 
HIS OXT  O  N N 147 
HIS H    H  N N 148 
HIS H2   H  N N 149 
HIS HA   H  N N 150 
HIS HB2  H  N N 151 
HIS HB3  H  N N 152 
HIS HD1  H  N N 153 
HIS HD2  H  N N 154 
HIS HE1  H  N N 155 
HIS HE2  H  N N 156 
HIS HXT  H  N N 157 
HOH O    O  N N 158 
HOH H1   H  N N 159 
HOH H2   H  N N 160 
ILE N    N  N N 161 
ILE CA   C  N S 162 
ILE C    C  N N 163 
ILE O    O  N N 164 
ILE CB   C  N S 165 
ILE CG1  C  N N 166 
ILE CG2  C  N N 167 
ILE CD1  C  N N 168 
ILE OXT  O  N N 169 
ILE H    H  N N 170 
ILE H2   H  N N 171 
ILE HA   H  N N 172 
ILE HB   H  N N 173 
ILE HG12 H  N N 174 
ILE HG13 H  N N 175 
ILE HG21 H  N N 176 
ILE HG22 H  N N 177 
ILE HG23 H  N N 178 
ILE HD11 H  N N 179 
ILE HD12 H  N N 180 
ILE HD13 H  N N 181 
ILE HXT  H  N N 182 
LEU N    N  N N 183 
LEU CA   C  N S 184 
LEU C    C  N N 185 
LEU O    O  N N 186 
LEU CB   C  N N 187 
LEU CG   C  N N 188 
LEU CD1  C  N N 189 
LEU CD2  C  N N 190 
LEU OXT  O  N N 191 
LEU H    H  N N 192 
LEU H2   H  N N 193 
LEU HA   H  N N 194 
LEU HB2  H  N N 195 
LEU HB3  H  N N 196 
LEU HG   H  N N 197 
LEU HD11 H  N N 198 
LEU HD12 H  N N 199 
LEU HD13 H  N N 200 
LEU HD21 H  N N 201 
LEU HD22 H  N N 202 
LEU HD23 H  N N 203 
LEU HXT  H  N N 204 
LYS N    N  N N 205 
LYS CA   C  N S 206 
LYS C    C  N N 207 
LYS O    O  N N 208 
LYS CB   C  N N 209 
LYS CG   C  N N 210 
LYS CD   C  N N 211 
LYS CE   C  N N 212 
LYS NZ   N  N N 213 
LYS OXT  O  N N 214 
LYS H    H  N N 215 
LYS H2   H  N N 216 
LYS HA   H  N N 217 
LYS HB2  H  N N 218 
LYS HB3  H  N N 219 
LYS HG2  H  N N 220 
LYS HG3  H  N N 221 
LYS HD2  H  N N 222 
LYS HD3  H  N N 223 
LYS HE2  H  N N 224 
LYS HE3  H  N N 225 
LYS HZ1  H  N N 226 
LYS HZ2  H  N N 227 
LYS HZ3  H  N N 228 
LYS HXT  H  N N 229 
MSE N    N  N N 230 
MSE CA   C  N S 231 
MSE C    C  N N 232 
MSE O    O  N N 233 
MSE OXT  O  N N 234 
MSE CB   C  N N 235 
MSE CG   C  N N 236 
MSE SE   SE N N 237 
MSE CE   C  N N 238 
MSE H    H  N N 239 
MSE H2   H  N N 240 
MSE HA   H  N N 241 
MSE HXT  H  N N 242 
MSE HB2  H  N N 243 
MSE HB3  H  N N 244 
MSE HG2  H  N N 245 
MSE HG3  H  N N 246 
MSE HE1  H  N N 247 
MSE HE2  H  N N 248 
MSE HE3  H  N N 249 
PHE N    N  N N 250 
PHE CA   C  N S 251 
PHE C    C  N N 252 
PHE O    O  N N 253 
PHE CB   C  N N 254 
PHE CG   C  Y N 255 
PHE CD1  C  Y N 256 
PHE CD2  C  Y N 257 
PHE CE1  C  Y N 258 
PHE CE2  C  Y N 259 
PHE CZ   C  Y N 260 
PHE OXT  O  N N 261 
PHE H    H  N N 262 
PHE H2   H  N N 263 
PHE HA   H  N N 264 
PHE HB2  H  N N 265 
PHE HB3  H  N N 266 
PHE HD1  H  N N 267 
PHE HD2  H  N N 268 
PHE HE1  H  N N 269 
PHE HE2  H  N N 270 
PHE HZ   H  N N 271 
PHE HXT  H  N N 272 
PRO N    N  N N 273 
PRO CA   C  N S 274 
PRO C    C  N N 275 
PRO O    O  N N 276 
PRO CB   C  N N 277 
PRO CG   C  N N 278 
PRO CD   C  N N 279 
PRO OXT  O  N N 280 
PRO H    H  N N 281 
PRO HA   H  N N 282 
PRO HB2  H  N N 283 
PRO HB3  H  N N 284 
PRO HG2  H  N N 285 
PRO HG3  H  N N 286 
PRO HD2  H  N N 287 
PRO HD3  H  N N 288 
PRO HXT  H  N N 289 
SER N    N  N N 290 
SER CA   C  N S 291 
SER C    C  N N 292 
SER O    O  N N 293 
SER CB   C  N N 294 
SER OG   O  N N 295 
SER OXT  O  N N 296 
SER H    H  N N 297 
SER H2   H  N N 298 
SER HA   H  N N 299 
SER HB2  H  N N 300 
SER HB3  H  N N 301 
SER HG   H  N N 302 
SER HXT  H  N N 303 
THR N    N  N N 304 
THR CA   C  N S 305 
THR C    C  N N 306 
THR O    O  N N 307 
THR CB   C  N R 308 
THR OG1  O  N N 309 
THR CG2  C  N N 310 
THR OXT  O  N N 311 
THR H    H  N N 312 
THR H2   H  N N 313 
THR HA   H  N N 314 
THR HB   H  N N 315 
THR HG1  H  N N 316 
THR HG21 H  N N 317 
THR HG22 H  N N 318 
THR HG23 H  N N 319 
THR HXT  H  N N 320 
TRP N    N  N N 321 
TRP CA   C  N S 322 
TRP C    C  N N 323 
TRP O    O  N N 324 
TRP CB   C  N N 325 
TRP CG   C  Y N 326 
TRP CD1  C  Y N 327 
TRP CD2  C  Y N 328 
TRP NE1  N  Y N 329 
TRP CE2  C  Y N 330 
TRP CE3  C  Y N 331 
TRP CZ2  C  Y N 332 
TRP CZ3  C  Y N 333 
TRP CH2  C  Y N 334 
TRP OXT  O  N N 335 
TRP H    H  N N 336 
TRP H2   H  N N 337 
TRP HA   H  N N 338 
TRP HB2  H  N N 339 
TRP HB3  H  N N 340 
TRP HD1  H  N N 341 
TRP HE1  H  N N 342 
TRP HE3  H  N N 343 
TRP HZ2  H  N N 344 
TRP HZ3  H  N N 345 
TRP HH2  H  N N 346 
TRP HXT  H  N N 347 
TYR N    N  N N 348 
TYR CA   C  N S 349 
TYR C    C  N N 350 
TYR O    O  N N 351 
TYR CB   C  N N 352 
TYR CG   C  Y N 353 
TYR CD1  C  Y N 354 
TYR CD2  C  Y N 355 
TYR CE1  C  Y N 356 
TYR CE2  C  Y N 357 
TYR CZ   C  Y N 358 
TYR OH   O  N N 359 
TYR OXT  O  N N 360 
TYR H    H  N N 361 
TYR H2   H  N N 362 
TYR HA   H  N N 363 
TYR HB2  H  N N 364 
TYR HB3  H  N N 365 
TYR HD1  H  N N 366 
TYR HD2  H  N N 367 
TYR HE1  H  N N 368 
TYR HE2  H  N N 369 
TYR HH   H  N N 370 
TYR HXT  H  N N 371 
VAL N    N  N N 372 
VAL CA   C  N S 373 
VAL C    C  N N 374 
VAL O    O  N N 375 
VAL CB   C  N N 376 
VAL CG1  C  N N 377 
VAL CG2  C  N N 378 
VAL OXT  O  N N 379 
VAL H    H  N N 380 
VAL H2   H  N N 381 
VAL HA   H  N N 382 
VAL HB   H  N N 383 
VAL HG11 H  N N 384 
VAL HG12 H  N N 385 
VAL HG13 H  N N 386 
VAL HG21 H  N N 387 
VAL HG22 H  N N 388 
VAL HG23 H  N N 389 
VAL HXT  H  N N 390 
# 
loop_
_chem_comp_bond.comp_id 
_chem_comp_bond.atom_id_1 
_chem_comp_bond.atom_id_2 
_chem_comp_bond.value_order 
_chem_comp_bond.pdbx_aromatic_flag 
_chem_comp_bond.pdbx_stereo_config 
_chem_comp_bond.pdbx_ordinal 
ALA N   CA   sing N N 1   
ALA N   H    sing N N 2   
ALA N   H2   sing N N 3   
ALA CA  C    sing N N 4   
ALA CA  CB   sing N N 5   
ALA CA  HA   sing N N 6   
ALA C   O    doub N N 7   
ALA C   OXT  sing N N 8   
ALA CB  HB1  sing N N 9   
ALA CB  HB2  sing N N 10  
ALA CB  HB3  sing N N 11  
ALA OXT HXT  sing N N 12  
ARG N   CA   sing N N 13  
ARG N   H    sing N N 14  
ARG N   H2   sing N N 15  
ARG CA  C    sing N N 16  
ARG CA  CB   sing N N 17  
ARG CA  HA   sing N N 18  
ARG C   O    doub N N 19  
ARG C   OXT  sing N N 20  
ARG CB  CG   sing N N 21  
ARG CB  HB2  sing N N 22  
ARG CB  HB3  sing N N 23  
ARG CG  CD   sing N N 24  
ARG CG  HG2  sing N N 25  
ARG CG  HG3  sing N N 26  
ARG CD  NE   sing N N 27  
ARG CD  HD2  sing N N 28  
ARG CD  HD3  sing N N 29  
ARG NE  CZ   sing N N 30  
ARG NE  HE   sing N N 31  
ARG CZ  NH1  sing N N 32  
ARG CZ  NH2  doub N N 33  
ARG NH1 HH11 sing N N 34  
ARG NH1 HH12 sing N N 35  
ARG NH2 HH21 sing N N 36  
ARG NH2 HH22 sing N N 37  
ARG OXT HXT  sing N N 38  
ASN N   CA   sing N N 39  
ASN N   H    sing N N 40  
ASN N   H2   sing N N 41  
ASN CA  C    sing N N 42  
ASN CA  CB   sing N N 43  
ASN CA  HA   sing N N 44  
ASN C   O    doub N N 45  
ASN C   OXT  sing N N 46  
ASN CB  CG   sing N N 47  
ASN CB  HB2  sing N N 48  
ASN CB  HB3  sing N N 49  
ASN CG  OD1  doub N N 50  
ASN CG  ND2  sing N N 51  
ASN ND2 HD21 sing N N 52  
ASN ND2 HD22 sing N N 53  
ASN OXT HXT  sing N N 54  
ASP N   CA   sing N N 55  
ASP N   H    sing N N 56  
ASP N   H2   sing N N 57  
ASP CA  C    sing N N 58  
ASP CA  CB   sing N N 59  
ASP CA  HA   sing N N 60  
ASP C   O    doub N N 61  
ASP C   OXT  sing N N 62  
ASP CB  CG   sing N N 63  
ASP CB  HB2  sing N N 64  
ASP CB  HB3  sing N N 65  
ASP CG  OD1  doub N N 66  
ASP CG  OD2  sing N N 67  
ASP OD2 HD2  sing N N 68  
ASP OXT HXT  sing N N 69  
CYS N   CA   sing N N 70  
CYS N   H    sing N N 71  
CYS N   H2   sing N N 72  
CYS CA  C    sing N N 73  
CYS CA  CB   sing N N 74  
CYS CA  HA   sing N N 75  
CYS C   O    doub N N 76  
CYS C   OXT  sing N N 77  
CYS CB  SG   sing N N 78  
CYS CB  HB2  sing N N 79  
CYS CB  HB3  sing N N 80  
CYS SG  HG   sing N N 81  
CYS OXT HXT  sing N N 82  
GLN N   CA   sing N N 83  
GLN N   H    sing N N 84  
GLN N   H2   sing N N 85  
GLN CA  C    sing N N 86  
GLN CA  CB   sing N N 87  
GLN CA  HA   sing N N 88  
GLN C   O    doub N N 89  
GLN C   OXT  sing N N 90  
GLN CB  CG   sing N N 91  
GLN CB  HB2  sing N N 92  
GLN CB  HB3  sing N N 93  
GLN CG  CD   sing N N 94  
GLN CG  HG2  sing N N 95  
GLN CG  HG3  sing N N 96  
GLN CD  OE1  doub N N 97  
GLN CD  NE2  sing N N 98  
GLN NE2 HE21 sing N N 99  
GLN NE2 HE22 sing N N 100 
GLN OXT HXT  sing N N 101 
GLU N   CA   sing N N 102 
GLU N   H    sing N N 103 
GLU N   H2   sing N N 104 
GLU CA  C    sing N N 105 
GLU CA  CB   sing N N 106 
GLU CA  HA   sing N N 107 
GLU C   O    doub N N 108 
GLU C   OXT  sing N N 109 
GLU CB  CG   sing N N 110 
GLU CB  HB2  sing N N 111 
GLU CB  HB3  sing N N 112 
GLU CG  CD   sing N N 113 
GLU CG  HG2  sing N N 114 
GLU CG  HG3  sing N N 115 
GLU CD  OE1  doub N N 116 
GLU CD  OE2  sing N N 117 
GLU OE2 HE2  sing N N 118 
GLU OXT HXT  sing N N 119 
GLY N   CA   sing N N 120 
GLY N   H    sing N N 121 
GLY N   H2   sing N N 122 
GLY CA  C    sing N N 123 
GLY CA  HA2  sing N N 124 
GLY CA  HA3  sing N N 125 
GLY C   O    doub N N 126 
GLY C   OXT  sing N N 127 
GLY OXT HXT  sing N N 128 
HIS N   CA   sing N N 129 
HIS N   H    sing N N 130 
HIS N   H2   sing N N 131 
HIS CA  C    sing N N 132 
HIS CA  CB   sing N N 133 
HIS CA  HA   sing N N 134 
HIS C   O    doub N N 135 
HIS C   OXT  sing N N 136 
HIS CB  CG   sing N N 137 
HIS CB  HB2  sing N N 138 
HIS CB  HB3  sing N N 139 
HIS CG  ND1  sing Y N 140 
HIS CG  CD2  doub Y N 141 
HIS ND1 CE1  doub Y N 142 
HIS ND1 HD1  sing N N 143 
HIS CD2 NE2  sing Y N 144 
HIS CD2 HD2  sing N N 145 
HIS CE1 NE2  sing Y N 146 
HIS CE1 HE1  sing N N 147 
HIS NE2 HE2  sing N N 148 
HIS OXT HXT  sing N N 149 
HOH O   H1   sing N N 150 
HOH O   H2   sing N N 151 
ILE N   CA   sing N N 152 
ILE N   H    sing N N 153 
ILE N   H2   sing N N 154 
ILE CA  C    sing N N 155 
ILE CA  CB   sing N N 156 
ILE CA  HA   sing N N 157 
ILE C   O    doub N N 158 
ILE C   OXT  sing N N 159 
ILE CB  CG1  sing N N 160 
ILE CB  CG2  sing N N 161 
ILE CB  HB   sing N N 162 
ILE CG1 CD1  sing N N 163 
ILE CG1 HG12 sing N N 164 
ILE CG1 HG13 sing N N 165 
ILE CG2 HG21 sing N N 166 
ILE CG2 HG22 sing N N 167 
ILE CG2 HG23 sing N N 168 
ILE CD1 HD11 sing N N 169 
ILE CD1 HD12 sing N N 170 
ILE CD1 HD13 sing N N 171 
ILE OXT HXT  sing N N 172 
LEU N   CA   sing N N 173 
LEU N   H    sing N N 174 
LEU N   H2   sing N N 175 
LEU CA  C    sing N N 176 
LEU CA  CB   sing N N 177 
LEU CA  HA   sing N N 178 
LEU C   O    doub N N 179 
LEU C   OXT  sing N N 180 
LEU CB  CG   sing N N 181 
LEU CB  HB2  sing N N 182 
LEU CB  HB3  sing N N 183 
LEU CG  CD1  sing N N 184 
LEU CG  CD2  sing N N 185 
LEU CG  HG   sing N N 186 
LEU CD1 HD11 sing N N 187 
LEU CD1 HD12 sing N N 188 
LEU CD1 HD13 sing N N 189 
LEU CD2 HD21 sing N N 190 
LEU CD2 HD22 sing N N 191 
LEU CD2 HD23 sing N N 192 
LEU OXT HXT  sing N N 193 
LYS N   CA   sing N N 194 
LYS N   H    sing N N 195 
LYS N   H2   sing N N 196 
LYS CA  C    sing N N 197 
LYS CA  CB   sing N N 198 
LYS CA  HA   sing N N 199 
LYS C   O    doub N N 200 
LYS C   OXT  sing N N 201 
LYS CB  CG   sing N N 202 
LYS CB  HB2  sing N N 203 
LYS CB  HB3  sing N N 204 
LYS CG  CD   sing N N 205 
LYS CG  HG2  sing N N 206 
LYS CG  HG3  sing N N 207 
LYS CD  CE   sing N N 208 
LYS CD  HD2  sing N N 209 
LYS CD  HD3  sing N N 210 
LYS CE  NZ   sing N N 211 
LYS CE  HE2  sing N N 212 
LYS CE  HE3  sing N N 213 
LYS NZ  HZ1  sing N N 214 
LYS NZ  HZ2  sing N N 215 
LYS NZ  HZ3  sing N N 216 
LYS OXT HXT  sing N N 217 
MSE N   CA   sing N N 218 
MSE N   H    sing N N 219 
MSE N   H2   sing N N 220 
MSE CA  C    sing N N 221 
MSE CA  CB   sing N N 222 
MSE CA  HA   sing N N 223 
MSE C   O    doub N N 224 
MSE C   OXT  sing N N 225 
MSE OXT HXT  sing N N 226 
MSE CB  CG   sing N N 227 
MSE CB  HB2  sing N N 228 
MSE CB  HB3  sing N N 229 
MSE CG  SE   sing N N 230 
MSE CG  HG2  sing N N 231 
MSE CG  HG3  sing N N 232 
MSE SE  CE   sing N N 233 
MSE CE  HE1  sing N N 234 
MSE CE  HE2  sing N N 235 
MSE CE  HE3  sing N N 236 
PHE N   CA   sing N N 237 
PHE N   H    sing N N 238 
PHE N   H2   sing N N 239 
PHE CA  C    sing N N 240 
PHE CA  CB   sing N N 241 
PHE CA  HA   sing N N 242 
PHE C   O    doub N N 243 
PHE C   OXT  sing N N 244 
PHE CB  CG   sing N N 245 
PHE CB  HB2  sing N N 246 
PHE CB  HB3  sing N N 247 
PHE CG  CD1  doub Y N 248 
PHE CG  CD2  sing Y N 249 
PHE CD1 CE1  sing Y N 250 
PHE CD1 HD1  sing N N 251 
PHE CD2 CE2  doub Y N 252 
PHE CD2 HD2  sing N N 253 
PHE CE1 CZ   doub Y N 254 
PHE CE1 HE1  sing N N 255 
PHE CE2 CZ   sing Y N 256 
PHE CE2 HE2  sing N N 257 
PHE CZ  HZ   sing N N 258 
PHE OXT HXT  sing N N 259 
PRO N   CA   sing N N 260 
PRO N   CD   sing N N 261 
PRO N   H    sing N N 262 
PRO CA  C    sing N N 263 
PRO CA  CB   sing N N 264 
PRO CA  HA   sing N N 265 
PRO C   O    doub N N 266 
PRO C   OXT  sing N N 267 
PRO CB  CG   sing N N 268 
PRO CB  HB2  sing N N 269 
PRO CB  HB3  sing N N 270 
PRO CG  CD   sing N N 271 
PRO CG  HG2  sing N N 272 
PRO CG  HG3  sing N N 273 
PRO CD  HD2  sing N N 274 
PRO CD  HD3  sing N N 275 
PRO OXT HXT  sing N N 276 
SER N   CA   sing N N 277 
SER N   H    sing N N 278 
SER N   H2   sing N N 279 
SER CA  C    sing N N 280 
SER CA  CB   sing N N 281 
SER CA  HA   sing N N 282 
SER C   O    doub N N 283 
SER C   OXT  sing N N 284 
SER CB  OG   sing N N 285 
SER CB  HB2  sing N N 286 
SER CB  HB3  sing N N 287 
SER OG  HG   sing N N 288 
SER OXT HXT  sing N N 289 
THR N   CA   sing N N 290 
THR N   H    sing N N 291 
THR N   H2   sing N N 292 
THR CA  C    sing N N 293 
THR CA  CB   sing N N 294 
THR CA  HA   sing N N 295 
THR C   O    doub N N 296 
THR C   OXT  sing N N 297 
THR CB  OG1  sing N N 298 
THR CB  CG2  sing N N 299 
THR CB  HB   sing N N 300 
THR OG1 HG1  sing N N 301 
THR CG2 HG21 sing N N 302 
THR CG2 HG22 sing N N 303 
THR CG2 HG23 sing N N 304 
THR OXT HXT  sing N N 305 
TRP N   CA   sing N N 306 
TRP N   H    sing N N 307 
TRP N   H2   sing N N 308 
TRP CA  C    sing N N 309 
TRP CA  CB   sing N N 310 
TRP CA  HA   sing N N 311 
TRP C   O    doub N N 312 
TRP C   OXT  sing N N 313 
TRP CB  CG   sing N N 314 
TRP CB  HB2  sing N N 315 
TRP CB  HB3  sing N N 316 
TRP CG  CD1  doub Y N 317 
TRP CG  CD2  sing Y N 318 
TRP CD1 NE1  sing Y N 319 
TRP CD1 HD1  sing N N 320 
TRP CD2 CE2  doub Y N 321 
TRP CD2 CE3  sing Y N 322 
TRP NE1 CE2  sing Y N 323 
TRP NE1 HE1  sing N N 324 
TRP CE2 CZ2  sing Y N 325 
TRP CE3 CZ3  doub Y N 326 
TRP CE3 HE3  sing N N 327 
TRP CZ2 CH2  doub Y N 328 
TRP CZ2 HZ2  sing N N 329 
TRP CZ3 CH2  sing Y N 330 
TRP CZ3 HZ3  sing N N 331 
TRP CH2 HH2  sing N N 332 
TRP OXT HXT  sing N N 333 
TYR N   CA   sing N N 334 
TYR N   H    sing N N 335 
TYR N   H2   sing N N 336 
TYR CA  C    sing N N 337 
TYR CA  CB   sing N N 338 
TYR CA  HA   sing N N 339 
TYR C   O    doub N N 340 
TYR C   OXT  sing N N 341 
TYR CB  CG   sing N N 342 
TYR CB  HB2  sing N N 343 
TYR CB  HB3  sing N N 344 
TYR CG  CD1  doub Y N 345 
TYR CG  CD2  sing Y N 346 
TYR CD1 CE1  sing Y N 347 
TYR CD1 HD1  sing N N 348 
TYR CD2 CE2  doub Y N 349 
TYR CD2 HD2  sing N N 350 
TYR CE1 CZ   doub Y N 351 
TYR CE1 HE1  sing N N 352 
TYR CE2 CZ   sing Y N 353 
TYR CE2 HE2  sing N N 354 
TYR CZ  OH   sing N N 355 
TYR OH  HH   sing N N 356 
TYR OXT HXT  sing N N 357 
VAL N   CA   sing N N 358 
VAL N   H    sing N N 359 
VAL N   H2   sing N N 360 
VAL CA  C    sing N N 361 
VAL CA  CB   sing N N 362 
VAL CA  HA   sing N N 363 
VAL C   O    doub N N 364 
VAL C   OXT  sing N N 365 
VAL CB  CG1  sing N N 366 
VAL CB  CG2  sing N N 367 
VAL CB  HB   sing N N 368 
VAL CG1 HG11 sing N N 369 
VAL CG1 HG12 sing N N 370 
VAL CG1 HG13 sing N N 371 
VAL CG2 HG21 sing N N 372 
VAL CG2 HG22 sing N N 373 
VAL CG2 HG23 sing N N 374 
VAL OXT HXT  sing N N 375 
# 
_atom_sites.entry_id                    3FLJ 
_atom_sites.fract_transf_matrix[1][1]   0.00810422 
_atom_sites.fract_transf_matrix[1][2]   -0.00029559 
_atom_sites.fract_transf_matrix[1][3]   0.00163611 
_atom_sites.fract_transf_matrix[2][1]   0.00084300 
_atom_sites.fract_transf_matrix[2][2]   -0.00628656 
_atom_sites.fract_transf_matrix[2][3]   -0.00531141 
_atom_sites.fract_transf_matrix[3][1]   0.00143303 
_atom_sites.fract_transf_matrix[3][2]   0.00536976 
_atom_sites.fract_transf_matrix[3][3]   -0.00612818 
_atom_sites.fract_transf_vector[1]      0.478921 
_atom_sites.fract_transf_vector[2]      0.199828 
_atom_sites.fract_transf_vector[3]      0.101024 
# 
loop_
_atom_type.symbol 
C  
N  
O  
S  
SE 
# 
loop_
_atom_site.group_PDB 
_atom_site.id 
_atom_site.type_symbol 
_atom_site.label_atom_id 
_atom_site.label_alt_id 
_atom_site.label_comp_id 
_atom_site.label_asym_id 
_atom_site.label_entity_id 
_atom_site.label_seq_id 
_atom_site.pdbx_PDB_ins_code 
_atom_site.Cartn_x 
_atom_site.Cartn_y 
_atom_site.Cartn_z 
_atom_site.occupancy 
_atom_site.B_iso_or_equiv 
_atom_site.pdbx_formal_charge 
_atom_site.auth_seq_id 
_atom_site.auth_comp_id 
_atom_site.auth_asym_id 
_atom_site.auth_atom_id 
_atom_site.pdbx_PDB_model_num 
ATOM   1    N  N   . LEU A 1 15  ? 10.823  -21.564 -13.999 1.00 54.96 ? -4  LEU A N   1 
ATOM   2    C  CA  . LEU A 1 15  ? 11.924  -22.110 -13.153 1.00 53.24 ? -4  LEU A CA  1 
ATOM   3    C  C   . LEU A 1 15  ? 11.579  -21.820 -11.671 1.00 52.92 ? -4  LEU A C   1 
ATOM   4    O  O   . LEU A 1 15  ? 10.469  -22.198 -11.236 1.00 53.65 ? -4  LEU A O   1 
ATOM   5    C  CB  . LEU A 1 15  ? 13.277  -21.542 -13.629 1.00 53.70 ? -4  LEU A CB  1 
ATOM   6    C  CG  . LEU A 1 15  ? 13.718  -21.796 -15.072 1.00 52.67 ? -4  LEU A CG  1 
ATOM   7    C  CD1 . LEU A 1 15  ? 14.886  -20.866 -15.407 1.00 53.90 ? -4  LEU A CD1 1 
ATOM   8    C  CD2 . LEU A 1 15  ? 14.076  -23.254 -15.330 1.00 50.43 ? -4  LEU A CD2 1 
ATOM   9    N  N   . TYR A 1 16  ? 12.450  -21.124 -10.914 1.00 51.16 ? -3  TYR A N   1 
ATOM   10   C  CA  . TYR A 1 16  ? 12.221  -20.834 -9.487  1.00 50.14 ? -3  TYR A CA  1 
ATOM   11   C  C   . TYR A 1 16  ? 11.004  -19.933 -9.216  1.00 50.37 ? -3  TYR A C   1 
ATOM   12   O  O   . TYR A 1 16  ? 10.417  -20.036 -8.139  1.00 49.44 ? -3  TYR A O   1 
ATOM   13   C  CB  . TYR A 1 16  ? 13.464  -20.212 -8.815  1.00 46.89 ? -3  TYR A CB  1 
ATOM   14   C  CG  . TYR A 1 16  ? 14.743  -21.043 -8.846  1.00 41.90 ? -3  TYR A CG  1 
ATOM   15   C  CD1 . TYR A 1 16  ? 15.027  -21.977 -7.835  1.00 39.79 ? -3  TYR A CD1 1 
ATOM   16   C  CD2 . TYR A 1 16  ? 15.692  -20.867 -9.863  1.00 39.11 ? -3  TYR A CD2 1 
ATOM   17   C  CE1 . TYR A 1 16  ? 16.222  -22.733 -7.844  1.00 38.40 ? -3  TYR A CE1 1 
ATOM   18   C  CE2 . TYR A 1 16  ? 16.887  -21.629 -9.892  1.00 40.41 ? -3  TYR A CE2 1 
ATOM   19   C  CZ  . TYR A 1 16  ? 17.142  -22.555 -8.875  1.00 37.42 ? -3  TYR A CZ  1 
ATOM   20   O  OH  . TYR A 1 16  ? 18.297  -23.286 -8.907  1.00 38.11 ? -3  TYR A OH  1 
ATOM   21   N  N   . PHE A 1 17  ? 10.623  -19.100 -10.195 1.00 51.28 ? -2  PHE A N   1 
ATOM   22   C  CA  . PHE A 1 17  ? 9.515   -18.126 -10.069 1.00 52.24 ? -2  PHE A CA  1 
ATOM   23   C  C   . PHE A 1 17  ? 8.187   -18.489 -10.755 1.00 53.41 ? -2  PHE A C   1 
ATOM   24   O  O   . PHE A 1 17  ? 7.331   -17.608 -10.925 1.00 54.16 ? -2  PHE A O   1 
ATOM   25   C  CB  . PHE A 1 17  ? 10.038  -16.758 -10.534 1.00 52.99 ? -2  PHE A CB  1 
ATOM   26   C  CG  . PHE A 1 17  ? 11.089  -16.208 -9.633  1.00 54.78 ? -2  PHE A CG  1 
ATOM   27   C  CD1 . PHE A 1 17  ? 10.722  -15.435 -8.516  1.00 59.61 ? -2  PHE A CD1 1 
ATOM   28   C  CD2 . PHE A 1 17  ? 12.447  -16.494 -9.856  1.00 57.03 ? -2  PHE A CD2 1 
ATOM   29   C  CE1 . PHE A 1 17  ? 11.704  -14.928 -7.642  1.00 59.34 ? -2  PHE A CE1 1 
ATOM   30   C  CE2 . PHE A 1 17  ? 13.439  -15.998 -8.991  1.00 57.03 ? -2  PHE A CE2 1 
ATOM   31   C  CZ  . PHE A 1 17  ? 13.062  -15.219 -7.886  1.00 56.38 ? -2  PHE A CZ  1 
ATOM   32   N  N   . GLN A 1 18  ? 7.991   -19.770 -11.100 1.00 53.43 ? -1  GLN A N   1 
ATOM   33   C  CA  . GLN A 1 18  ? 6.761   -20.255 -11.769 1.00 53.59 ? -1  GLN A CA  1 
ATOM   34   C  C   . GLN A 1 18  ? 5.494   -19.889 -10.977 1.00 54.27 ? -1  GLN A C   1 
ATOM   35   O  O   . GLN A 1 18  ? 4.534   -19.385 -11.551 1.00 56.25 ? -1  GLN A O   1 
ATOM   36   C  CB  . GLN A 1 18  ? 6.815   -21.776 -12.025 1.00 53.80 ? -1  GLN A CB  1 
ATOM   37   N  N   . GLY A 1 19  ? 5.534   -20.091 -9.661  1.00 53.44 ? 0   GLY A N   1 
ATOM   38   C  CA  . GLY A 1 19  ? 4.431   -19.737 -8.765  1.00 53.49 ? 0   GLY A CA  1 
ATOM   39   C  C   . GLY A 1 19  ? 4.172   -18.259 -8.450  1.00 53.84 ? 0   GLY A C   1 
ATOM   40   O  O   . GLY A 1 19  ? 3.206   -17.956 -7.742  1.00 54.67 ? 0   GLY A O   1 
HETATM 41   N  N   . MSE A 1 20  ? 5.029   -17.353 -8.934  1.00 52.55 ? 1   MSE A N   1 
HETATM 42   C  CA  . MSE A 1 20  ? 4.899   -15.910 -8.695  1.00 51.98 ? 1   MSE A CA  1 
HETATM 43   C  C   . MSE A 1 20  ? 3.908   -15.280 -9.672  1.00 50.16 ? 1   MSE A C   1 
HETATM 44   O  O   . MSE A 1 20  ? 4.103   -15.392 -10.875 1.00 50.91 ? 1   MSE A O   1 
HETATM 45   C  CB  . MSE A 1 20  ? 6.268   -15.225 -8.900  1.00 52.43 ? 1   MSE A CB  1 
HETATM 46   C  CG  . MSE A 1 20  ? 6.277   -13.719 -8.837  1.00 53.40 ? 1   MSE A CG  1 
HETATM 47   SE SE  . MSE A 1 20  ? 5.979   -13.143 -7.059  0.75 59.12 ? 1   MSE A SE  1 
HETATM 48   C  CE  . MSE A 1 20  ? 7.643   -12.529 -6.847  1.00 34.34 ? 1   MSE A CE  1 
ATOM   49   N  N   . HIS A 1 21  ? 2.919   -14.546 -9.159  1.00 48.23 ? 2   HIS A N   1 
ATOM   50   C  CA  . HIS A 1 21  ? 1.991   -13.782 -10.017 1.00 46.38 ? 2   HIS A CA  1 
ATOM   51   C  C   . HIS A 1 21  ? 2.740   -12.495 -10.499 1.00 45.51 ? 2   HIS A C   1 
ATOM   52   O  O   . HIS A 1 21  ? 3.381   -11.838 -9.674  1.00 46.20 ? 2   HIS A O   1 
ATOM   53   C  CB  . HIS A 1 21  ? 0.704   -13.404 -9.269  1.00 46.38 ? 2   HIS A CB  1 
ATOM   54   C  CG  . HIS A 1 21  ? -0.364  -12.883 -10.173 1.00 44.96 ? 2   HIS A CG  1 
ATOM   55   N  ND1 . HIS A 1 21  ? -0.315  -11.626 -10.728 1.00 42.92 ? 2   HIS A ND1 1 
ATOM   56   C  CD2 . HIS A 1 21  ? -1.487  -13.465 -10.658 1.00 48.20 ? 2   HIS A CD2 1 
ATOM   57   C  CE1 . HIS A 1 21  ? -1.357  -11.454 -11.524 1.00 46.86 ? 2   HIS A CE1 1 
ATOM   58   N  NE2 . HIS A 1 21  ? -2.093  -12.550 -11.486 1.00 43.19 ? 2   HIS A NE2 1 
ATOM   59   N  N   . PRO A 1 22  ? 2.673   -12.133 -11.806 1.00 45.68 ? 3   PRO A N   1 
ATOM   60   C  CA  . PRO A 1 22  ? 3.358   -10.936 -12.349 1.00 45.74 ? 3   PRO A CA  1 
ATOM   61   C  C   . PRO A 1 22  ? 3.101   -9.608  -11.643 1.00 45.28 ? 3   PRO A C   1 
ATOM   62   O  O   . PRO A 1 22  ? 4.020   -8.805  -11.501 1.00 44.87 ? 3   PRO A O   1 
ATOM   63   C  CB  . PRO A 1 22  ? 2.832   -10.858 -13.783 1.00 45.91 ? 3   PRO A CB  1 
ATOM   64   C  CG  . PRO A 1 22  ? 2.492   -12.197 -14.120 1.00 47.03 ? 3   PRO A CG  1 
ATOM   65   C  CD  . PRO A 1 22  ? 1.989   -12.856 -12.896 1.00 45.24 ? 3   PRO A CD  1 
ATOM   66   N  N   . THR A 1 23  ? 1.846   -9.366  -11.267 1.00 44.48 ? 4   THR A N   1 
ATOM   67   C  CA  . THR A 1 23  ? 1.453   -8.175  -10.488 1.00 44.29 ? 4   THR A CA  1 
ATOM   68   C  C   . THR A 1 23  ? 2.165   -8.077  -9.148  1.00 43.57 ? 4   THR A C   1 
ATOM   69   O  O   . THR A 1 23  ? 2.538   -6.973  -8.732  1.00 42.90 ? 4   THR A O   1 
ATOM   70   C  CB  . THR A 1 23  ? -0.073  -8.120  -10.257 1.00 44.51 ? 4   THR A CB  1 
ATOM   71   O  OG1 . THR A 1 23  ? -0.721  -8.155  -11.530 1.00 44.49 ? 4   THR A OG1 1 
ATOM   72   C  CG2 . THR A 1 23  ? -0.500  -6.841  -9.490  1.00 44.00 ? 4   THR A CG2 1 
ATOM   73   N  N   . ILE A 1 24  ? 2.347   -9.223  -8.491  1.00 43.87 ? 5   ILE A N   1 
ATOM   74   C  CA  . ILE A 1 24  ? 3.051   -9.304  -7.201  1.00 44.03 ? 5   ILE A CA  1 
ATOM   75   C  C   . ILE A 1 24  ? 4.549   -8.995  -7.408  1.00 43.83 ? 5   ILE A C   1 
ATOM   76   O  O   . ILE A 1 24  ? 5.124   -8.259  -6.609  1.00 43.65 ? 5   ILE A O   1 
ATOM   77   C  CB  . ILE A 1 24  ? 2.818   -10.676 -6.494  1.00 43.65 ? 5   ILE A CB  1 
ATOM   78   C  CG1 . ILE A 1 24  ? 1.319   -10.895 -6.229  1.00 43.16 ? 5   ILE A CG1 1 
ATOM   79   C  CG2 . ILE A 1 24  ? 3.632   -10.804 -5.195  1.00 44.51 ? 5   ILE A CG2 1 
ATOM   80   C  CD1 . ILE A 1 24  ? 0.639   -9.870  -5.331  1.00 38.69 ? 5   ILE A CD1 1 
ATOM   81   N  N   . ALA A 1 25  ? 5.154   -9.529  -8.474  1.00 44.94 ? 6   ALA A N   1 
ATOM   82   C  CA  . ALA A 1 25  ? 6.555   -9.210  -8.843  1.00 46.38 ? 6   ALA A CA  1 
ATOM   83   C  C   . ALA A 1 25  ? 6.730   -7.698  -9.128  1.00 47.21 ? 6   ALA A C   1 
ATOM   84   O  O   . ALA A 1 25  ? 7.647   -7.072  -8.577  1.00 46.77 ? 6   ALA A O   1 
ATOM   85   C  CB  . ALA A 1 25  ? 7.012   -10.040 -10.061 1.00 45.42 ? 6   ALA A CB  1 
ATOM   86   N  N   . ARG A 1 26  ? 5.822   -7.139  -9.948  1.00 48.56 ? 7   ARG A N   1 
ATOM   87   C  CA  A ARG A 1 26  ? 5.860   -5.708  -10.309 0.50 49.08 ? 7   ARG A CA  1 
ATOM   88   C  CA  B ARG A 1 26  ? 5.827   -5.700  -10.312 0.50 49.01 ? 7   ARG A CA  1 
ATOM   89   C  C   . ARG A 1 26  ? 5.645   -4.786  -9.091  1.00 49.13 ? 7   ARG A C   1 
ATOM   90   O  O   . ARG A 1 26  ? 6.307   -3.752  -8.966  1.00 48.52 ? 7   ARG A O   1 
ATOM   91   C  CB  A ARG A 1 26  ? 4.858   -5.402  -11.446 0.50 49.11 ? 7   ARG A CB  1 
ATOM   92   C  CB  B ARG A 1 26  ? 4.767   -5.370  -11.396 0.50 49.25 ? 7   ARG A CB  1 
ATOM   93   C  CG  A ARG A 1 26  ? 4.841   -3.955  -11.996 0.50 49.05 ? 7   ARG A CG  1 
ATOM   94   C  CG  B ARG A 1 26  ? 5.172   -5.791  -12.823 0.50 51.05 ? 7   ARG A CG  1 
ATOM   95   C  CD  A ARG A 1 26  ? 6.224   -3.412  -12.389 0.50 49.63 ? 7   ARG A CD  1 
ATOM   96   C  CD  B ARG A 1 26  ? 4.265   -5.211  -13.938 0.50 51.55 ? 7   ARG A CD  1 
ATOM   97   N  NE  A ARG A 1 26  ? 6.127   -2.072  -12.972 0.50 49.76 ? 7   ARG A NE  1 
ATOM   98   N  NE  B ARG A 1 26  ? 3.116   -6.061  -14.287 0.50 55.40 ? 7   ARG A NE  1 
ATOM   99   C  CZ  A ARG A 1 26  ? 7.140   -1.208  -13.141 0.50 51.19 ? 7   ARG A CZ  1 
ATOM   100  C  CZ  B ARG A 1 26  ? 3.094   -7.040  -15.212 0.50 57.21 ? 7   ARG A CZ  1 
ATOM   101  N  NH1 A ARG A 1 26  ? 8.404   -1.493  -12.785 0.50 51.59 ? 7   ARG A NH1 1 
ATOM   102  N  NH1 B ARG A 1 26  ? 4.179   -7.382  -15.937 0.50 57.12 ? 7   ARG A NH1 1 
ATOM   103  N  NH2 A ARG A 1 26  ? 6.880   -0.011  -13.682 0.50 51.94 ? 7   ARG A NH2 1 
ATOM   104  N  NH2 B ARG A 1 26  ? 1.954   -7.717  -15.415 0.50 57.43 ? 7   ARG A NH2 1 
HETATM 105  N  N   . MSE A 1 27  ? 4.733   -5.170  -8.209  1.00 49.86 ? 8   MSE A N   1 
HETATM 106  C  CA  . MSE A 1 27  ? 4.426   -4.430  -6.975  1.00 52.89 ? 8   MSE A CA  1 
HETATM 107  C  C   . MSE A 1 27  ? 5.641   -4.222  -6.049  1.00 54.54 ? 8   MSE A C   1 
HETATM 108  O  O   . MSE A 1 27  ? 5.762   -3.154  -5.447  1.00 54.78 ? 8   MSE A O   1 
HETATM 109  C  CB  . MSE A 1 27  ? 3.318   -5.191  -6.235  1.00 51.94 ? 8   MSE A CB  1 
HETATM 110  C  CG  . MSE A 1 27  ? 2.848   -4.675  -4.962  1.00 57.00 ? 8   MSE A CG  1 
HETATM 111  SE SE  . MSE A 1 27  ? 1.665   -5.999  -4.262  0.75 50.57 ? 8   MSE A SE  1 
HETATM 112  C  CE  . MSE A 1 27  ? 1.513   -5.043  -2.688  1.00 49.05 ? 8   MSE A CE  1 
ATOM   113  N  N   . GLN A 1 28  ? 6.508   -5.238  -5.941  1.00 56.93 ? 9   GLN A N   1 
ATOM   114  C  CA  . GLN A 1 28  ? 7.702   -5.182  -5.070  1.00 59.30 ? 9   GLN A CA  1 
ATOM   115  C  C   . GLN A 1 28  ? 8.638   -4.053  -5.469  1.00 64.09 ? 9   GLN A C   1 
ATOM   116  O  O   . GLN A 1 28  ? 9.006   -3.223  -4.632  1.00 65.89 ? 9   GLN A O   1 
ATOM   117  C  CB  . GLN A 1 28  ? 8.472   -6.498  -5.082  1.00 59.78 ? 9   GLN A CB  1 
ATOM   118  C  CG  . GLN A 1 28  ? 7.746   -7.620  -4.395  1.00 60.54 ? 9   GLN A CG  1 
ATOM   119  C  CD  . GLN A 1 28  ? 8.435   -8.953  -4.602  1.00 60.28 ? 9   GLN A CD  1 
ATOM   120  O  OE1 . GLN A 1 28  ? 7.855   -9.874  -5.180  1.00 65.26 ? 9   GLN A OE1 1 
ATOM   121  N  NE2 . GLN A 1 28  ? 9.688   -9.050  -4.172  1.00 55.71 ? 9   GLN A NE2 1 
ATOM   122  N  N   . GLU A 1 29  ? 8.985   -4.034  -6.750  1.00 67.90 ? 10  GLU A N   1 
ATOM   123  C  CA  . GLU A 1 29  ? 9.839   -2.980  -7.322  1.00 72.33 ? 10  GLU A CA  1 
ATOM   124  C  C   . GLU A 1 29  ? 9.261   -1.540  -7.325  1.00 73.32 ? 10  GLU A C   1 
ATOM   125  O  O   . GLU A 1 29  ? 10.051  -0.593  -7.283  1.00 74.82 ? 10  GLU A O   1 
ATOM   126  C  CB  . GLU A 1 29  ? 10.394  -3.396  -8.715  1.00 72.92 ? 10  GLU A CB  1 
ATOM   127  C  CG  . GLU A 1 29  ? 9.390   -3.823  -9.838  1.00 75.01 ? 10  GLU A CG  1 
ATOM   128  C  CD  . GLU A 1 29  ? 10.040  -4.539  -11.044 1.00 74.47 ? 10  GLU A CD  1 
ATOM   129  O  OE1 . GLU A 1 29  ? 11.241  -4.903  -10.999 1.00 81.33 ? 10  GLU A OE1 1 
ATOM   130  O  OE2 . GLU A 1 29  ? 9.323   -4.773  -12.047 1.00 78.29 ? 10  GLU A OE2 1 
ATOM   131  N  N   . VAL A 1 30  ? 7.927   -1.392  -7.279  1.00 73.21 ? 11  VAL A N   1 
ATOM   132  C  CA  . VAL A 1 30  ? 7.214   -0.094  -7.380  1.00 73.48 ? 11  VAL A CA  1 
ATOM   133  C  C   . VAL A 1 30  ? 6.707   0.503   -6.049  1.00 74.13 ? 11  VAL A C   1 
ATOM   134  O  O   . VAL A 1 30  ? 6.831   1.719   -5.848  1.00 73.37 ? 11  VAL A O   1 
ATOM   135  C  CB  . VAL A 1 30  ? 6.021   -0.239  -8.393  1.00 72.62 ? 11  VAL A CB  1 
ATOM   136  C  CG1 . VAL A 1 30  ? 5.102   0.965   -8.400  1.00 73.71 ? 11  VAL A CG1 1 
ATOM   137  C  CG2 . VAL A 1 30  ? 6.554   -0.490  -9.786  1.00 71.89 ? 11  VAL A CG2 1 
ATOM   138  N  N   . VAL A 1 31  ? 6.092   -0.327  -5.194  1.00 75.01 ? 12  VAL A N   1 
ATOM   139  C  CA  . VAL A 1 31  ? 5.535   0.108   -3.873  1.00 76.43 ? 12  VAL A CA  1 
ATOM   140  C  C   . VAL A 1 31  ? 6.618   0.669   -2.925  1.00 77.67 ? 12  VAL A C   1 
ATOM   141  O  O   . VAL A 1 31  ? 6.365   1.671   -2.221  1.00 76.93 ? 12  VAL A O   1 
ATOM   142  C  CB  . VAL A 1 31  ? 4.693   -1.031  -3.184  1.00 75.98 ? 12  VAL A CB  1 
ATOM   143  C  CG1 . VAL A 1 31  ? 4.298   -0.691  -1.746  1.00 75.66 ? 12  VAL A CG1 1 
ATOM   144  C  CG2 . VAL A 1 31  ? 3.443   -1.310  -3.994  1.00 76.48 ? 12  VAL A CG2 1 
ATOM   145  N  N   . ALA A 1 32  ? 7.797   0.019   -2.931  1.00 79.28 ? 13  ALA A N   1 
ATOM   146  C  CA  . ALA A 1 32  ? 8.995   0.457   -2.174  1.00 80.33 ? 13  ALA A CA  1 
ATOM   147  C  C   . ALA A 1 32  ? 9.345   1.930   -2.478  1.00 81.54 ? 13  ALA A C   1 
ATOM   148  O  O   . ALA A 1 32  ? 9.337   2.777   -1.569  1.00 81.50 ? 13  ALA A O   1 
ATOM   149  C  CB  . ALA A 1 32  ? 10.207  -0.451  -2.498  1.00 80.81 ? 13  ALA A CB  1 
ATOM   150  N  N   . LYS A 1 33  ? 9.552   2.212   -3.774  1.00 82.39 ? 14  LYS A N   1 
ATOM   151  C  CA  . LYS A 1 33  ? 9.877   3.572   -4.289  1.00 82.36 ? 14  LYS A CA  1 
ATOM   152  C  C   . LYS A 1 33  ? 8.799   4.642   -4.046  1.00 83.02 ? 14  LYS A C   1 
ATOM   153  O  O   . LYS A 1 33  ? 9.130   5.838   -4.061  1.00 83.52 ? 14  LYS A O   1 
ATOM   154  C  CB  . LYS A 1 33  ? 10.149  3.553   -5.804  1.00 82.35 ? 14  LYS A CB  1 
ATOM   155  C  CG  . LYS A 1 33  ? 11.328  2.705   -6.262  1.00 83.48 ? 14  LYS A CG  1 
ATOM   156  C  CD  . LYS A 1 33  ? 11.409  2.707   -7.787  1.00 83.29 ? 14  LYS A CD  1 
ATOM   157  C  CE  . LYS A 1 33  ? 12.444  1.721   -8.307  1.00 84.60 ? 14  LYS A CE  1 
ATOM   158  N  NZ  . LYS A 1 33  ? 12.424  1.655   -9.800  1.00 85.38 ? 14  LYS A NZ  1 
ATOM   159  N  N   . GLY A 1 34  ? 7.534   4.230   -3.854  1.00 82.79 ? 15  GLY A N   1 
ATOM   160  C  CA  . GLY A 1 34  ? 6.407   5.159   -3.682  1.00 82.07 ? 15  GLY A CA  1 
ATOM   161  C  C   . GLY A 1 34  ? 6.130   6.028   -4.913  1.00 82.09 ? 15  GLY A C   1 
ATOM   162  O  O   . GLY A 1 34  ? 5.711   7.186   -4.755  1.00 82.37 ? 15  GLY A O   1 
ATOM   163  N  N   . ASP A 1 35  ? 6.385   5.486   -6.122  1.00 81.52 ? 16  ASP A N   1 
ATOM   164  C  CA  . ASP A 1 35  ? 6.156   6.205   -7.391  1.00 80.16 ? 16  ASP A CA  1 
ATOM   165  C  C   . ASP A 1 35  ? 4.674   5.990   -7.703  1.00 76.62 ? 16  ASP A C   1 
ATOM   166  O  O   . ASP A 1 35  ? 4.271   4.892   -8.092  1.00 76.65 ? 16  ASP A O   1 
ATOM   167  C  CB  . ASP A 1 35  ? 7.061   5.696   -8.533  1.00 81.04 ? 16  ASP A CB  1 
ATOM   168  C  CG  . ASP A 1 35  ? 6.984   6.570   -9.820  1.00 82.91 ? 16  ASP A CG  1 
ATOM   169  O  OD1 . ASP A 1 35  ? 6.193   7.549   -9.927  1.00 84.82 ? 16  ASP A OD1 1 
ATOM   170  O  OD2 . ASP A 1 35  ? 7.762   6.266   -10.751 1.00 90.63 ? 16  ASP A OD2 1 
ATOM   171  N  N   . GLU A 1 36  ? 3.890   7.049   -7.508  1.00 72.68 ? 17  GLU A N   1 
ATOM   172  C  CA  . GLU A 1 36  ? 2.429   7.042   -7.670  1.00 69.01 ? 17  GLU A CA  1 
ATOM   173  C  C   . GLU A 1 36  ? 1.941   6.592   -9.046  1.00 66.63 ? 17  GLU A C   1 
ATOM   174  O  O   . GLU A 1 36  ? 1.009   5.793   -9.129  1.00 65.67 ? 17  GLU A O   1 
ATOM   175  C  CB  . GLU A 1 36  ? 1.890   8.428   -7.326  1.00 68.92 ? 17  GLU A CB  1 
ATOM   176  C  CG  . GLU A 1 36  ? 0.390   8.624   -7.453  1.00 68.46 ? 17  GLU A CG  1 
ATOM   177  C  CD  . GLU A 1 36  ? -0.082  9.953   -6.926  1.00 67.63 ? 17  GLU A CD  1 
ATOM   178  O  OE1 . GLU A 1 36  ? 0.604   10.574  -6.089  1.00 60.73 ? 17  GLU A OE1 1 
ATOM   179  O  OE2 . GLU A 1 36  ? -1.170  10.373  -7.341  1.00 63.97 ? 17  GLU A OE2 1 
ATOM   180  N  N   . SER A 1 37  ? 2.574   7.121   -10.095 1.00 64.83 ? 18  SER A N   1 
ATOM   181  C  CA  . SER A 1 37  ? 2.256   6.773   -11.492 1.00 63.18 ? 18  SER A CA  1 
ATOM   182  C  C   . SER A 1 37  ? 2.430   5.274   -11.774 1.00 62.37 ? 18  SER A C   1 
ATOM   183  O  O   . SER A 1 37  ? 1.587   4.676   -12.444 1.00 62.66 ? 18  SER A O   1 
ATOM   184  C  CB  . SER A 1 37  ? 3.078   7.617   -12.491 1.00 63.60 ? 18  SER A CB  1 
ATOM   185  O  OG  . SER A 1 37  ? 4.476   7.504   -12.256 1.00 66.26 ? 18  SER A OG  1 
ATOM   186  N  N   . LEU A 1 38  ? 3.497   4.680   -11.238 1.00 60.70 ? 19  LEU A N   1 
ATOM   187  C  CA  . LEU A 1 38  ? 3.759   3.238   -11.408 1.00 59.47 ? 19  LEU A CA  1 
ATOM   188  C  C   . LEU A 1 38  ? 2.826   2.344   -10.566 1.00 57.45 ? 19  LEU A C   1 
ATOM   189  O  O   . LEU A 1 38  ? 2.513   1.228   -10.985 1.00 56.70 ? 19  LEU A O   1 
ATOM   190  C  CB  . LEU A 1 38  ? 5.239   2.905   -11.161 1.00 60.16 ? 19  LEU A CB  1 
ATOM   191  C  CG  . LEU A 1 38  ? 6.251   3.580   -12.110 1.00 61.82 ? 19  LEU A CG  1 
ATOM   192  C  CD1 . LEU A 1 38  ? 7.670   3.202   -11.696 1.00 63.50 ? 19  LEU A CD1 1 
ATOM   193  C  CD2 . LEU A 1 38  ? 6.028   3.247   -13.593 1.00 60.39 ? 19  LEU A CD2 1 
ATOM   194  N  N   . ILE A 1 39  ? 2.394   2.832   -9.401  1.00 55.42 ? 20  ILE A N   1 
ATOM   195  C  CA  . ILE A 1 39  ? 1.436   2.116   -8.535  1.00 54.32 ? 20  ILE A CA  1 
ATOM   196  C  C   . ILE A 1 39  ? 0.044   2.019   -9.204  1.00 52.71 ? 20  ILE A C   1 
ATOM   197  O  O   . ILE A 1 39  ? -0.544  0.941   -9.171  1.00 51.53 ? 20  ILE A O   1 
ATOM   198  C  CB  . ILE A 1 39  ? 1.323   2.784   -7.111  1.00 54.65 ? 20  ILE A CB  1 
ATOM   199  C  CG1 . ILE A 1 39  ? 2.646   2.658   -6.330  1.00 56.10 ? 20  ILE A CG1 1 
ATOM   200  C  CG2 . ILE A 1 39  ? 0.213   2.142   -6.283  1.00 55.02 ? 20  ILE A CG2 1 
ATOM   201  C  CD1 . ILE A 1 39  ? 2.789   3.632   -5.155  1.00 54.70 ? 20  ILE A CD1 1 
ATOM   202  N  N   . HIS A 1 40  ? -0.421  3.132   -9.810  1.00 52.07 ? 21  HIS A N   1 
ATOM   203  C  CA  A HIS A 1 40  ? -1.744  3.242   -10.452 0.50 51.27 ? 21  HIS A CA  1 
ATOM   204  C  CA  B HIS A 1 40  ? -1.741  3.246   -10.509 0.50 52.21 ? 21  HIS A CA  1 
ATOM   205  C  C   . HIS A 1 40  ? -2.109  2.042   -11.361 1.00 50.73 ? 21  HIS A C   1 
ATOM   206  O  O   . HIS A 1 40  ? -3.210  1.490   -11.234 1.00 49.59 ? 21  HIS A O   1 
ATOM   207  C  CB  A HIS A 1 40  ? -1.823  4.569   -11.236 0.50 51.09 ? 21  HIS A CB  1 
ATOM   208  C  CB  B HIS A 1 40  ? -1.798  4.432   -11.500 0.50 52.84 ? 21  HIS A CB  1 
ATOM   209  C  CG  A HIS A 1 40  ? -3.207  4.993   -11.601 0.50 49.40 ? 21  HIS A CG  1 
ATOM   210  C  CG  B HIS A 1 40  ? -2.125  5.754   -10.897 0.50 54.47 ? 21  HIS A CG  1 
ATOM   211  N  ND1 A HIS A 1 40  ? -3.824  4.600   -12.766 0.50 51.32 ? 21  HIS A ND1 1 
ATOM   212  N  ND1 B HIS A 1 40  ? -1.241  6.810   -10.908 0.50 58.70 ? 21  HIS A ND1 1 
ATOM   213  C  CD2 A HIS A 1 40  ? -4.078  5.818   -10.974 0.50 49.33 ? 21  HIS A CD2 1 
ATOM   214  C  CD2 B HIS A 1 40  ? -3.268  6.225   -10.350 0.50 56.22 ? 21  HIS A CD2 1 
ATOM   215  C  CE1 A HIS A 1 40  ? -5.022  5.152   -12.837 0.50 50.72 ? 21  HIS A CE1 1 
ATOM   216  C  CE1 B HIS A 1 40  ? -1.813  7.867   -10.363 0.50 57.69 ? 21  HIS A CE1 1 
ATOM   217  N  NE2 A HIS A 1 40  ? -5.201  5.894   -11.760 0.50 48.89 ? 21  HIS A NE2 1 
ATOM   218  N  NE2 B HIS A 1 40  ? -3.042  7.536   -10.012 0.50 58.61 ? 21  HIS A NE2 1 
ATOM   219  N  N   . ALA A 1 41  ? -1.178  1.656   -12.242 1.00 49.84 ? 22  ALA A N   1 
ATOM   220  C  CA  . ALA A 1 41  ? -1.377  0.545   -13.207 1.00 49.72 ? 22  ALA A CA  1 
ATOM   221  C  C   . ALA A 1 41  ? -1.644  -0.853  -12.618 1.00 48.93 ? 22  ALA A C   1 
ATOM   222  O  O   . ALA A 1 41  ? -2.223  -1.705  -13.299 1.00 49.19 ? 22  ALA A O   1 
ATOM   223  C  CB  . ALA A 1 41  ? -0.208  0.482   -14.212 1.00 50.32 ? 22  ALA A CB  1 
ATOM   224  N  N   . LEU A 1 42  ? -1.222  -1.076  -11.378 1.00 48.53 ? 23  LEU A N   1 
ATOM   225  C  CA  . LEU A 1 42  ? -1.447  -2.349  -10.672 1.00 48.25 ? 23  LEU A CA  1 
ATOM   226  C  C   . LEU A 1 42  ? -2.770  -2.437  -9.891  1.00 46.97 ? 23  LEU A C   1 
ATOM   227  O  O   . LEU A 1 42  ? -3.127  -3.530  -9.434  1.00 45.50 ? 23  LEU A O   1 
ATOM   228  C  CB  . LEU A 1 42  ? -0.277  -2.608  -9.709  1.00 49.21 ? 23  LEU A CB  1 
ATOM   229  C  CG  . LEU A 1 42  ? 1.133   -2.573  -10.336 1.00 50.19 ? 23  LEU A CG  1 
ATOM   230  C  CD1 . LEU A 1 42  ? 2.158   -2.954  -9.291  1.00 52.75 ? 23  LEU A CD1 1 
ATOM   231  C  CD2 . LEU A 1 42  ? 1.264   -3.471  -11.566 1.00 51.93 ? 23  LEU A CD2 1 
ATOM   232  N  N   . LEU A 1 43  ? -3.512  -1.327  -9.792  1.00 46.13 ? 24  LEU A N   1 
ATOM   233  C  CA  . LEU A 1 43  ? -4.711  -1.243  -8.953  1.00 45.77 ? 24  LEU A CA  1 
ATOM   234  C  C   . LEU A 1 43  ? -5.985  -1.409  -9.749  1.00 44.53 ? 24  LEU A C   1 
ATOM   235  O  O   . LEU A 1 43  ? -6.097  -0.860  -10.838 1.00 43.48 ? 24  LEU A O   1 
ATOM   236  C  CB  . LEU A 1 43  ? -4.755  0.117   -8.243  1.00 45.05 ? 24  LEU A CB  1 
ATOM   237  C  CG  . LEU A 1 43  ? -3.547  0.557   -7.412  1.00 44.23 ? 24  LEU A CG  1 
ATOM   238  C  CD1 . LEU A 1 43  ? -3.764  1.978   -6.835  1.00 42.35 ? 24  LEU A CD1 1 
ATOM   239  C  CD2 . LEU A 1 43  ? -3.208  -0.429  -6.311  1.00 38.59 ? 24  LEU A CD2 1 
ATOM   240  N  N   . ALA A 1 44  ? -6.958  -2.135  -9.193  1.00 43.87 ? 25  ALA A N   1 
ATOM   241  C  CA  . ALA A 1 44  ? -8.290  -2.245  -9.806  1.00 44.45 ? 25  ALA A CA  1 
ATOM   242  C  C   . ALA A 1 44  ? -8.953  -0.852  -9.736  1.00 44.87 ? 25  ALA A C   1 
ATOM   243  O  O   . ALA A 1 44  ? -8.642  -0.043  -8.826  1.00 44.32 ? 25  ALA A O   1 
ATOM   244  C  CB  . ALA A 1 44  ? -9.146  -3.295  -9.084  1.00 43.04 ? 25  ALA A CB  1 
ATOM   245  N  N   . GLU A 1 45  ? -9.839  -0.567  -10.697 1.00 45.14 ? 26  GLU A N   1 
ATOM   246  C  CA  A GLU A 1 45  ? -10.534 0.736   -10.756 0.50 45.34 ? 26  GLU A CA  1 
ATOM   247  C  CA  B GLU A 1 45  ? -10.574 0.722   -10.769 0.50 45.76 ? 26  GLU A CA  1 
ATOM   248  C  C   . GLU A 1 45  ? -11.208 1.107   -9.421  1.00 45.09 ? 26  GLU A C   1 
ATOM   249  O  O   . GLU A 1 45  ? -11.115 2.263   -8.989  1.00 44.70 ? 26  GLU A O   1 
ATOM   250  C  CB  A GLU A 1 45  ? -11.531 0.767   -11.921 0.50 45.44 ? 26  GLU A CB  1 
ATOM   251  C  CB  B GLU A 1 45  ? -11.649 0.699   -11.885 0.50 45.96 ? 26  GLU A CB  1 
ATOM   252  C  CG  A GLU A 1 45  ? -12.118 2.146   -12.215 0.50 46.07 ? 26  GLU A CG  1 
ATOM   253  C  CG  B GLU A 1 45  ? -12.808 -0.323  -11.688 0.50 48.09 ? 26  GLU A CG  1 
ATOM   254  C  CD  A GLU A 1 45  ? -12.820 2.238   -13.568 0.50 46.75 ? 26  GLU A CD  1 
ATOM   255  C  CD  B GLU A 1 45  ? -13.736 -0.495  -12.890 0.50 48.73 ? 26  GLU A CD  1 
ATOM   256  O  OE1 A GLU A 1 45  ? -12.314 1.677   -14.572 0.50 51.34 ? 26  GLU A OE1 1 
ATOM   257  O  OE1 B GLU A 1 45  ? -14.613 -1.385  -12.804 0.50 55.90 ? 26  GLU A OE1 1 
ATOM   258  O  OE2 A GLU A 1 45  ? -13.869 2.914   -13.634 0.50 51.46 ? 26  GLU A OE2 1 
ATOM   259  O  OE2 B GLU A 1 45  ? -13.608 0.232   -13.907 0.50 54.26 ? 26  GLU A OE2 1 
ATOM   260  N  N   . ASP A 1 46  ? -11.807 0.108   -8.758  1.00 45.13 ? 27  ASP A N   1 
ATOM   261  C  CA  . ASP A 1 46  ? -12.497 0.231   -7.462  1.00 45.29 ? 27  ASP A CA  1 
ATOM   262  C  C   . ASP A 1 46  ? -11.706 -0.425  -6.300  1.00 44.70 ? 27  ASP A C   1 
ATOM   263  O  O   . ASP A 1 46  ? -12.308 -0.972  -5.357  1.00 43.51 ? 27  ASP A O   1 
ATOM   264  C  CB  . ASP A 1 46  ? -13.929 -0.353  -7.588  1.00 46.27 ? 27  ASP A CB  1 
ATOM   265  C  CG  . ASP A 1 46  ? -13.963 -1.854  -8.002  1.00 51.99 ? 27  ASP A CG  1 
ATOM   266  O  OD1 . ASP A 1 46  ? -12.898 -2.480  -8.276  1.00 52.63 ? 27  ASP A OD1 1 
ATOM   267  O  OD2 . ASP A 1 46  ? -15.092 -2.394  -8.088  1.00 58.97 ? 27  ASP A OD2 1 
ATOM   268  N  N   . VAL A 1 47  ? -10.364 -0.366  -6.374  1.00 43.79 ? 28  VAL A N   1 
ATOM   269  C  CA  . VAL A 1 47  ? -9.474  -0.927  -5.334  1.00 43.50 ? 28  VAL A CA  1 
ATOM   270  C  C   . VAL A 1 47  ? -9.813  -0.354  -3.943  1.00 43.02 ? 28  VAL A C   1 
ATOM   271  O  O   . VAL A 1 47  ? -10.151 0.819   -3.837  1.00 41.48 ? 28  VAL A O   1 
ATOM   272  C  CB  . VAL A 1 47  ? -7.950  -0.672  -5.637  1.00 43.92 ? 28  VAL A CB  1 
ATOM   273  C  CG1 . VAL A 1 47  ? -7.633  0.837   -5.750  1.00 40.99 ? 28  VAL A CG1 1 
ATOM   274  C  CG2 . VAL A 1 47  ? -7.040  -1.359  -4.583  1.00 41.53 ? 28  VAL A CG2 1 
ATOM   275  N  N   . ARG A 1 48  ? -9.767  -1.213  -2.928  1.00 43.94 ? 29  ARG A N   1 
ATOM   276  C  CA  . ARG A 1 48  ? -10.014 -0.865  -1.531  1.00 44.59 ? 29  ARG A CA  1 
ATOM   277  C  C   . ARG A 1 48  ? -8.677  -0.942  -0.798  1.00 43.98 ? 29  ARG A C   1 
ATOM   278  O  O   . ARG A 1 48  ? -8.034  -1.992  -0.821  1.00 43.82 ? 29  ARG A O   1 
ATOM   279  C  CB  . ARG A 1 48  ? -11.015 -1.836  -0.928  1.00 44.89 ? 29  ARG A CB  1 
ATOM   280  C  CG  . ARG A 1 48  ? -12.396 -1.704  -1.538  1.00 47.78 ? 29  ARG A CG  1 
ATOM   281  C  CD  . ARG A 1 48  ? -13.392 -2.719  -1.011  1.00 49.19 ? 29  ARG A CD  1 
ATOM   282  N  NE  . ARG A 1 48  ? -13.174 -4.104  -1.474  1.00 59.54 ? 29  ARG A NE  1 
ATOM   283  C  CZ  . ARG A 1 48  ? -13.427 -4.596  -2.708  1.00 62.12 ? 29  ARG A CZ  1 
ATOM   284  N  NH1 . ARG A 1 48  ? -13.913 -3.847  -3.701  1.00 66.78 ? 29  ARG A NH1 1 
ATOM   285  N  NH2 . ARG A 1 48  ? -13.193 -5.887  -2.955  1.00 62.12 ? 29  ARG A NH2 1 
ATOM   286  N  N   . PHE A 1 49  ? -8.241  0.180   -0.214  1.00 43.92 ? 30  PHE A N   1 
ATOM   287  C  CA  . PHE A 1 49  ? -7.010  0.258   0.588   1.00 43.70 ? 30  PHE A CA  1 
ATOM   288  C  C   . PHE A 1 49  ? -7.403  0.478   2.055   1.00 43.53 ? 30  PHE A C   1 
ATOM   289  O  O   . PHE A 1 49  ? -8.112  1.435   2.349   1.00 43.76 ? 30  PHE A O   1 
ATOM   290  C  CB  . PHE A 1 49  ? -6.066  1.346   0.099   1.00 43.78 ? 30  PHE A CB  1 
ATOM   291  C  CG  . PHE A 1 49  ? -4.853  1.519   0.973   1.00 44.69 ? 30  PHE A CG  1 
ATOM   292  C  CD1 . PHE A 1 49  ? -3.840  0.550   0.977   1.00 46.42 ? 30  PHE A CD1 1 
ATOM   293  C  CD2 . PHE A 1 49  ? -4.734  2.626   1.821   1.00 46.91 ? 30  PHE A CD2 1 
ATOM   294  C  CE1 . PHE A 1 49  ? -2.708  0.680   1.809   1.00 43.90 ? 30  PHE A CE1 1 
ATOM   295  C  CE2 . PHE A 1 49  ? -3.611  2.778   2.670   1.00 46.91 ? 30  PHE A CE2 1 
ATOM   296  C  CZ  . PHE A 1 49  ? -2.590  1.805   2.663   1.00 46.03 ? 30  PHE A CZ  1 
HETATM 297  N  N   . MSE A 1 50  ? -6.923  -0.410  2.932   1.00 43.87 ? 31  MSE A N   1 
HETATM 298  C  CA  A MSE A 1 50  ? -7.193  -0.374  4.372   0.50 43.08 ? 31  MSE A CA  1 
HETATM 299  C  CA  B MSE A 1 50  ? -7.193  -0.389  4.383   0.50 44.09 ? 31  MSE A CA  1 
HETATM 300  C  C   . MSE A 1 50  ? -5.858  -0.167  5.114   1.00 44.18 ? 31  MSE A C   1 
HETATM 301  O  O   . MSE A 1 50  ? -5.051  -1.102  5.210   1.00 44.31 ? 31  MSE A O   1 
HETATM 302  C  CB  A MSE A 1 50  ? -7.882  -1.672  4.762   0.50 42.96 ? 31  MSE A CB  1 
HETATM 303  C  CB  B MSE A 1 50  ? -7.837  -1.708  4.843   0.50 44.87 ? 31  MSE A CB  1 
HETATM 304  C  CG  A MSE A 1 50  ? -9.339  -1.734  4.315   0.50 43.82 ? 31  MSE A CG  1 
HETATM 305  C  CG  B MSE A 1 50  ? -9.317  -1.864  4.545   0.50 49.41 ? 31  MSE A CG  1 
HETATM 306  SE SE  A MSE A 1 50  ? -9.920  -3.549  4.047   0.38 40.46 ? 31  MSE A SE  1 
HETATM 307  SE SE  B MSE A 1 50  ? -9.641  -2.444  2.749   0.37 56.95 ? 31  MSE A SE  1 
HETATM 308  C  CE  A MSE A 1 50  ? -8.997  -3.895  2.318   0.50 35.41 ? 31  MSE A CE  1 
HETATM 309  C  CE  B MSE A 1 50  ? -9.300  -4.306  2.926   0.50 53.90 ? 31  MSE A CE  1 
ATOM   310  N  N   . PRO A 1 51  ? -5.618  1.060   5.658   1.00 43.36 ? 32  PRO A N   1 
ATOM   311  C  CA  . PRO A 1 51  ? -4.322  1.333   6.284   1.00 43.27 ? 32  PRO A CA  1 
ATOM   312  C  C   . PRO A 1 51  ? -4.139  0.712   7.674   1.00 43.77 ? 32  PRO A C   1 
ATOM   313  O  O   . PRO A 1 51  ? -5.119  0.319   8.283   1.00 43.58 ? 32  PRO A O   1 
ATOM   314  C  CB  . PRO A 1 51  ? -4.332  2.860   6.378   1.00 44.64 ? 32  PRO A CB  1 
ATOM   315  C  CG  . PRO A 1 51  ? -5.737  3.183   6.662   1.00 43.62 ? 32  PRO A CG  1 
ATOM   316  C  CD  . PRO A 1 51  ? -6.505  2.245   5.786   1.00 44.06 ? 32  PRO A CD  1 
ATOM   317  N  N   . PRO A 1 52  ? -2.896  0.673   8.200   1.00 43.99 ? 33  PRO A N   1 
ATOM   318  C  CA  . PRO A 1 52  ? -2.708  0.119   9.554   1.00 44.05 ? 33  PRO A CA  1 
ATOM   319  C  C   . PRO A 1 52  ? -3.120  1.085   10.687  1.00 44.55 ? 33  PRO A C   1 
ATOM   320  O  O   . PRO A 1 52  ? -3.262  0.653   11.841  1.00 43.33 ? 33  PRO A O   1 
ATOM   321  C  CB  . PRO A 1 52  ? -1.207  -0.137  9.600   1.00 44.80 ? 33  PRO A CB  1 
ATOM   322  C  CG  . PRO A 1 52  ? -0.627  0.935   8.763   1.00 43.89 ? 33  PRO A CG  1 
ATOM   323  C  CD  . PRO A 1 52  ? -1.632  1.224   7.671   1.00 44.64 ? 33  PRO A CD  1 
ATOM   324  N  N   . THR A 1 53  ? -3.311  2.359   10.344  1.00 44.64 ? 34  THR A N   1 
ATOM   325  C  CA  . THR A 1 53  ? -3.622  3.438   11.274  1.00 45.33 ? 34  THR A CA  1 
ATOM   326  C  C   . THR A 1 53  ? -5.102  3.439   11.673  1.00 46.49 ? 34  THR A C   1 
ATOM   327  O  O   . THR A 1 53  ? -5.427  3.013   12.778  1.00 47.88 ? 34  THR A O   1 
ATOM   328  C  CB  . THR A 1 53  ? -3.202  4.778   10.648  1.00 44.73 ? 34  THR A CB  1 
ATOM   329  O  OG1 . THR A 1 53  ? -3.813  4.881   9.356   1.00 44.56 ? 34  THR A OG1 1 
ATOM   330  C  CG2 . THR A 1 53  ? -1.678  4.832   10.471  1.00 42.39 ? 34  THR A CG2 1 
ATOM   331  N  N   . TYR A 1 54  ? -5.993  3.834   10.757  1.00 46.41 ? 35  TYR A N   1 
ATOM   332  C  CA  . TYR A 1 54  ? -7.444  3.932   11.029  1.00 46.06 ? 35  TYR A CA  1 
ATOM   333  C  C   . TYR A 1 54  ? -8.201  2.719   10.504  1.00 45.37 ? 35  TYR A C   1 
ATOM   334  O  O   . TYR A 1 54  ? -7.784  2.140   9.508   1.00 45.17 ? 35  TYR A O   1 
ATOM   335  C  CB  . TYR A 1 54  ? -8.020  5.175   10.354  1.00 46.92 ? 35  TYR A CB  1 
ATOM   336  C  CG  . TYR A 1 54  ? -7.395  6.479   10.789  1.00 48.75 ? 35  TYR A CG  1 
ATOM   337  C  CD1 . TYR A 1 54  ? -7.529  6.934   12.113  1.00 46.94 ? 35  TYR A CD1 1 
ATOM   338  C  CD2 . TYR A 1 54  ? -6.697  7.294   9.873   1.00 48.76 ? 35  TYR A CD2 1 
ATOM   339  C  CE1 . TYR A 1 54  ? -6.959  8.178   12.530  1.00 48.91 ? 35  TYR A CE1 1 
ATOM   340  C  CE2 . TYR A 1 54  ? -6.127  8.524   10.275  1.00 48.82 ? 35  TYR A CE2 1 
ATOM   341  C  CZ  . TYR A 1 54  ? -6.265  8.960   11.598  1.00 48.51 ? 35  TYR A CZ  1 
ATOM   342  O  OH  . TYR A 1 54  ? -5.711  10.164  11.988  1.00 51.36 ? 35  TYR A OH  1 
ATOM   343  N  N   . TYR A 1 55  ? -9.332  2.373   11.137  1.00 45.88 ? 36  TYR A N   1 
ATOM   344  C  CA  . TYR A 1 55  ? -10.223 1.273   10.679  1.00 46.01 ? 36  TYR A CA  1 
ATOM   345  C  C   . TYR A 1 55  ? -11.206 1.861   9.647   1.00 45.91 ? 36  TYR A C   1 
ATOM   346  O  O   . TYR A 1 55  ? -12.415 1.960   9.872   1.00 45.14 ? 36  TYR A O   1 
ATOM   347  C  CB  . TYR A 1 55  ? -10.955 0.611   11.853  1.00 46.16 ? 36  TYR A CB  1 
ATOM   348  C  CG  . TYR A 1 55  ? -11.524 -0.757  11.546  1.00 46.40 ? 36  TYR A CG  1 
ATOM   349  C  CD1 . TYR A 1 55  ? -10.669 -1.832  11.273  1.00 47.98 ? 36  TYR A CD1 1 
ATOM   350  C  CD2 . TYR A 1 55  ? -12.907 -1.014  11.586  1.00 49.78 ? 36  TYR A CD2 1 
ATOM   351  C  CE1 . TYR A 1 55  ? -11.163 -3.128  11.010  1.00 49.98 ? 36  TYR A CE1 1 
ATOM   352  C  CE2 . TYR A 1 55  ? -13.420 -2.329  11.322  1.00 45.00 ? 36  TYR A CE2 1 
ATOM   353  C  CZ  . TYR A 1 55  ? -12.530 -3.363  11.026  1.00 47.53 ? 36  TYR A CZ  1 
ATOM   354  O  OH  . TYR A 1 55  ? -12.960 -4.645  10.773  1.00 51.08 ? 36  TYR A OH  1 
ATOM   355  N  N   . LYS A 1 56  ? -10.638 2.247   8.504   1.00 46.26 ? 37  LYS A N   1 
ATOM   356  C  CA  . LYS A 1 56  ? -11.342 2.895   7.401   1.00 46.07 ? 37  LYS A CA  1 
ATOM   357  C  C   . LYS A 1 56  ? -10.849 2.287   6.079   1.00 45.48 ? 37  LYS A C   1 
ATOM   358  O  O   . LYS A 1 56  ? -9.923  1.464   6.071   1.00 44.56 ? 37  LYS A O   1 
ATOM   359  C  CB  . LYS A 1 56  ? -11.079 4.407   7.442   1.00 46.55 ? 37  LYS A CB  1 
ATOM   360  C  CG  . LYS A 1 56  ? -11.583 5.155   8.683   1.00 50.22 ? 37  LYS A CG  1 
ATOM   361  C  CD  . LYS A 1 56  ? -13.109 5.201   8.743   1.00 53.55 ? 37  LYS A CD  1 
ATOM   362  C  CE  . LYS A 1 56  ? -13.624 5.892   9.996   1.00 55.49 ? 37  LYS A CE  1 
ATOM   363  N  NZ  . LYS A 1 56  ? -15.111 5.801   10.083  1.00 57.20 ? 37  LYS A NZ  1 
ATOM   364  N  N   . THR A 1 57  ? -11.489 2.697   4.983   1.00 44.56 ? 38  THR A N   1 
ATOM   365  C  CA  . THR A 1 57  ? -11.182 2.218   3.642   1.00 43.90 ? 38  THR A CA  1 
ATOM   366  C  C   . THR A 1 57  ? -11.146 3.383   2.663   1.00 43.52 ? 38  THR A C   1 
ATOM   367  O  O   . THR A 1 57  ? -12.089 4.192   2.632   1.00 42.77 ? 38  THR A O   1 
ATOM   368  C  CB  . THR A 1 57  ? -12.258 1.192   3.158   1.00 44.50 ? 38  THR A CB  1 
ATOM   369  O  OG1 . THR A 1 57  ? -12.391 0.136   4.117   1.00 46.62 ? 38  THR A OG1 1 
ATOM   370  C  CG2 . THR A 1 57  ? -11.896 0.584   1.783   1.00 43.77 ? 38  THR A CG2 1 
ATOM   371  N  N   . TRP A 1 58  ? -10.048 3.475   1.904   1.00 42.77 ? 39  TRP A N   1 
ATOM   372  C  CA  . TRP A 1 58  ? -9.917  4.391   0.768   1.00 42.41 ? 39  TRP A CA  1 
ATOM   373  C  C   . TRP A 1 58  ? -10.295 3.553   -0.465  1.00 42.98 ? 39  TRP A C   1 
ATOM   374  O  O   . TRP A 1 58  ? -9.726  2.474   -0.663  1.00 42.20 ? 39  TRP A O   1 
ATOM   375  C  CB  . TRP A 1 58  ? -8.486  4.880   0.580   1.00 41.99 ? 39  TRP A CB  1 
ATOM   376  C  CG  . TRP A 1 58  ? -7.975  5.797   1.618   1.00 42.81 ? 39  TRP A CG  1 
ATOM   377  C  CD1 . TRP A 1 58  ? -7.249  5.460   2.713   1.00 42.37 ? 39  TRP A CD1 1 
ATOM   378  C  CD2 . TRP A 1 58  ? -8.090  7.227   1.628   1.00 42.14 ? 39  TRP A CD2 1 
ATOM   379  N  NE1 . TRP A 1 58  ? -6.915  6.585   3.417   1.00 44.36 ? 39  TRP A NE1 1 
ATOM   380  C  CE2 . TRP A 1 58  ? -7.414  7.687   2.779   1.00 43.26 ? 39  TRP A CE2 1 
ATOM   381  C  CE3 . TRP A 1 58  ? -8.709  8.166   0.779   1.00 42.84 ? 39  TRP A CE3 1 
ATOM   382  C  CZ2 . TRP A 1 58  ? -7.328  9.054   3.116   1.00 43.85 ? 39  TRP A CZ2 1 
ATOM   383  C  CZ3 . TRP A 1 58  ? -8.627  9.538   1.112   1.00 42.44 ? 39  TRP A CZ3 1 
ATOM   384  C  CH2 . TRP A 1 58  ? -7.933  9.962   2.269   1.00 42.25 ? 39  TRP A CH2 1 
ATOM   385  N  N   . THR A 1 59  ? -11.219 4.060   -1.291  1.00 43.63 ? 40  THR A N   1 
ATOM   386  C  CA  . THR A 1 59  ? -11.710 3.363   -2.484  1.00 43.56 ? 40  THR A CA  1 
ATOM   387  C  C   . THR A 1 59  ? -11.423 4.175   -3.753  1.00 43.46 ? 40  THR A C   1 
ATOM   388  O  O   . THR A 1 59  ? -11.691 5.373   -3.789  1.00 42.22 ? 40  THR A O   1 
ATOM   389  C  CB  . THR A 1 59  ? -13.216 3.051   -2.364  1.00 44.95 ? 40  THR A CB  1 
ATOM   390  O  OG1 . THR A 1 59  ? -13.440 2.269   -1.180  1.00 43.88 ? 40  THR A OG1 1 
ATOM   391  C  CG2 . THR A 1 59  ? -13.725 2.265   -3.598  1.00 44.29 ? 40  THR A CG2 1 
ATOM   392  N  N   . GLY A 1 60  ? -10.874 3.510   -4.772  1.00 43.84 ? 41  GLY A N   1 
ATOM   393  C  CA  . GLY A 1 60  ? -10.574 4.118   -6.082  1.00 44.17 ? 41  GLY A CA  1 
ATOM   394  C  C   . GLY A 1 60  ? -9.088  4.160   -6.378  1.00 44.10 ? 41  GLY A C   1 
ATOM   395  O  O   . GLY A 1 60  ? -8.310  4.515   -5.496  1.00 44.25 ? 41  GLY A O   1 
ATOM   396  N  N   . ARG A 1 61  ? -8.717  3.838   -7.622  1.00 44.83 ? 42  ARG A N   1 
ATOM   397  C  CA  A ARG A 1 61  ? -7.303  3.802   -8.022  0.50 46.36 ? 42  ARG A CA  1 
ATOM   398  C  CA  B ARG A 1 61  ? -7.318  3.824   -8.111  0.50 45.58 ? 42  ARG A CA  1 
ATOM   399  C  C   . ARG A 1 61  ? -6.593  5.157   -7.872  1.00 45.76 ? 42  ARG A C   1 
ATOM   400  O  O   . ARG A 1 61  ? -5.447  5.178   -7.426  1.00 45.95 ? 42  ARG A O   1 
ATOM   401  C  CB  A ARG A 1 61  ? -7.084  3.207   -9.430  0.50 46.12 ? 42  ARG A CB  1 
ATOM   402  C  CB  B ARG A 1 61  ? -7.302  3.504   -9.625  0.50 45.07 ? 42  ARG A CB  1 
ATOM   403  C  CG  A ARG A 1 61  ? -7.777  3.915   -10.593 0.50 47.75 ? 42  ARG A CG  1 
ATOM   404  C  CG  B ARG A 1 61  ? -5.927  3.478   -10.334 0.50 45.81 ? 42  ARG A CG  1 
ATOM   405  C  CD  A ARG A 1 61  ? -7.140  3.572   -11.949 0.50 49.76 ? 42  ARG A CD  1 
ATOM   406  C  CD  B ARG A 1 61  ? -6.087  3.364   -11.820 0.50 47.60 ? 42  ARG A CD  1 
ATOM   407  N  NE  A ARG A 1 61  ? -7.286  2.161   -12.334 0.50 55.08 ? 42  ARG A NE  1 
ATOM   408  N  NE  B ARG A 1 61  ? -6.602  2.059   -12.260 0.50 53.14 ? 42  ARG A NE  1 
ATOM   409  C  CZ  A ARG A 1 61  ? -8.117  1.642   -13.258 0.50 53.63 ? 42  ARG A CZ  1 
ATOM   410  C  CZ  B ARG A 1 61  ? -6.005  1.180   -13.089 0.50 54.54 ? 42  ARG A CZ  1 
ATOM   411  N  NH1 A ARG A 1 61  ? -8.965  2.387   -13.987 0.50 54.19 ? 42  ARG A NH1 1 
ATOM   412  N  NH1 B ARG A 1 61  ? -4.807  1.398   -13.651 0.50 56.59 ? 42  ARG A NH1 1 
ATOM   413  N  NH2 A ARG A 1 61  ? -8.098  0.316   -13.460 0.50 54.14 ? 42  ARG A NH2 1 
ATOM   414  N  NH2 B ARG A 1 61  ? -6.640  0.029   -13.371 0.50 53.33 ? 42  ARG A NH2 1 
ATOM   415  N  N   . ASP A 1 62  ? -7.263  6.265   -8.218  1.00 45.98 ? 43  ASP A N   1 
ATOM   416  C  CA  . ASP A 1 62  ? -6.662  7.612   -8.074  1.00 46.23 ? 43  ASP A CA  1 
ATOM   417  C  C   . ASP A 1 62  ? -6.338  7.978   -6.609  1.00 45.86 ? 43  ASP A C   1 
ATOM   418  O  O   . ASP A 1 62  ? -5.173  8.263   -6.305  1.00 45.51 ? 43  ASP A O   1 
ATOM   419  C  CB  . ASP A 1 62  ? -7.492  8.702   -8.777  1.00 47.78 ? 43  ASP A CB  1 
ATOM   420  C  CG  . ASP A 1 62  ? -7.445  8.619   -10.295 1.00 51.22 ? 43  ASP A CG  1 
ATOM   421  O  OD1 . ASP A 1 62  ? -6.861  7.678   -10.868 1.00 56.04 ? 43  ASP A OD1 1 
ATOM   422  O  OD2 . ASP A 1 62  ? -8.027  9.523   -10.928 1.00 55.65 ? 43  ASP A OD2 1 
ATOM   423  N  N   . PRO A 1 63  ? -7.344  7.978   -5.706  1.00 45.69 ? 44  PRO A N   1 
ATOM   424  C  CA  . PRO A 1 63  ? -7.011  8.245   -4.301  1.00 44.75 ? 44  PRO A CA  1 
ATOM   425  C  C   . PRO A 1 63  ? -6.065  7.220   -3.623  1.00 44.42 ? 44  PRO A C   1 
ATOM   426  O  O   . PRO A 1 63  ? -5.194  7.632   -2.845  1.00 43.51 ? 44  PRO A O   1 
ATOM   427  C  CB  . PRO A 1 63  ? -8.384  8.304   -3.610  1.00 45.53 ? 44  PRO A CB  1 
ATOM   428  C  CG  . PRO A 1 63  ? -9.338  7.702   -4.524  1.00 46.86 ? 44  PRO A CG  1 
ATOM   429  C  CD  . PRO A 1 63  ? -8.807  7.867   -5.901  1.00 46.24 ? 44  PRO A CD  1 
ATOM   430  N  N   . VAL A 1 64  ? -6.214  5.929   -3.939  1.00 43.59 ? 45  VAL A N   1 
ATOM   431  C  CA  . VAL A 1 64  ? -5.362  4.876   -3.334  1.00 43.87 ? 45  VAL A CA  1 
ATOM   432  C  C   . VAL A 1 64  ? -3.894  5.023   -3.750  1.00 44.58 ? 45  VAL A C   1 
ATOM   433  O  O   . VAL A 1 64  ? -3.009  4.902   -2.900  1.00 45.53 ? 45  VAL A O   1 
ATOM   434  C  CB  . VAL A 1 64  ? -5.924  3.453   -3.582  1.00 42.65 ? 45  VAL A CB  1 
ATOM   435  C  CG1 . VAL A 1 64  ? -4.917  2.355   -3.191  1.00 42.15 ? 45  VAL A CG1 1 
ATOM   436  C  CG2 . VAL A 1 64  ? -7.248  3.298   -2.823  1.00 41.02 ? 45  VAL A CG2 1 
ATOM   437  N  N   . ALA A 1 65  ? -3.649  5.285   -5.038  1.00 44.35 ? 46  ALA A N   1 
ATOM   438  C  CA  . ALA A 1 65  ? -2.279  5.494   -5.554  1.00 44.16 ? 46  ALA A CA  1 
ATOM   439  C  C   . ALA A 1 65  ? -1.602  6.695   -4.851  1.00 44.33 ? 46  ALA A C   1 
ATOM   440  O  O   . ALA A 1 65  ? -0.424  6.618   -4.503  1.00 44.78 ? 46  ALA A O   1 
ATOM   441  C  CB  . ALA A 1 65  ? -2.283  5.672   -7.088  1.00 43.21 ? 46  ALA A CB  1 
ATOM   442  N  N   . ALA A 1 66  ? -2.366  7.776   -4.646  1.00 43.87 ? 47  ALA A N   1 
ATOM   443  C  CA  . ALA A 1 66  ? -1.913  8.974   -3.913  1.00 43.43 ? 47  ALA A CA  1 
ATOM   444  C  C   . ALA A 1 66  ? -1.569  8.670   -2.460  1.00 42.57 ? 47  ALA A C   1 
ATOM   445  O  O   . ALA A 1 66  ? -0.532  9.115   -1.973  1.00 43.26 ? 47  ALA A O   1 
ATOM   446  C  CB  . ALA A 1 66  ? -2.953  10.099  -3.994  1.00 43.69 ? 47  ALA A CB  1 
ATOM   447  N  N   . VAL A 1 67  ? -2.425  7.901   -1.783  1.00 42.31 ? 48  VAL A N   1 
ATOM   448  C  CA  . VAL A 1 67  ? -2.189  7.494   -0.394  1.00 42.80 ? 48  VAL A CA  1 
ATOM   449  C  C   . VAL A 1 67  ? -0.929  6.631   -0.313  1.00 43.45 ? 48  VAL A C   1 
ATOM   450  O  O   . VAL A 1 67  ? -0.064  6.901   0.515   1.00 44.33 ? 48  VAL A O   1 
ATOM   451  C  CB  . VAL A 1 67  ? -3.432  6.782   0.258   1.00 43.22 ? 48  VAL A CB  1 
ATOM   452  C  CG1 . VAL A 1 67  ? -3.110  6.271   1.668   1.00 42.37 ? 48  VAL A CG1 1 
ATOM   453  C  CG2 . VAL A 1 67  ? -4.605  7.744   0.319   1.00 42.26 ? 48  VAL A CG2 1 
ATOM   454  N  N   . LEU A 1 68  ? -0.811  5.634   -1.198  1.00 43.06 ? 49  LEU A N   1 
ATOM   455  C  CA  . LEU A 1 68  ? 0.369   4.745   -1.228  1.00 43.41 ? 49  LEU A CA  1 
ATOM   456  C  C   . LEU A 1 68  ? 1.674   5.491   -1.528  1.00 44.36 ? 49  LEU A C   1 
ATOM   457  O  O   . LEU A 1 68  ? 2.718   5.143   -0.957  1.00 46.06 ? 49  LEU A O   1 
ATOM   458  C  CB  . LEU A 1 68  ? 0.168   3.573   -2.202  1.00 44.11 ? 49  LEU A CB  1 
ATOM   459  C  CG  . LEU A 1 68  ? -0.878  2.531   -1.778  1.00 43.56 ? 49  LEU A CG  1 
ATOM   460  C  CD1 . LEU A 1 68  ? -1.235  1.618   -2.965  1.00 45.89 ? 49  LEU A CD1 1 
ATOM   461  C  CD2 . LEU A 1 68  ? -0.386  1.696   -0.572  1.00 45.31 ? 49  LEU A CD2 1 
ATOM   462  N  N   . GLY A 1 69  ? 1.600   6.496   -2.410  1.00 43.57 ? 50  GLY A N   1 
ATOM   463  C  CA  . GLY A 1 69  ? 2.720   7.401   -2.698  1.00 44.51 ? 50  GLY A CA  1 
ATOM   464  C  C   . GLY A 1 69  ? 3.216   8.100   -1.434  1.00 44.74 ? 50  GLY A C   1 
ATOM   465  O  O   . GLY A 1 69  ? 4.425   8.126   -1.187  1.00 44.30 ? 50  GLY A O   1 
ATOM   466  N  N   . HIS A 1 70  ? 2.277   8.618   -0.624  1.00 45.24 ? 51  HIS A N   1 
ATOM   467  C  CA  . HIS A 1 70  ? 2.607   9.250   0.672   1.00 45.18 ? 51  HIS A CA  1 
ATOM   468  C  C   . HIS A 1 70  ? 3.185   8.269   1.690   1.00 45.12 ? 51  HIS A C   1 
ATOM   469  O  O   . HIS A 1 70  ? 4.113   8.633   2.402   1.00 46.12 ? 51  HIS A O   1 
ATOM   470  C  CB  . HIS A 1 70  ? 1.412   10.001  1.279   1.00 45.56 ? 51  HIS A CB  1 
ATOM   471  C  CG  . HIS A 1 70  ? 1.099   11.288  0.581   1.00 43.75 ? 51  HIS A CG  1 
ATOM   472  N  ND1 . HIS A 1 70  ? 1.985   12.341  0.555   1.00 44.34 ? 51  HIS A ND1 1 
ATOM   473  C  CD2 . HIS A 1 70  ? 0.003   11.700  -0.096  1.00 46.46 ? 51  HIS A CD2 1 
ATOM   474  C  CE1 . HIS A 1 70  ? 1.452   13.348  -0.115  1.00 44.57 ? 51  HIS A CE1 1 
ATOM   475  N  NE2 . HIS A 1 70  ? 0.249   12.983  -0.525  1.00 41.63 ? 51  HIS A NE2 1 
ATOM   476  N  N   . VAL A 1 71  ? 2.639   7.053   1.767   1.00 45.28 ? 52  VAL A N   1 
ATOM   477  C  CA  . VAL A 1 71  ? 3.163   6.013   2.692   1.00 45.76 ? 52  VAL A CA  1 
ATOM   478  C  C   . VAL A 1 71  ? 4.626   5.693   2.347   1.00 45.46 ? 52  VAL A C   1 
ATOM   479  O  O   . VAL A 1 71  ? 5.471   5.654   3.245   1.00 45.11 ? 52  VAL A O   1 
ATOM   480  C  CB  . VAL A 1 71  ? 2.304   4.715   2.725   1.00 45.94 ? 52  VAL A CB  1 
ATOM   481  C  CG1 . VAL A 1 71  ? 2.944   3.657   3.623   1.00 44.70 ? 52  VAL A CG1 1 
ATOM   482  C  CG2 . VAL A 1 71  ? 0.887   5.002   3.208   1.00 42.44 ? 52  VAL A CG2 1 
ATOM   483  N  N   . GLY A 1 72  ? 4.899   5.492   1.053   1.00 46.44 ? 53  GLY A N   1 
ATOM   484  C  CA  . GLY A 1 72  ? 6.255   5.247   0.529   1.00 46.94 ? 53  GLY A CA  1 
ATOM   485  C  C   . GLY A 1 72  ? 7.253   6.351   0.852   1.00 48.67 ? 53  GLY A C   1 
ATOM   486  O  O   . GLY A 1 72  ? 8.421   6.066   1.126   1.00 50.15 ? 53  GLY A O   1 
ATOM   487  N  N   . GLN A 1 73  ? 6.777   7.598   0.820   1.00 48.96 ? 54  GLN A N   1 
ATOM   488  C  CA  . GLN A 1 73  ? 7.555   8.779   1.191   1.00 49.87 ? 54  GLN A CA  1 
ATOM   489  C  C   . GLN A 1 73  ? 7.902   8.813   2.689   1.00 49.36 ? 54  GLN A C   1 
ATOM   490  O  O   . GLN A 1 73  ? 9.035   9.167   3.038   1.00 48.41 ? 54  GLN A O   1 
ATOM   491  C  CB  . GLN A 1 73  ? 6.796   10.065  0.828   1.00 51.21 ? 54  GLN A CB  1 
ATOM   492  C  CG  . GLN A 1 73  ? 6.671   10.344  -0.675  1.00 58.71 ? 54  GLN A CG  1 
ATOM   493  C  CD  . GLN A 1 73  ? 7.742   11.256  -1.237  1.00 65.44 ? 54  GLN A CD  1 
ATOM   494  O  OE1 . GLN A 1 73  ? 8.834   11.411  -0.675  1.00 74.47 ? 54  GLN A OE1 1 
ATOM   495  N  NE2 . GLN A 1 73  ? 7.424   11.886  -2.358  1.00 71.13 ? 54  GLN A NE2 1 
ATOM   496  N  N   . VAL A 1 74  ? 6.923   8.476   3.543   1.00 48.37 ? 55  VAL A N   1 
ATOM   497  C  CA  . VAL A 1 74  ? 7.115   8.432   5.004   1.00 47.47 ? 55  VAL A CA  1 
ATOM   498  C  C   . VAL A 1 74  ? 8.153   7.370   5.388   1.00 46.41 ? 55  VAL A C   1 
ATOM   499  O  O   . VAL A 1 74  ? 9.072   7.665   6.164   1.00 45.59 ? 55  VAL A O   1 
ATOM   500  C  CB  . VAL A 1 74  ? 5.782   8.190   5.778   1.00 47.19 ? 55  VAL A CB  1 
ATOM   501  C  CG1 . VAL A 1 74  ? 6.022   8.004   7.286   1.00 44.87 ? 55  VAL A CG1 1 
ATOM   502  C  CG2 . VAL A 1 74  ? 4.817   9.352   5.554   1.00 42.29 ? 55  VAL A CG2 1 
ATOM   503  N  N   . PHE A 1 75  ? 8.016   6.165   4.828   1.00 45.48 ? 56  PHE A N   1 
ATOM   504  C  CA  . PHE A 1 75  ? 8.945   5.071   5.126   1.00 45.09 ? 56  PHE A CA  1 
ATOM   505  C  C   . PHE A 1 75  ? 10.363  5.299   4.589   1.00 44.98 ? 56  PHE A C   1 
ATOM   506  O  O   . PHE A 1 75  ? 10.543  5.910   3.546   1.00 46.04 ? 56  PHE A O   1 
ATOM   507  C  CB  . PHE A 1 75  ? 8.463   3.703   4.590   1.00 45.39 ? 56  PHE A CB  1 
ATOM   508  C  CG  . PHE A 1 75  ? 7.177   3.169   5.201   1.00 44.35 ? 56  PHE A CG  1 
ATOM   509  C  CD1 . PHE A 1 75  ? 6.790   3.421   6.542   1.00 44.10 ? 56  PHE A CD1 1 
ATOM   510  C  CD2 . PHE A 1 75  ? 6.414   2.259   4.455   1.00 45.88 ? 56  PHE A CD2 1 
ATOM   511  C  CE1 . PHE A 1 75  ? 5.616   2.851   7.070   1.00 46.09 ? 56  PHE A CE1 1 
ATOM   512  C  CE2 . PHE A 1 75  ? 5.243   1.673   4.988   1.00 44.55 ? 56  PHE A CE2 1 
ATOM   513  C  CZ  . PHE A 1 75  ? 4.842   1.967   6.286   1.00 45.94 ? 56  PHE A CZ  1 
ATOM   514  N  N   . SER A 1 76  ? 11.343  4.805   5.339   1.00 44.11 ? 57  SER A N   1 
ATOM   515  C  CA  . SER A 1 76  ? 12.752  4.790   4.950   1.00 44.77 ? 57  SER A CA  1 
ATOM   516  C  C   . SER A 1 76  ? 13.291  3.387   5.213   1.00 44.91 ? 57  SER A C   1 
ATOM   517  O  O   . SER A 1 76  ? 12.697  2.627   5.989   1.00 44.08 ? 57  SER A O   1 
ATOM   518  C  CB  . SER A 1 76  ? 13.551  5.834   5.727   1.00 44.74 ? 57  SER A CB  1 
ATOM   519  O  OG  . SER A 1 76  ? 13.372  5.684   7.117   1.00 45.77 ? 57  SER A OG  1 
ATOM   520  N  N   . GLU A 1 77  ? 14.402  3.054   4.551   1.00 45.84 ? 58  GLU A N   1 
ATOM   521  C  CA  . GLU A 1 77  ? 15.057  1.746   4.655   1.00 46.96 ? 58  GLU A CA  1 
ATOM   522  C  C   . GLU A 1 77  ? 14.058  0.598   4.377   1.00 45.99 ? 58  GLU A C   1 
ATOM   523  O  O   . GLU A 1 77  ? 14.067  -0.417  5.057   1.00 44.63 ? 58  GLU A O   1 
ATOM   524  C  CB  . GLU A 1 77  ? 15.729  1.591   6.039   1.00 46.55 ? 58  GLU A CB  1 
ATOM   525  C  CG  . GLU A 1 77  ? 16.716  2.716   6.405   1.00 50.92 ? 58  GLU A CG  1 
ATOM   526  C  CD  . GLU A 1 77  ? 17.509  2.477   7.710   1.00 50.77 ? 58  GLU A CD  1 
ATOM   527  O  OE1 . GLU A 1 77  ? 17.448  1.369   8.306   1.00 59.82 ? 58  GLU A OE1 1 
ATOM   528  O  OE2 . GLU A 1 77  ? 18.223  3.421   8.141   1.00 58.37 ? 58  GLU A OE2 1 
ATOM   529  N  N   . PHE A 1 78  ? 13.180  0.796   3.391   1.00 45.71 ? 59  PHE A N   1 
ATOM   530  C  CA  . PHE A 1 78  ? 12.110  -0.149  3.110   1.00 45.46 ? 59  PHE A CA  1 
ATOM   531  C  C   . PHE A 1 78  ? 12.634  -1.331  2.307   1.00 46.03 ? 59  PHE A C   1 
ATOM   532  O  O   . PHE A 1 78  ? 13.381  -1.155  1.341   1.00 46.21 ? 59  PHE A O   1 
ATOM   533  C  CB  . PHE A 1 78  ? 10.957  0.528   2.346   1.00 46.20 ? 59  PHE A CB  1 
ATOM   534  C  CG  . PHE A 1 78  ? 9.746   -0.354  2.164   1.00 45.82 ? 59  PHE A CG  1 
ATOM   535  C  CD1 . PHE A 1 78  ? 9.685   -1.294  1.115   1.00 48.83 ? 59  PHE A CD1 1 
ATOM   536  C  CD2 . PHE A 1 78  ? 8.668   -0.270  3.048   1.00 45.63 ? 59  PHE A CD2 1 
ATOM   537  C  CE1 . PHE A 1 78  ? 8.572   -2.135  0.959   1.00 47.46 ? 59  PHE A CE1 1 
ATOM   538  C  CE2 . PHE A 1 78  ? 7.541   -1.090  2.893   1.00 46.93 ? 59  PHE A CE2 1 
ATOM   539  C  CZ  . PHE A 1 78  ? 7.495   -2.033  1.845   1.00 47.23 ? 59  PHE A CZ  1 
ATOM   540  N  N   . ARG A 1 79  ? 12.220  -2.530  2.710   1.00 44.94 ? 60  ARG A N   1 
ATOM   541  C  CA  . ARG A 1 79  ? 12.463  -3.741  1.922   1.00 44.95 ? 60  ARG A CA  1 
ATOM   542  C  C   . ARG A 1 79  ? 11.500  -4.843  2.324   1.00 44.11 ? 60  ARG A C   1 
ATOM   543  O  O   . ARG A 1 79  ? 11.146  -4.962  3.507   1.00 41.91 ? 60  ARG A O   1 
ATOM   544  C  CB  . ARG A 1 79  ? 13.919  -4.259  1.982   1.00 46.17 ? 60  ARG A CB  1 
ATOM   545  C  CG  . ARG A 1 79  ? 14.413  -4.949  3.256   1.00 49.18 ? 60  ARG A CG  1 
ATOM   546  C  CD  . ARG A 1 79  ? 14.498  -3.999  4.417   1.00 55.49 ? 60  ARG A CD  1 
ATOM   547  N  NE  . ARG A 1 79  ? 15.059  -4.650  5.605   1.00 58.69 ? 60  ARG A NE  1 
ATOM   548  C  CZ  . ARG A 1 79  ? 15.476  -4.021  6.711   1.00 58.83 ? 60  ARG A CZ  1 
ATOM   549  N  NH1 . ARG A 1 79  ? 15.378  -2.695  6.850   1.00 55.96 ? 60  ARG A NH1 1 
ATOM   550  N  NH2 . ARG A 1 79  ? 15.981  -4.742  7.713   1.00 57.47 ? 60  ARG A NH2 1 
ATOM   551  N  N   . TYR A 1 80  ? 11.093  -5.637  1.339   1.00 43.92 ? 61  TYR A N   1 
ATOM   552  C  CA  . TYR A 1 80  ? 10.300  -6.832  1.604   1.00 43.73 ? 61  TYR A CA  1 
ATOM   553  C  C   . TYR A 1 80  ? 11.255  -7.903  2.132   1.00 43.30 ? 61  TYR A C   1 
ATOM   554  O  O   . TYR A 1 80  ? 12.439  -7.899  1.783   1.00 43.33 ? 61  TYR A O   1 
ATOM   555  C  CB  . TYR A 1 80  ? 9.536   -7.299  0.361   1.00 43.58 ? 61  TYR A CB  1 
ATOM   556  C  CG  . TYR A 1 80  ? 8.381   -6.384  0.036   1.00 42.54 ? 61  TYR A CG  1 
ATOM   557  C  CD1 . TYR A 1 80  ? 7.213   -6.425  0.801   1.00 40.82 ? 61  TYR A CD1 1 
ATOM   558  C  CD2 . TYR A 1 80  ? 8.440   -5.474  -1.038  1.00 42.98 ? 61  TYR A CD2 1 
ATOM   559  C  CE1 . TYR A 1 80  ? 6.114   -5.580  0.524   1.00 44.28 ? 61  TYR A CE1 1 
ATOM   560  C  CE2 . TYR A 1 80  ? 7.332   -4.627  -1.337  1.00 44.75 ? 61  TYR A CE2 1 
ATOM   561  C  CZ  . TYR A 1 80  ? 6.178   -4.693  -0.549  1.00 45.05 ? 61  TYR A CZ  1 
ATOM   562  O  OH  . TYR A 1 80  ? 5.113   -3.884  -0.813  1.00 45.38 ? 61  TYR A OH  1 
ATOM   563  N  N   . ARG A 1 81  ? 10.744  -8.753  3.024   1.00 43.33 ? 62  ARG A N   1 
ATOM   564  C  CA  . ARG A 1 81  ? 11.482  -9.877  3.617   1.00 44.13 ? 62  ARG A CA  1 
ATOM   565  C  C   . ARG A 1 81  ? 10.989  -11.192 3.042   1.00 43.10 ? 62  ARG A C   1 
ATOM   566  O  O   . ARG A 1 81  ? 11.792  -11.982 2.555   1.00 42.85 ? 62  ARG A O   1 
ATOM   567  C  CB  . ARG A 1 81  ? 11.352  -9.870  5.136   1.00 43.52 ? 62  ARG A CB  1 
ATOM   568  C  CG  . ARG A 1 81  ? 11.885  -8.574  5.735   1.00 47.49 ? 62  ARG A CG  1 
ATOM   569  C  CD  . ARG A 1 81  ? 12.222  -8.671  7.193   1.00 46.48 ? 62  ARG A CD  1 
ATOM   570  N  NE  . ARG A 1 81  ? 11.097  -9.091  8.044   1.00 49.98 ? 62  ARG A NE  1 
ATOM   571  C  CZ  . ARG A 1 81  ? 11.095  -9.042  9.384   1.00 49.21 ? 62  ARG A CZ  1 
ATOM   572  N  NH1 . ARG A 1 81  ? 12.117  -8.538  10.079  1.00 47.90 ? 62  ARG A NH1 1 
ATOM   573  N  NH2 . ARG A 1 81  ? 10.042  -9.478  10.053  1.00 50.51 ? 62  ARG A NH2 1 
ATOM   574  N  N   . ARG A 1 82  ? 9.670   -11.409 3.103   1.00 42.84 ? 63  ARG A N   1 
ATOM   575  C  CA  . ARG A 1 82  ? 9.037   -12.628 2.589   1.00 43.19 ? 63  ARG A CA  1 
ATOM   576  C  C   . ARG A 1 82  ? 7.805   -12.335 1.732   1.00 42.52 ? 63  ARG A C   1 
ATOM   577  O  O   . ARG A 1 82  ? 7.019   -11.464 2.084   1.00 44.34 ? 63  ARG A O   1 
ATOM   578  C  CB  . ARG A 1 82  ? 8.683   -13.580 3.728   1.00 42.38 ? 63  ARG A CB  1 
ATOM   579  C  CG  . ARG A 1 82  ? 9.907   -14.178 4.405   1.00 44.43 ? 63  ARG A CG  1 
ATOM   580  C  CD  . ARG A 1 82  ? 9.501   -15.259 5.389   1.00 45.15 ? 63  ARG A CD  1 
ATOM   581  N  NE  . ARG A 1 82  ? 8.746   -14.748 6.536   1.00 46.75 ? 63  ARG A NE  1 
ATOM   582  C  CZ  . ARG A 1 82  ? 8.163   -15.500 7.486   1.00 50.16 ? 63  ARG A CZ  1 
ATOM   583  N  NH1 . ARG A 1 82  ? 8.246   -16.819 7.473   1.00 51.06 ? 63  ARG A NH1 1 
ATOM   584  N  NH2 . ARG A 1 82  ? 7.495   -14.931 8.493   1.00 50.73 ? 63  ARG A NH2 1 
ATOM   585  N  N   . ILE A 1 83  ? 7.684   -13.054 0.612   1.00 42.73 ? 64  ILE A N   1 
ATOM   586  C  CA  . ILE A 1 83  ? 6.554   -12.963 -0.327  1.00 42.63 ? 64  ILE A CA  1 
ATOM   587  C  C   . ILE A 1 83  ? 5.875   -14.320 -0.201  1.00 42.09 ? 64  ILE A C   1 
ATOM   588  O  O   . ILE A 1 83  ? 6.428   -15.313 -0.658  1.00 41.52 ? 64  ILE A O   1 
ATOM   589  C  CB  . ILE A 1 83  ? 7.019   -12.703 -1.805  1.00 43.26 ? 64  ILE A CB  1 
ATOM   590  C  CG1 . ILE A 1 83  ? 8.012   -11.531 -1.917  1.00 44.04 ? 64  ILE A CG1 1 
ATOM   591  C  CG2 . ILE A 1 83  ? 5.810   -12.488 -2.727  1.00 42.29 ? 64  ILE A CG2 1 
ATOM   592  C  CD1 . ILE A 1 83  ? 7.511   -10.220 -1.370  1.00 45.28 ? 64  ILE A CD1 1 
HETATM 593  N  N   . MSE A 1 84  ? 4.699   -14.372 0.422   1.00 42.92 ? 65  MSE A N   1 
HETATM 594  C  CA  . MSE A 1 84  ? 3.988   -15.636 0.695   1.00 42.89 ? 65  MSE A CA  1 
HETATM 595  C  C   . MSE A 1 84  ? 2.602   -15.631 0.074   1.00 43.96 ? 65  MSE A C   1 
HETATM 596  O  O   . MSE A 1 84  ? 1.904   -14.628 0.141   1.00 44.94 ? 65  MSE A O   1 
HETATM 597  C  CB  . MSE A 1 84  ? 3.892   -15.841 2.206   1.00 43.73 ? 65  MSE A CB  1 
HETATM 598  C  CG  . MSE A 1 84  ? 5.252   -16.108 2.842   1.00 45.54 ? 65  MSE A CG  1 
HETATM 599  SE SE  . MSE A 1 84  ? 5.263   -15.973 4.760   0.75 40.60 ? 65  MSE A SE  1 
HETATM 600  C  CE  . MSE A 1 84  ? 5.027   -14.126 4.904   1.00 41.09 ? 65  MSE A CE  1 
ATOM   601  N  N   . GLY A 1 85  ? 2.214   -16.757 -0.529  1.00 43.21 ? 66  GLY A N   1 
ATOM   602  C  CA  . GLY A 1 85  ? 0.897   -16.891 -1.147  1.00 43.90 ? 66  GLY A CA  1 
ATOM   603  C  C   . GLY A 1 85  ? 0.912   -17.662 -2.442  1.00 44.54 ? 66  GLY A C   1 
ATOM   604  O  O   . GLY A 1 85  ? 1.902   -18.312 -2.784  1.00 43.67 ? 66  GLY A O   1 
ATOM   605  N  N   . GLU A 1 86  ? -0.219  -17.589 -3.141  1.00 45.77 ? 67  GLU A N   1 
ATOM   606  C  CA  . GLU A 1 86  ? -0.434  -18.289 -4.414  1.00 46.42 ? 67  GLU A CA  1 
ATOM   607  C  C   . GLU A 1 86  ? -1.704  -17.758 -5.057  1.00 45.91 ? 67  GLU A C   1 
ATOM   608  O  O   . GLU A 1 86  ? -2.642  -17.367 -4.338  1.00 45.75 ? 67  GLU A O   1 
ATOM   609  C  CB  . GLU A 1 86  ? -0.571  -19.804 -4.166  1.00 46.20 ? 67  GLU A CB  1 
ATOM   610  C  CG  . GLU A 1 86  ? -0.619  -20.672 -5.425  1.00 47.80 ? 67  GLU A CG  1 
ATOM   611  C  CD  . GLU A 1 86  ? -0.489  -22.194 -5.165  1.00 49.68 ? 67  GLU A CD  1 
ATOM   612  O  OE1 . GLU A 1 86  ? -0.249  -22.633 -4.003  1.00 58.29 ? 67  GLU A OE1 1 
ATOM   613  O  OE2 . GLU A 1 86  ? -0.632  -22.958 -6.159  1.00 53.43 ? 67  GLU A OE2 1 
ATOM   614  N  N   . GLY A 1 87  ? -1.725  -17.750 -6.392  1.00 45.77 ? 68  GLY A N   1 
ATOM   615  C  CA  . GLY A 1 87  ? -2.882  -17.342 -7.175  1.00 45.72 ? 68  GLY A CA  1 
ATOM   616  C  C   . GLY A 1 87  ? -3.291  -15.899 -6.957  1.00 46.08 ? 68  GLY A C   1 
ATOM   617  O  O   . GLY A 1 87  ? -2.597  -14.991 -7.403  1.00 46.33 ? 68  GLY A O   1 
ATOM   618  N  N   . LYS A 1 88  ? -4.411  -15.707 -6.265  1.00 46.00 ? 69  LYS A N   1 
ATOM   619  C  CA  . LYS A 1 88  ? -4.968  -14.377 -5.990  1.00 46.48 ? 69  LYS A CA  1 
ATOM   620  C  C   . LYS A 1 88  ? -4.777  -13.874 -4.566  1.00 45.07 ? 69  LYS A C   1 
ATOM   621  O  O   . LYS A 1 88  ? -5.060  -12.710 -4.326  1.00 44.36 ? 69  LYS A O   1 
ATOM   622  C  CB  . LYS A 1 88  ? -6.453  -14.368 -6.387  1.00 47.85 ? 69  LYS A CB  1 
ATOM   623  C  CG  . LYS A 1 88  ? -6.590  -14.516 -7.917  1.00 50.05 ? 69  LYS A CG  1 
ATOM   624  C  CD  . LYS A 1 88  ? -8.016  -14.571 -8.406  1.00 50.75 ? 69  LYS A CD  1 
ATOM   625  C  CE  . LYS A 1 88  ? -8.046  -14.607 -9.927  1.00 55.39 ? 69  LYS A CE  1 
ATOM   626  N  NZ  . LYS A 1 88  ? -7.255  -15.723 -10.528 1.00 62.65 ? 69  LYS A NZ  1 
ATOM   627  N  N   . ASP A 1 89  ? -4.218  -14.701 -3.672  1.00 44.00 ? 70  ASP A N   1 
ATOM   628  C  CA  . ASP A 1 89  ? -4.085  -14.405 -2.238  1.00 43.66 ? 70  ASP A CA  1 
ATOM   629  C  C   . ASP A 1 89  ? -2.622  -14.322 -1.856  1.00 43.09 ? 70  ASP A C   1 
ATOM   630  O  O   . ASP A 1 89  ? -1.918  -15.318 -1.981  1.00 41.77 ? 70  ASP A O   1 
ATOM   631  C  CB  . ASP A 1 89  ? -4.757  -15.542 -1.455  1.00 44.76 ? 70  ASP A CB  1 
ATOM   632  C  CG  . ASP A 1 89  ? -6.248  -15.641 -1.731  1.00 47.93 ? 70  ASP A CG  1 
ATOM   633  O  OD1 . ASP A 1 89  ? -6.926  -14.609 -1.609  1.00 48.47 ? 70  ASP A OD1 1 
ATOM   634  O  OD2 . ASP A 1 89  ? -6.737  -16.746 -2.074  1.00 60.59 ? 70  ASP A OD2 1 
ATOM   635  N  N   . TRP A 1 90  ? -2.165  -13.138 -1.414  1.00 43.31 ? 71  TRP A N   1 
ATOM   636  C  CA  . TRP A 1 90  ? -0.748  -12.894 -1.063  1.00 43.02 ? 71  TRP A CA  1 
ATOM   637  C  C   . TRP A 1 90  ? -0.547  -12.087 0.218   1.00 42.87 ? 71  TRP A C   1 
ATOM   638  O  O   . TRP A 1 90  ? -1.396  -11.272 0.577   1.00 43.43 ? 71  TRP A O   1 
ATOM   639  C  CB  . TRP A 1 90  ? -0.039  -12.166 -2.217  1.00 42.92 ? 71  TRP A CB  1 
ATOM   640  C  CG  . TRP A 1 90  ? -0.008  -12.964 -3.477  1.00 41.49 ? 71  TRP A CG  1 
ATOM   641  C  CD1 . TRP A 1 90  ? -0.959  -12.997 -4.438  1.00 42.62 ? 71  TRP A CD1 1 
ATOM   642  C  CD2 . TRP A 1 90  ? 1.006   -13.887 -3.878  1.00 40.16 ? 71  TRP A CD2 1 
ATOM   643  N  NE1 . TRP A 1 90  ? -0.600  -13.869 -5.431  1.00 43.52 ? 71  TRP A NE1 1 
ATOM   644  C  CE2 . TRP A 1 90  ? 0.598   -14.441 -5.119  1.00 42.60 ? 71  TRP A CE2 1 
ATOM   645  C  CE3 . TRP A 1 90  ? 2.227   -14.293 -3.320  1.00 43.39 ? 71  TRP A CE3 1 
ATOM   646  C  CZ2 . TRP A 1 90  ? 1.371   -15.376 -5.822  1.00 41.24 ? 71  TRP A CZ2 1 
ATOM   647  C  CZ3 . TRP A 1 90  ? 3.000   -15.235 -4.010  1.00 43.10 ? 71  TRP A CZ3 1 
ATOM   648  C  CH2 . TRP A 1 90  ? 2.573   -15.755 -5.257  1.00 44.60 ? 71  TRP A CH2 1 
ATOM   649  N  N   . ALA A 1 91  ? 0.580   -12.343 0.892   1.00 42.40 ? 72  ALA A N   1 
ATOM   650  C  CA  . ALA A 1 91  ? 1.006   -11.623 2.104   1.00 43.33 ? 72  ALA A CA  1 
ATOM   651  C  C   . ALA A 1 91  ? 2.478   -11.260 1.880   1.00 43.34 ? 72  ALA A C   1 
ATOM   652  O  O   . ALA A 1 91  ? 3.319   -12.165 1.784   1.00 42.90 ? 72  ALA A O   1 
ATOM   653  C  CB  . ALA A 1 91  ? 0.845   -12.509 3.332   1.00 42.98 ? 72  ALA A CB  1 
ATOM   654  N  N   . LEU A 1 92  ? 2.763   -9.966  1.702   1.00 42.73 ? 73  LEU A N   1 
ATOM   655  C  CA  . LEU A 1 92  ? 4.124   -9.466  1.478   1.00 42.78 ? 73  LEU A CA  1 
ATOM   656  C  C   . LEU A 1 92  ? 4.616   -8.810  2.773   1.00 42.69 ? 73  LEU A C   1 
ATOM   657  O  O   . LEU A 1 92  ? 4.195   -7.704  3.132   1.00 42.20 ? 73  LEU A O   1 
ATOM   658  C  CB  . LEU A 1 92  ? 4.202   -8.479  0.311   1.00 44.17 ? 73  LEU A CB  1 
ATOM   659  C  CG  . LEU A 1 92  ? 3.890   -8.971  -1.103  1.00 43.54 ? 73  LEU A CG  1 
ATOM   660  C  CD1 . LEU A 1 92  ? 2.410   -9.193  -1.296  1.00 44.09 ? 73  LEU A CD1 1 
ATOM   661  C  CD2 . LEU A 1 92  ? 4.443   -7.984  -2.176  1.00 43.38 ? 73  LEU A CD2 1 
ATOM   662  N  N   . GLU A 1 93  ? 5.514   -9.512  3.457   1.00 42.05 ? 74  GLU A N   1 
ATOM   663  C  CA  . GLU A 1 93  ? 6.104   -9.062  4.712   1.00 42.88 ? 74  GLU A CA  1 
ATOM   664  C  C   . GLU A 1 93  ? 7.241   -8.092  4.422   1.00 42.57 ? 74  GLU A C   1 
ATOM   665  O  O   . GLU A 1 93  ? 8.102   -8.403  3.609   1.00 41.57 ? 74  GLU A O   1 
ATOM   666  C  CB  . GLU A 1 93  ? 6.624   -10.269 5.488   1.00 42.76 ? 74  GLU A CB  1 
ATOM   667  C  CG  . GLU A 1 93  ? 7.361   -10.007 6.792   1.00 41.84 ? 74  GLU A CG  1 
ATOM   668  C  CD  . GLU A 1 93  ? 7.978   -11.284 7.308   1.00 44.44 ? 74  GLU A CD  1 
ATOM   669  O  OE1 . GLU A 1 93  ? 7.335   -12.332 7.199   1.00 51.23 ? 74  GLU A OE1 1 
ATOM   670  O  OE2 . GLU A 1 93  ? 9.102   -11.264 7.785   1.00 51.26 ? 74  GLU A OE2 1 
ATOM   671  N  N   . PHE A 1 94  ? 7.254   -6.954  5.123   1.00 42.63 ? 75  PHE A N   1 
ATOM   672  C  CA  . PHE A 1 94  ? 8.302   -5.935  4.978   1.00 43.51 ? 75  PHE A CA  1 
ATOM   673  C  C   . PHE A 1 94  ? 8.825   -5.413  6.311   1.00 43.90 ? 75  PHE A C   1 
ATOM   674  O  O   . PHE A 1 94  ? 8.188   -5.606  7.352   1.00 44.45 ? 75  PHE A O   1 
ATOM   675  C  CB  . PHE A 1 94  ? 7.795   -4.761  4.126   1.00 44.21 ? 75  PHE A CB  1 
ATOM   676  C  CG  . PHE A 1 94  ? 6.631   -3.995  4.725   1.00 43.22 ? 75  PHE A CG  1 
ATOM   677  C  CD1 . PHE A 1 94  ? 6.854   -2.924  5.606   1.00 45.57 ? 75  PHE A CD1 1 
ATOM   678  C  CD2 . PHE A 1 94  ? 5.316   -4.314  4.382   1.00 44.51 ? 75  PHE A CD2 1 
ATOM   679  C  CE1 . PHE A 1 94  ? 5.775   -2.187  6.155   1.00 45.84 ? 75  PHE A CE1 1 
ATOM   680  C  CE2 . PHE A 1 94  ? 4.222   -3.582  4.911   1.00 45.50 ? 75  PHE A CE2 1 
ATOM   681  C  CZ  . PHE A 1 94  ? 4.454   -2.517  5.803   1.00 44.91 ? 75  PHE A CZ  1 
ATOM   682  N  N   . GLN A 1 95  ? 9.997   -4.783  6.240   1.00 44.44 ? 76  GLN A N   1 
ATOM   683  C  CA  . GLN A 1 95  ? 10.618  -4.061  7.347   1.00 45.29 ? 76  GLN A CA  1 
ATOM   684  C  C   . GLN A 1 95  ? 11.007  -2.667  6.826   1.00 45.25 ? 76  GLN A C   1 
ATOM   685  O  O   . GLN A 1 95  ? 11.374  -2.506  5.653   1.00 45.53 ? 76  GLN A O   1 
ATOM   686  C  CB  . GLN A 1 95  ? 11.828  -4.802  7.892   1.00 45.15 ? 76  GLN A CB  1 
ATOM   687  C  CG  . GLN A 1 95  ? 12.369  -4.210  9.209   1.00 47.07 ? 76  GLN A CG  1 
ATOM   688  C  CD  . GLN A 1 95  ? 13.488  -5.016  9.846   1.00 48.19 ? 76  GLN A CD  1 
ATOM   689  O  OE1 . GLN A 1 95  ? 13.750  -6.160  9.472   1.00 48.48 ? 76  GLN A OE1 1 
ATOM   690  N  NE2 . GLN A 1 95  ? 14.163  -4.412  10.822  1.00 55.94 ? 76  GLN A NE2 1 
ATOM   691  N  N   . CYS A 1 96  ? 10.896  -1.667  7.695   1.00 45.36 ? 77  CYS A N   1 
ATOM   692  C  CA  . CYS A 1 96  ? 11.245  -0.279  7.366   1.00 46.00 ? 77  CYS A CA  1 
ATOM   693  C  C   . CYS A 1 96  ? 11.397  0.531   8.654   1.00 45.38 ? 77  CYS A C   1 
ATOM   694  O  O   . CYS A 1 96  ? 11.408  -0.047  9.763   1.00 44.71 ? 77  CYS A O   1 
ATOM   695  C  CB  . CYS A 1 96  ? 10.167  0.339   6.444   1.00 45.75 ? 77  CYS A CB  1 
ATOM   696  S  SG  . CYS A 1 96  ? 8.556   0.409   7.184   1.00 49.79 ? 77  CYS A SG  1 
ATOM   697  N  N   . LYS A 1 97  ? 11.618  1.833   8.495   1.00 45.57 ? 78  LYS A N   1 
ATOM   698  C  CA  . LYS A 1 97  ? 11.617  2.777   9.608   1.00 46.00 ? 78  LYS A CA  1 
ATOM   699  C  C   . LYS A 1 97  ? 10.678  3.952   9.313   1.00 45.35 ? 78  LYS A C   1 
ATOM   700  O  O   . LYS A 1 97  ? 10.400  4.259   8.142   1.00 44.65 ? 78  LYS A O   1 
ATOM   701  C  CB  . LYS A 1 97  ? 13.029  3.296   9.921   1.00 46.34 ? 78  LYS A CB  1 
ATOM   702  C  CG  . LYS A 1 97  ? 14.060  2.204   10.139  1.00 48.93 ? 78  LYS A CG  1 
ATOM   703  C  CD  . LYS A 1 97  ? 15.411  2.700   10.648  1.00 48.55 ? 78  LYS A CD  1 
ATOM   704  C  CE  . LYS A 1 97  ? 15.362  3.100   12.117  1.00 56.84 ? 78  LYS A CE  1 
ATOM   705  N  NZ  . LYS A 1 97  ? 16.712  3.353   12.717  1.00 57.39 ? 78  LYS A NZ  1 
ATOM   706  N  N   . VAL A 1 98  ? 10.146  4.540   10.389  1.00 44.94 ? 79  VAL A N   1 
ATOM   707  C  CA  . VAL A 1 98  ? 9.382   5.793   10.362  1.00 45.60 ? 79  VAL A CA  1 
ATOM   708  C  C   . VAL A 1 98  ? 10.260  6.690   11.238  1.00 46.60 ? 79  VAL A C   1 
ATOM   709  O  O   . VAL A 1 98  ? 10.236  6.575   12.476  1.00 46.53 ? 79  VAL A O   1 
ATOM   710  C  CB  . VAL A 1 98  ? 7.945   5.639   10.897  1.00 45.71 ? 79  VAL A CB  1 
ATOM   711  C  CG1 . VAL A 1 98  ? 7.234   6.982   10.908  1.00 46.29 ? 79  VAL A CG1 1 
ATOM   712  C  CG2 . VAL A 1 98  ? 7.177   4.646   10.047  1.00 45.40 ? 79  VAL A CG2 1 
ATOM   713  N  N   . GLY A 1 99  ? 11.086  7.518   10.581  1.00 46.39 ? 80  GLY A N   1 
ATOM   714  C  CA  . GLY A 1 99  ? 12.080  8.339   11.254  1.00 46.80 ? 80  GLY A CA  1 
ATOM   715  C  C   . GLY A 1 99  ? 13.128  7.400   11.834  1.00 46.63 ? 80  GLY A C   1 
ATOM   716  O  O   . GLY A 1 99  ? 13.687  6.570   11.105  1.00 47.23 ? 80  GLY A O   1 
ATOM   717  N  N   . GLU A 1 100 ? 13.362  7.513   13.143  1.00 47.19 ? 81  GLU A N   1 
ATOM   718  C  CA  . GLU A 1 100 ? 14.286  6.620   13.870  1.00 46.98 ? 81  GLU A CA  1 
ATOM   719  C  C   . GLU A 1 100 ? 13.627  5.342   14.419  1.00 46.17 ? 81  GLU A C   1 
ATOM   720  O  O   . GLU A 1 100 ? 14.345  4.478   14.930  1.00 47.29 ? 81  GLU A O   1 
ATOM   721  C  CB  . GLU A 1 100 ? 14.980  7.389   15.015  1.00 48.72 ? 81  GLU A CB  1 
ATOM   722  C  CG  . GLU A 1 100 ? 15.801  8.620   14.554  1.00 56.06 ? 81  GLU A CG  1 
ATOM   723  C  CD  . GLU A 1 100 ? 16.930  8.284   13.547  1.00 66.06 ? 81  GLU A CD  1 
ATOM   724  O  OE1 . GLU A 1 100 ? 17.515  7.170   13.613  1.00 71.57 ? 81  GLU A OE1 1 
ATOM   725  O  OE2 . GLU A 1 100 ? 17.232  9.144   12.685  1.00 72.02 ? 81  GLU A OE2 1 
ATOM   726  N  N   . LEU A 1 101 ? 12.304  5.196   14.280  1.00 44.78 ? 82  LEU A N   1 
ATOM   727  C  CA  . LEU A 1 101 ? 11.558  4.069   14.833  1.00 44.11 ? 82  LEU A CA  1 
ATOM   728  C  C   . LEU A 1 101 ? 11.454  2.931   13.828  1.00 44.05 ? 82  LEU A C   1 
ATOM   729  O  O   . LEU A 1 101 ? 11.067  3.168   12.686  1.00 44.41 ? 82  LEU A O   1 
ATOM   730  C  CB  . LEU A 1 101 ? 10.149  4.505   15.228  1.00 43.37 ? 82  LEU A CB  1 
ATOM   731  C  CG  . LEU A 1 101 ? 9.981   5.573   16.314  1.00 44.36 ? 82  LEU A CG  1 
ATOM   732  C  CD1 . LEU A 1 101 ? 8.520   5.946   16.422  1.00 45.38 ? 82  LEU A CD1 1 
ATOM   733  C  CD2 . LEU A 1 101 ? 10.513  5.095   17.666  1.00 43.78 ? 82  LEU A CD2 1 
ATOM   734  N  N   . ASP A 1 102 ? 11.739  1.708   14.276  1.00 43.17 ? 83  ASP A N   1 
ATOM   735  C  CA  . ASP A 1 102 ? 11.660  0.506   13.445  1.00 42.81 ? 83  ASP A CA  1 
ATOM   736  C  C   . ASP A 1 102 ? 10.220  0.038   13.302  1.00 42.42 ? 83  ASP A C   1 
ATOM   737  O  O   . ASP A 1 102 ? 9.410   0.208   14.222  1.00 41.33 ? 83  ASP A O   1 
ATOM   738  C  CB  . ASP A 1 102 ? 12.477  -0.644  14.057  1.00 43.53 ? 83  ASP A CB  1 
ATOM   739  C  CG  . ASP A 1 102 ? 13.950  -0.346  14.087  1.00 47.02 ? 83  ASP A CG  1 
ATOM   740  O  OD1 . ASP A 1 102 ? 14.535  -0.222  12.992  1.00 49.07 ? 83  ASP A OD1 1 
ATOM   741  O  OD2 . ASP A 1 102 ? 14.517  -0.250  15.196  1.00 51.01 ? 83  ASP A OD2 1 
ATOM   742  N  N   . ALA A 1 103 ? 9.918   -0.575  12.150  1.00 42.38 ? 84  ALA A N   1 
ATOM   743  C  CA  . ALA A 1 103 ? 8.603   -1.166  11.875  1.00 42.87 ? 84  ALA A CA  1 
ATOM   744  C  C   . ALA A 1 103 ? 8.720   -2.444  11.050  1.00 42.84 ? 84  ALA A C   1 
ATOM   745  O  O   . ALA A 1 103 ? 9.649   -2.575  10.245  1.00 42.89 ? 84  ALA A O   1 
ATOM   746  C  CB  . ALA A 1 103 ? 7.693   -0.172  11.136  1.00 43.19 ? 84  ALA A CB  1 
ATOM   747  N  N   . VAL A 1 104 ? 7.798   -3.376  11.304  1.00 41.66 ? 85  VAL A N   1 
ATOM   748  C  CA  . VAL A 1 104 ? 7.584   -4.584  10.499  1.00 42.00 ? 85  VAL A CA  1 
ATOM   749  C  C   . VAL A 1 104 ? 6.090   -4.593  10.134  1.00 41.65 ? 85  VAL A C   1 
ATOM   750  O  O   . VAL A 1 104 ? 5.241   -4.258  10.968  1.00 41.70 ? 85  VAL A O   1 
ATOM   751  C  CB  . VAL A 1 104 ? 7.990   -5.877  11.249  1.00 42.01 ? 85  VAL A CB  1 
ATOM   752  C  CG1 . VAL A 1 104 ? 7.613   -7.127  10.462  1.00 41.08 ? 85  VAL A CG1 1 
ATOM   753  C  CG2 . VAL A 1 104 ? 9.497   -5.864  11.524  1.00 40.42 ? 85  VAL A CG2 1 
ATOM   754  N  N   . GLY A 1 105 ? 5.778   -4.965  8.898   1.00 41.55 ? 86  GLY A N   1 
ATOM   755  C  CA  . GLY A 1 105 ? 4.398   -5.053  8.442   1.00 41.81 ? 86  GLY A CA  1 
ATOM   756  C  C   . GLY A 1 105 ? 4.164   -6.098  7.383   1.00 42.09 ? 86  GLY A C   1 
ATOM   757  O  O   . GLY A 1 105 ? 5.101   -6.780  6.975   1.00 41.37 ? 86  GLY A O   1 
ATOM   758  N  N   . VAL A 1 106 ? 2.888   -6.248  7.017   1.00 42.07 ? 87  VAL A N   1 
ATOM   759  C  CA  . VAL A 1 106 ? 2.434   -7.129  5.932   1.00 42.75 ? 87  VAL A CA  1 
ATOM   760  C  C   . VAL A 1 106 ? 1.416   -6.399  5.045   1.00 43.94 ? 87  VAL A C   1 
ATOM   761  O  O   . VAL A 1 106 ? 0.471   -5.807  5.567   1.00 44.91 ? 87  VAL A O   1 
ATOM   762  C  CB  . VAL A 1 106 ? 1.782   -8.441  6.449   1.00 42.38 ? 87  VAL A CB  1 
ATOM   763  C  CG1 . VAL A 1 106 ? 1.222   -9.308  5.256   1.00 43.18 ? 87  VAL A CG1 1 
ATOM   764  C  CG2 . VAL A 1 106 ? 2.788   -9.241  7.273   1.00 43.63 ? 87  VAL A CG2 1 
ATOM   765  N  N   . ASP A 1 107 ? 1.640   -6.443  3.726   1.00 44.81 ? 88  ASP A N   1 
ATOM   766  C  CA  . ASP A 1 107 ? 0.664   -5.992  2.724   1.00 45.09 ? 88  ASP A CA  1 
ATOM   767  C  C   . ASP A 1 107 ? -0.168  -7.229  2.381   1.00 44.12 ? 88  ASP A C   1 
ATOM   768  O  O   . ASP A 1 107 ? 0.355   -8.174  1.782   1.00 43.35 ? 88  ASP A O   1 
ATOM   769  C  CB  . ASP A 1 107 ? 1.354   -5.459  1.453   1.00 45.87 ? 88  ASP A CB  1 
ATOM   770  C  CG  . ASP A 1 107 ? 2.204   -4.214  1.707   1.00 48.07 ? 88  ASP A CG  1 
ATOM   771  O  OD1 . ASP A 1 107 ? 1.853   -3.387  2.581   1.00 50.21 ? 88  ASP A OD1 1 
ATOM   772  O  OD2 . ASP A 1 107 ? 3.208   -4.042  0.990   1.00 50.36 ? 88  ASP A OD2 1 
ATOM   773  N  N   . LEU A 1 108 ? -1.444  -7.232  2.778   1.00 44.46 ? 89  LEU A N   1 
ATOM   774  C  CA  . LEU A 1 108 ? -2.378  -8.333  2.486   1.00 44.44 ? 89  LEU A CA  1 
ATOM   775  C  C   . LEU A 1 108 ? -3.059  -7.980  1.172   1.00 44.02 ? 89  LEU A C   1 
ATOM   776  O  O   . LEU A 1 108 ? -3.851  -7.028  1.124   1.00 44.43 ? 89  LEU A O   1 
ATOM   777  C  CB  . LEU A 1 108 ? -3.398  -8.525  3.605   1.00 44.40 ? 89  LEU A CB  1 
ATOM   778  C  CG  . LEU A 1 108 ? -2.832  -9.009  4.943   1.00 45.46 ? 89  LEU A CG  1 
ATOM   779  C  CD1 . LEU A 1 108 ? -3.852  -8.813  6.076   1.00 39.90 ? 89  LEU A CD1 1 
ATOM   780  C  CD2 . LEU A 1 108 ? -2.367  -10.478 4.835   1.00 40.45 ? 89  LEU A CD2 1 
ATOM   781  N  N   . ILE A 1 109 ? -2.757  -8.750  0.125   1.00 42.55 ? 90  ILE A N   1 
ATOM   782  C  CA  . ILE A 1 109 ? -3.233  -8.482  -1.234  1.00 42.91 ? 90  ILE A CA  1 
ATOM   783  C  C   . ILE A 1 109 ? -4.187  -9.551  -1.723  1.00 43.02 ? 90  ILE A C   1 
ATOM   784  O  O   . ILE A 1 109 ? -3.894  -10.739 -1.578  1.00 43.11 ? 90  ILE A O   1 
ATOM   785  C  CB  . ILE A 1 109 ? -2.043  -8.372  -2.227  1.00 42.38 ? 90  ILE A CB  1 
ATOM   786  C  CG1 . ILE A 1 109 ? -1.075  -7.244  -1.820  1.00 44.19 ? 90  ILE A CG1 1 
ATOM   787  C  CG2 . ILE A 1 109 ? -2.525  -8.147  -3.682  1.00 42.27 ? 90  ILE A CG2 1 
ATOM   788  C  CD1 . ILE A 1 109 ? -1.646  -5.821  -1.770  1.00 44.35 ? 90  ILE A CD1 1 
ATOM   789  N  N   . THR A 1 110 ? -5.316  -9.107  -2.287  1.00 43.17 ? 91  THR A N   1 
ATOM   790  C  CA  . THR A 1 110 ? -6.290  -9.958  -2.971  1.00 43.28 ? 91  THR A CA  1 
ATOM   791  C  C   . THR A 1 110 ? -6.363  -9.433  -4.406  1.00 44.00 ? 91  THR A C   1 
ATOM   792  O  O   . THR A 1 110 ? -6.674  -8.248  -4.615  1.00 43.97 ? 91  THR A O   1 
ATOM   793  C  CB  . THR A 1 110 ? -7.679  -9.921  -2.334  1.00 44.44 ? 91  THR A CB  1 
ATOM   794  O  OG1 . THR A 1 110 ? -7.549  -10.107 -0.917  1.00 45.20 ? 91  THR A OG1 1 
ATOM   795  C  CG2 . THR A 1 110 ? -8.566  -11.035 -2.923  1.00 40.98 ? 91  THR A CG2 1 
ATOM   796  N  N   . LEU A 1 111 ? -6.040  -10.295 -5.375  1.00 43.31 ? 92  LEU A N   1 
ATOM   797  C  CA  . LEU A 1 111 ? -6.102  -9.948  -6.799  1.00 43.65 ? 92  LEU A CA  1 
ATOM   798  C  C   . LEU A 1 111 ? -7.469  -10.337 -7.355  1.00 43.46 ? 92  LEU A C   1 
ATOM   799  O  O   . LEU A 1 111 ? -8.109  -11.266 -6.848  1.00 43.47 ? 92  LEU A O   1 
ATOM   800  C  CB  . LEU A 1 111 ? -4.990  -10.641 -7.603  1.00 43.28 ? 92  LEU A CB  1 
ATOM   801  C  CG  . LEU A 1 111 ? -3.538  -10.390 -7.143  1.00 41.90 ? 92  LEU A CG  1 
ATOM   802  C  CD1 . LEU A 1 111 ? -2.552  -11.255 -7.950  1.00 37.97 ? 92  LEU A CD1 1 
ATOM   803  C  CD2 . LEU A 1 111 ? -3.153  -8.912  -7.221  1.00 40.46 ? 92  LEU A CD2 1 
ATOM   804  N  N   . ASN A 1 112 ? -7.915  -9.609  -8.377  1.00 44.17 ? 93  ASN A N   1 
ATOM   805  C  CA  . ASN A 1 112 ? -9.180  -9.916  -9.101  1.00 45.26 ? 93  ASN A CA  1 
ATOM   806  C  C   . ASN A 1 112 ? -8.869  -10.836 -10.299 1.00 45.48 ? 93  ASN A C   1 
ATOM   807  O  O   . ASN A 1 112 ? -7.687  -11.152 -10.515 1.00 45.08 ? 93  ASN A O   1 
ATOM   808  C  CB  . ASN A 1 112 ? -9.953  -8.627  -9.480  1.00 44.80 ? 93  ASN A CB  1 
ATOM   809  C  CG  . ASN A 1 112 ? -9.202  -7.702  -10.448 1.00 45.78 ? 93  ASN A CG  1 
ATOM   810  O  OD1 . ASN A 1 112 ? -8.278  -8.100  -11.159 1.00 41.88 ? 93  ASN A OD1 1 
ATOM   811  N  ND2 . ASN A 1 112 ? -9.621  -6.448  -10.469 1.00 42.42 ? 93  ASN A ND2 1 
ATOM   812  N  N   . GLU A 1 113 ? -9.901  -11.235 -11.064 1.00 46.51 ? 94  GLU A N   1 
ATOM   813  C  CA  A GLU A 1 113 ? -9.775  -12.094 -12.274 0.50 46.29 ? 94  GLU A CA  1 
ATOM   814  C  CA  B GLU A 1 113 ? -9.701  -12.135 -12.229 0.50 46.32 ? 94  GLU A CA  1 
ATOM   815  C  C   . GLU A 1 113 ? -8.776  -11.524 -13.294 1.00 46.18 ? 94  GLU A C   1 
ATOM   816  O  O   . GLU A 1 113 ? -8.058  -12.267 -13.953 1.00 46.67 ? 94  GLU A O   1 
ATOM   817  C  CB  A GLU A 1 113 ? -11.159 -12.282 -12.946 0.50 46.44 ? 94  GLU A CB  1 
ATOM   818  C  CB  B GLU A 1 113 ? -11.032 -12.641 -12.834 0.50 46.85 ? 94  GLU A CB  1 
ATOM   819  C  CG  A GLU A 1 113 ? -11.197 -13.232 -14.171 0.50 46.65 ? 94  GLU A CG  1 
ATOM   820  C  CG  B GLU A 1 113 ? -10.910 -13.692 -14.002 0.50 47.66 ? 94  GLU A CG  1 
ATOM   821  C  CD  A GLU A 1 113 ? -12.582 -13.375 -14.803 0.50 46.20 ? 94  GLU A CD  1 
ATOM   822  C  CD  B GLU A 1 113 ? -10.142 -14.987 -13.646 0.50 51.01 ? 94  GLU A CD  1 
ATOM   823  O  OE1 A GLU A 1 113 ? -13.604 -13.311 -14.094 0.50 47.03 ? 94  GLU A OE1 1 
ATOM   824  O  OE1 B GLU A 1 113 ? -10.114 -15.381 -12.455 0.50 51.77 ? 94  GLU A OE1 1 
ATOM   825  O  OE2 A GLU A 1 113 ? -12.637 -13.570 -16.030 0.50 45.73 ? 94  GLU A OE2 1 
ATOM   826  O  OE2 B GLU A 1 113 ? -9.581  -15.624 -14.575 0.50 48.06 ? 94  GLU A OE2 1 
ATOM   827  N  N   . GLY A 1 114 ? -8.768  -10.194 -13.426 1.00 45.82 ? 95  GLY A N   1 
ATOM   828  C  CA  . GLY A 1 114 ? -7.856  -9.481  -14.331 1.00 45.73 ? 95  GLY A CA  1 
ATOM   829  C  C   . GLY A 1 114 ? -6.413  -9.330  -13.835 1.00 45.84 ? 95  GLY A C   1 
ATOM   830  O  O   . GLY A 1 114 ? -5.593  -8.745  -14.541 1.00 46.49 ? 95  GLY A O   1 
ATOM   831  N  N   . GLY A 1 115 ? -6.095  -9.828  -12.634 1.00 44.70 ? 96  GLY A N   1 
ATOM   832  C  CA  . GLY A 1 115 ? -4.749  -9.759  -12.070 1.00 45.12 ? 96  GLY A CA  1 
ATOM   833  C  C   . GLY A 1 115 ? -4.367  -8.460  -11.373 1.00 44.28 ? 96  GLY A C   1 
ATOM   834  O  O   . GLY A 1 115 ? -3.238  -8.349  -10.944 1.00 43.90 ? 96  GLY A O   1 
ATOM   835  N  N   . LEU A 1 116 ? -5.294  -7.501  -11.260 1.00 44.24 ? 97  LEU A N   1 
ATOM   836  C  CA  . LEU A 1 116 ? -5.050  -6.208  -10.604 1.00 44.47 ? 97  LEU A CA  1 
ATOM   837  C  C   . LEU A 1 116 ? -5.370  -6.323  -9.114  1.00 44.68 ? 97  LEU A C   1 
ATOM   838  O  O   . LEU A 1 116 ? -6.123  -7.216  -8.697  1.00 44.83 ? 97  LEU A O   1 
ATOM   839  C  CB  . LEU A 1 116 ? -5.890  -5.100  -11.262 1.00 43.56 ? 97  LEU A CB  1 
ATOM   840  C  CG  . LEU A 1 116 ? -5.642  -4.858  -12.759 1.00 44.78 ? 97  LEU A CG  1 
ATOM   841  C  CD1 . LEU A 1 116 ? -6.610  -3.819  -13.335 1.00 43.89 ? 97  LEU A CD1 1 
ATOM   842  C  CD2 . LEU A 1 116 ? -4.199  -4.449  -13.052 1.00 48.25 ? 97  LEU A CD2 1 
ATOM   843  N  N   . ILE A 1 117 ? -4.805  -5.405  -8.323  1.00 44.47 ? 98  ILE A N   1 
ATOM   844  C  CA  . ILE A 1 117 ? -4.992  -5.378  -6.875  1.00 44.87 ? 98  ILE A CA  1 
ATOM   845  C  C   . ILE A 1 117 ? -6.408  -4.870  -6.569  1.00 45.56 ? 98  ILE A C   1 
ATOM   846  O  O   . ILE A 1 117 ? -6.724  -3.716  -6.869  1.00 45.47 ? 98  ILE A O   1 
ATOM   847  C  CB  . ILE A 1 117 ? -3.918  -4.498  -6.160  1.00 44.88 ? 98  ILE A CB  1 
ATOM   848  C  CG1 . ILE A 1 117 ? -2.501  -5.056  -6.435  1.00 45.78 ? 98  ILE A CG1 1 
ATOM   849  C  CG2 . ILE A 1 117 ? -4.189  -4.431  -4.655  1.00 43.99 ? 98  ILE A CG2 1 
ATOM   850  C  CD1 . ILE A 1 117 ? -1.364  -4.200  -5.897  1.00 46.03 ? 98  ILE A CD1 1 
ATOM   851  N  N   . GLN A 1 118 ? -7.238  -5.748  -5.986  1.00 45.96 ? 99  GLN A N   1 
ATOM   852  C  CA  . GLN A 1 118 ? -8.632  -5.447  -5.626  1.00 45.48 ? 99  GLN A CA  1 
ATOM   853  C  C   . GLN A 1 118 ? -8.727  -4.980  -4.167  1.00 44.72 ? 99  GLN A C   1 
ATOM   854  O  O   . GLN A 1 118 ? -9.449  -4.034  -3.892  1.00 44.34 ? 99  GLN A O   1 
ATOM   855  C  CB  . GLN A 1 118 ? -9.528  -6.671  -5.854  1.00 45.34 ? 99  GLN A CB  1 
ATOM   856  C  CG  . GLN A 1 118 ? -11.045 -6.403  -5.760  1.00 47.44 ? 99  GLN A CG  1 
ATOM   857  C  CD  . GLN A 1 118 ? -11.557 -5.422  -6.831  1.00 51.56 ? 99  GLN A CD  1 
ATOM   858  O  OE1 . GLN A 1 118 ? -11.687 -5.775  -8.008  1.00 54.20 ? 99  GLN A OE1 1 
ATOM   859  N  NE2 . GLN A 1 118 ? -11.856 -4.189  -6.412  1.00 51.44 ? 99  GLN A NE2 1 
ATOM   860  N  N   . ASP A 1 119 ? -8.063  -5.695  -3.256  1.00 44.23 ? 100 ASP A N   1 
ATOM   861  C  CA  . ASP A 1 119 ? -7.996  -5.349  -1.817  1.00 44.86 ? 100 ASP A CA  1 
ATOM   862  C  C   . ASP A 1 119 ? -6.538  -5.305  -1.394  1.00 44.30 ? 100 ASP A C   1 
ATOM   863  O  O   . ASP A 1 119 ? -5.786  -6.217  -1.724  1.00 43.60 ? 100 ASP A O   1 
ATOM   864  C  CB  . ASP A 1 119 ? -8.722  -6.372  -0.960  1.00 46.39 ? 100 ASP A CB  1 
ATOM   865  C  CG  . ASP A 1 119 ? -10.198 -6.423  -1.251  1.00 49.59 ? 100 ASP A CG  1 
ATOM   866  O  OD1 . ASP A 1 119 ? -10.889 -5.457  -0.903  1.00 55.99 ? 100 ASP A OD1 1 
ATOM   867  O  OD2 . ASP A 1 119 ? -10.655 -7.439  -1.795  1.00 57.88 ? 100 ASP A OD2 1 
ATOM   868  N  N   . PHE A 1 120 ? -6.174  -4.254  -0.658  1.00 43.94 ? 101 PHE A N   1 
ATOM   869  C  CA  . PHE A 1 120 ? -4.812  -3.980  -0.184  1.00 43.20 ? 101 PHE A CA  1 
ATOM   870  C  C   . PHE A 1 120 ? -5.006  -3.537  1.279   1.00 43.51 ? 101 PHE A C   1 
ATOM   871  O  O   . PHE A 1 120 ? -5.431  -2.408  1.537   1.00 43.21 ? 101 PHE A O   1 
ATOM   872  C  CB  . PHE A 1 120 ? -4.224  -2.867  -1.075  1.00 43.14 ? 101 PHE A CB  1 
ATOM   873  C  CG  . PHE A 1 120 ? -2.716  -2.667  -0.973  1.00 42.77 ? 101 PHE A CG  1 
ATOM   874  C  CD1 . PHE A 1 120 ? -1.998  -2.770  0.238   1.00 43.51 ? 101 PHE A CD1 1 
ATOM   875  C  CD2 . PHE A 1 120 ? -2.010  -2.256  -2.119  1.00 43.40 ? 101 PHE A CD2 1 
ATOM   876  C  CE1 . PHE A 1 120 ? -0.612  -2.546  0.279   1.00 42.50 ? 101 PHE A CE1 1 
ATOM   877  C  CE2 . PHE A 1 120 ? -0.616  -2.026  -2.077  1.00 43.49 ? 101 PHE A CE2 1 
ATOM   878  C  CZ  . PHE A 1 120 ? 0.076   -2.168  -0.868  1.00 46.46 ? 101 PHE A CZ  1 
ATOM   879  N  N   . GLU A 1 121 ? -4.719  -4.442  2.218   1.00 43.12 ? 102 GLU A N   1 
ATOM   880  C  CA  . GLU A 1 121 ? -4.893  -4.213  3.655   1.00 43.52 ? 102 GLU A CA  1 
ATOM   881  C  C   . GLU A 1 121 ? -3.533  -4.306  4.342   1.00 44.05 ? 102 GLU A C   1 
ATOM   882  O  O   . GLU A 1 121 ? -2.828  -5.302  4.160   1.00 42.46 ? 102 GLU A O   1 
ATOM   883  C  CB  . GLU A 1 121 ? -5.870  -5.248  4.193   1.00 43.55 ? 102 GLU A CB  1 
ATOM   884  C  CG  . GLU A 1 121 ? -6.238  -5.077  5.667   1.00 44.42 ? 102 GLU A CG  1 
ATOM   885  C  CD  . GLU A 1 121 ? -7.457  -5.885  6.047   1.00 44.78 ? 102 GLU A CD  1 
ATOM   886  O  OE1 . GLU A 1 121 ? -7.737  -6.911  5.401   1.00 46.83 ? 102 GLU A OE1 1 
ATOM   887  O  OE2 . GLU A 1 121 ? -8.153  -5.487  6.987   1.00 45.97 ? 102 GLU A OE2 1 
ATOM   888  N  N   . VAL A 1 122 ? -3.172  -3.278  5.126   1.00 43.47 ? 103 VAL A N   1 
ATOM   889  C  CA  . VAL A 1 122 ? -1.856  -3.200  5.771   1.00 43.72 ? 103 VAL A CA  1 
ATOM   890  C  C   . VAL A 1 122 ? -1.963  -3.384  7.284   1.00 44.29 ? 103 VAL A C   1 
ATOM   891  O  O   . VAL A 1 122 ? -2.734  -2.685  7.944   1.00 44.09 ? 103 VAL A O   1 
ATOM   892  C  CB  . VAL A 1 122 ? -1.137  -1.883  5.438   1.00 43.38 ? 103 VAL A CB  1 
ATOM   893  C  CG1 . VAL A 1 122 ? 0.272   -1.813  6.125   1.00 40.78 ? 103 VAL A CG1 1 
ATOM   894  C  CG2 . VAL A 1 122 ? -0.998  -1.707  3.932   1.00 43.24 ? 103 VAL A CG2 1 
ATOM   895  N  N   . VAL A 1 123 ? -1.187  -4.336  7.813   1.00 44.13 ? 104 VAL A N   1 
ATOM   896  C  CA  . VAL A 1 123 ? -1.066  -4.614  9.264   1.00 44.42 ? 104 VAL A CA  1 
ATOM   897  C  C   . VAL A 1 123 ? 0.407   -4.354  9.630   1.00 44.99 ? 104 VAL A C   1 
ATOM   898  O  O   . VAL A 1 123 ? 1.290   -4.590  8.806   1.00 45.81 ? 104 VAL A O   1 
ATOM   899  C  CB  . VAL A 1 123 ? -1.543  -6.052  9.649   1.00 45.38 ? 104 VAL A CB  1 
ATOM   900  C  CG1 . VAL A 1 123 ? -3.057  -6.181  9.499   1.00 45.17 ? 104 VAL A CG1 1 
ATOM   901  C  CG2 . VAL A 1 123 ? -0.866  -7.127  8.819   1.00 43.81 ? 104 VAL A CG2 1 
HETATM 902  N  N   . MSE A 1 124 ? 0.658   -3.837  10.836  1.00 45.14 ? 105 MSE A N   1 
HETATM 903  C  CA  . MSE A 1 124 ? 2.003   -3.468  11.287  1.00 46.31 ? 105 MSE A CA  1 
HETATM 904  C  C   . MSE A 1 124 ? 2.259   -3.655  12.771  1.00 44.92 ? 105 MSE A C   1 
HETATM 905  O  O   . MSE A 1 124 ? 1.331   -3.890  13.558  1.00 46.00 ? 105 MSE A O   1 
HETATM 906  C  CB  . MSE A 1 124 ? 2.271   -1.979  10.972  1.00 46.27 ? 105 MSE A CB  1 
HETATM 907  C  CG  . MSE A 1 124 ? 2.759   -1.678  9.601   1.00 55.18 ? 105 MSE A CG  1 
HETATM 908  SE SE  . MSE A 1 124 ? 3.074   0.265   9.485   0.75 52.48 ? 105 MSE A SE  1 
HETATM 909  C  CE  . MSE A 1 124 ? 4.422   0.615   10.713  1.00 57.41 ? 105 MSE A CE  1 
ATOM   910  N  N   . ARG A 1 125 ? 3.552   -3.556  13.106  1.00 43.87 ? 106 ARG A N   1 
ATOM   911  C  CA  . ARG A 1 125 ? 4.074   -3.513  14.481  1.00 43.68 ? 106 ARG A CA  1 
ATOM   912  C  C   . ARG A 1 125 ? 5.324   -2.601  14.483  1.00 43.07 ? 106 ARG A C   1 
ATOM   913  O  O   . ARG A 1 125 ? 5.939   -2.433  13.424  1.00 42.45 ? 106 ARG A O   1 
ATOM   914  C  CB  . ARG A 1 125 ? 4.445   -4.915  14.982  1.00 42.74 ? 106 ARG A CB  1 
ATOM   915  C  CG  . ARG A 1 125 ? 5.604   -5.590  14.242  1.00 43.84 ? 106 ARG A CG  1 
ATOM   916  C  CD  . ARG A 1 125 ? 5.870   -7.008  14.723  1.00 43.10 ? 106 ARG A CD  1 
ATOM   917  N  NE  . ARG A 1 125 ? 6.273   -7.008  16.134  1.00 43.70 ? 106 ARG A NE  1 
ATOM   918  C  CZ  . ARG A 1 125 ? 7.518   -6.858  16.612  1.00 43.34 ? 106 ARG A CZ  1 
ATOM   919  N  NH1 . ARG A 1 125 ? 8.609   -6.869  15.837  1.00 44.40 ? 106 ARG A NH1 1 
ATOM   920  N  NH2 . ARG A 1 125 ? 7.696   -6.825  17.932  1.00 43.90 ? 106 ARG A NH2 1 
ATOM   921  N  N   . PRO A 1 126 ? 5.689   -2.005  15.632  1.00 42.60 ? 107 PRO A N   1 
ATOM   922  C  CA  . PRO A 1 126 ? 5.041   -1.956  16.935  1.00 42.46 ? 107 PRO A CA  1 
ATOM   923  C  C   . PRO A 1 126 ? 4.051   -0.773  16.994  1.00 42.33 ? 107 PRO A C   1 
ATOM   924  O  O   . PRO A 1 126 ? 4.086   0.108   16.115  1.00 42.73 ? 107 PRO A O   1 
ATOM   925  C  CB  . PRO A 1 126 ? 6.218   -1.727  17.876  1.00 42.42 ? 107 PRO A CB  1 
ATOM   926  C  CG  . PRO A 1 126 ? 7.091   -0.799  17.087  1.00 44.78 ? 107 PRO A CG  1 
ATOM   927  C  CD  . PRO A 1 126 ? 6.999   -1.323  15.679  1.00 42.62 ? 107 PRO A CD  1 
ATOM   928  N  N   . TYR A 1 127 ? 3.215   -0.755  18.032  1.00 42.57 ? 108 TYR A N   1 
ATOM   929  C  CA  . TYR A 1 127 ? 2.203   0.310   18.276  1.00 43.19 ? 108 TYR A CA  1 
ATOM   930  C  C   . TYR A 1 127 ? 2.743   1.749   18.123  1.00 43.09 ? 108 TYR A C   1 
ATOM   931  O  O   . TYR A 1 127 ? 2.181   2.528   17.352  1.00 42.36 ? 108 TYR A O   1 
ATOM   932  C  CB  . TYR A 1 127 ? 1.572   0.104   19.667  1.00 42.49 ? 108 TYR A CB  1 
ATOM   933  C  CG  . TYR A 1 127 ? 0.590   1.148   20.156  1.00 42.62 ? 108 TYR A CG  1 
ATOM   934  C  CD1 . TYR A 1 127 ? -0.733  1.175   19.690  1.00 43.09 ? 108 TYR A CD1 1 
ATOM   935  C  CD2 . TYR A 1 127 ? 0.966   2.089   21.137  1.00 42.58 ? 108 TYR A CD2 1 
ATOM   936  C  CE1 . TYR A 1 127 ? -1.657  2.130   20.178  1.00 40.01 ? 108 TYR A CE1 1 
ATOM   937  C  CE2 . TYR A 1 127 ? 0.042   3.054   21.630  1.00 42.99 ? 108 TYR A CE2 1 
ATOM   938  C  CZ  . TYR A 1 127 ? -1.267  3.054   21.142  1.00 43.88 ? 108 TYR A CZ  1 
ATOM   939  O  OH  . TYR A 1 127 ? -2.198  3.967   21.572  1.00 41.88 ? 108 TYR A OH  1 
ATOM   940  N  N   . LYS A 1 128 ? 3.859   2.044   18.797  1.00 43.30 ? 109 LYS A N   1 
ATOM   941  C  CA  . LYS A 1 128 ? 4.488   3.395   18.788  1.00 43.80 ? 109 LYS A CA  1 
ATOM   942  C  C   . LYS A 1 128 ? 4.876   3.896   17.376  1.00 42.80 ? 109 LYS A C   1 
ATOM   943  O  O   . LYS A 1 128 ? 4.685   5.081   17.068  1.00 41.04 ? 109 LYS A O   1 
ATOM   944  C  CB  . LYS A 1 128 ? 5.697   3.422   19.733  1.00 44.35 ? 109 LYS A CB  1 
ATOM   945  C  CG  . LYS A 1 128 ? 6.323   4.781   20.023  1.00 46.65 ? 109 LYS A CG  1 
ATOM   946  C  CD  . LYS A 1 128 ? 7.591   4.692   20.905  1.00 48.59 ? 109 LYS A CD  1 
ATOM   947  C  CE  . LYS A 1 128 ? 7.292   4.168   22.319  1.00 56.68 ? 109 LYS A CE  1 
ATOM   948  N  NZ  . LYS A 1 128 ? 8.453   4.278   23.278  1.00 60.00 ? 109 LYS A NZ  1 
ATOM   949  N  N   . THR A 1 129 ? 5.398   2.995   16.539  1.00 41.28 ? 110 THR A N   1 
ATOM   950  C  CA  . THR A 1 129 ? 5.789   3.328   15.152  1.00 42.11 ? 110 THR A CA  1 
ATOM   951  C  C   . THR A 1 129 ? 4.551   3.579   14.273  1.00 42.70 ? 110 THR A C   1 
ATOM   952  O  O   . THR A 1 129 ? 4.587   4.468   13.410  1.00 44.23 ? 110 THR A O   1 
ATOM   953  C  CB  . THR A 1 129 ? 6.699   2.262   14.530  1.00 42.05 ? 110 THR A CB  1 
ATOM   954  O  OG1 . THR A 1 129 ? 7.761   1.954   15.450  1.00 37.37 ? 110 THR A OG1 1 
ATOM   955  C  CG2 . THR A 1 129 ? 7.294   2.749   13.209  1.00 38.16 ? 110 THR A CG2 1 
ATOM   956  N  N   . VAL A 1 130 ? 3.481   2.803   14.487  1.00 42.43 ? 111 VAL A N   1 
ATOM   957  C  CA  . VAL A 1 130 ? 2.196   3.018   13.792  1.00 42.61 ? 111 VAL A CA  1 
ATOM   958  C  C   . VAL A 1 130 ? 1.632   4.411   14.160  1.00 42.85 ? 111 VAL A C   1 
ATOM   959  O  O   . VAL A 1 130 ? 1.118   5.099   13.286  1.00 43.71 ? 111 VAL A O   1 
ATOM   960  C  CB  . VAL A 1 130 ? 1.174   1.873   14.040  1.00 42.90 ? 111 VAL A CB  1 
ATOM   961  C  CG1 . VAL A 1 130 ? -0.190  2.202   13.407  1.00 40.60 ? 111 VAL A CG1 1 
ATOM   962  C  CG2 . VAL A 1 130 ? 1.724   0.498   13.474  1.00 39.57 ? 111 VAL A CG2 1 
ATOM   963  N  N   . GLY A 1 131 ? 1.738   4.805   15.434  1.00 42.91 ? 112 GLY A N   1 
ATOM   964  C  CA  . GLY A 1 131 ? 1.355   6.161   15.901  1.00 43.14 ? 112 GLY A CA  1 
ATOM   965  C  C   . GLY A 1 131 ? 2.117   7.265   15.172  1.00 43.65 ? 112 GLY A C   1 
ATOM   966  O  O   . GLY A 1 131 ? 1.517   8.263   14.741  1.00 44.41 ? 112 GLY A O   1 
ATOM   967  N  N   . ALA A 1 132 ? 3.430   7.057   15.015  1.00 43.80 ? 113 ALA A N   1 
ATOM   968  C  CA  . ALA A 1 132 ? 4.313   7.956   14.255  1.00 44.12 ? 113 ALA A CA  1 
ATOM   969  C  C   . ALA A 1 132 ? 3.894   8.034   12.772  1.00 44.30 ? 113 ALA A C   1 
ATOM   970  O  O   . ALA A 1 132 ? 3.858   9.134   12.211  1.00 44.58 ? 113 ALA A O   1 
ATOM   971  C  CB  . ALA A 1 132 ? 5.778   7.533   14.387  1.00 43.82 ? 113 ALA A CB  1 
ATOM   972  N  N   . LEU A 1 133 ? 3.581   6.884   12.156  1.00 44.13 ? 114 LEU A N   1 
ATOM   973  C  CA  . LEU A 1 133 ? 3.052   6.827   10.777  1.00 44.46 ? 114 LEU A CA  1 
ATOM   974  C  C   . LEU A 1 133 ? 1.737   7.615   10.652  1.00 44.19 ? 114 LEU A C   1 
ATOM   975  O  O   . LEU A 1 133 ? 1.597   8.397   9.716   1.00 44.02 ? 114 LEU A O   1 
ATOM   976  C  CB  . LEU A 1 133 ? 2.833   5.378   10.279  1.00 43.92 ? 114 LEU A CB  1 
ATOM   977  C  CG  . LEU A 1 133 ? 2.218   5.133   8.881   1.00 44.33 ? 114 LEU A CG  1 
ATOM   978  C  CD1 . LEU A 1 133 ? 3.033   5.815   7.786   1.00 42.46 ? 114 LEU A CD1 1 
ATOM   979  C  CD2 . LEU A 1 133 ? 2.030   3.622   8.588   1.00 44.56 ? 114 LEU A CD2 1 
ATOM   980  N  N   . ARG A 1 134 ? 0.808   7.395   11.590  1.00 44.67 ? 115 ARG A N   1 
ATOM   981  C  CA  . ARG A 1 134 ? -0.495  8.088   11.628  1.00 45.43 ? 115 ARG A CA  1 
ATOM   982  C  C   . ARG A 1 134 ? -0.310  9.612   11.660  1.00 44.60 ? 115 ARG A C   1 
ATOM   983  O  O   . ARG A 1 134 ? -0.965  10.308  10.893  1.00 43.25 ? 115 ARG A O   1 
ATOM   984  C  CB  . ARG A 1 134 ? -1.335  7.654   12.833  1.00 45.95 ? 115 ARG A CB  1 
ATOM   985  C  CG  . ARG A 1 134 ? -2.776  8.239   12.895  1.00 46.87 ? 115 ARG A CG  1 
ATOM   986  C  CD  . ARG A 1 134 ? -3.384  8.110   14.281  1.00 49.58 ? 115 ARG A CD  1 
ATOM   987  N  NE  . ARG A 1 134 ? -2.595  8.832   15.289  1.00 57.65 ? 115 ARG A NE  1 
ATOM   988  C  CZ  . ARG A 1 134 ? -2.880  8.927   16.591  1.00 60.99 ? 115 ARG A CZ  1 
ATOM   989  N  NH1 . ARG A 1 134 ? -3.989  8.380   17.112  1.00 64.00 ? 115 ARG A NH1 1 
ATOM   990  N  NH2 . ARG A 1 134 ? -2.046  9.599   17.394  1.00 62.00 ? 115 ARG A NH2 1 
ATOM   991  N  N   . ASP A 1 135 ? 0.589   10.089  12.525  1.00 44.08 ? 116 ASP A N   1 
ATOM   992  C  CA  . ASP A 1 135 ? 0.893   11.521  12.629  1.00 44.49 ? 116 ASP A CA  1 
ATOM   993  C  C   . ASP A 1 135 ? 1.497   12.079  11.330  1.00 43.82 ? 116 ASP A C   1 
ATOM   994  O  O   . ASP A 1 135 ? 1.032   13.116  10.847  1.00 42.57 ? 116 ASP A O   1 
ATOM   995  C  CB  . ASP A 1 135 ? 1.800   11.819  13.832  1.00 46.11 ? 116 ASP A CB  1 
ATOM   996  C  CG  . ASP A 1 135 ? 1.114   11.551  15.191  1.00 51.79 ? 116 ASP A CG  1 
ATOM   997  O  OD1 . ASP A 1 135 ? -0.135  11.396  15.252  1.00 53.21 ? 116 ASP A OD1 1 
ATOM   998  O  OD2 . ASP A 1 135 ? 1.848   11.505  16.207  1.00 55.20 ? 116 ASP A OD2 1 
ATOM   999  N  N   . ALA A 1 136 ? 2.477   11.366  10.756  1.00 42.74 ? 117 ALA A N   1 
ATOM   1000 C  CA  . ALA A 1 136 ? 3.103   11.762  9.474   1.00 42.45 ? 117 ALA A CA  1 
ATOM   1001 C  C   . ALA A 1 136 ? 2.096   11.800  8.311   1.00 42.11 ? 117 ALA A C   1 
ATOM   1002 O  O   . ALA A 1 136 ? 2.123   12.737  7.504   1.00 41.98 ? 117 ALA A O   1 
ATOM   1003 C  CB  . ALA A 1 136 ? 4.295   10.860  9.127   1.00 41.42 ? 117 ALA A CB  1 
HETATM 1004 N  N   . MSE A 1 137 ? 1.203   10.809  8.262   1.00 42.10 ? 118 MSE A N   1 
HETATM 1005 C  CA  . MSE A 1 137 ? 0.162   10.710  7.212   1.00 42.64 ? 118 MSE A CA  1 
HETATM 1006 C  C   . MSE A 1 137 ? -0.933  11.767  7.356   1.00 42.81 ? 118 MSE A C   1 
HETATM 1007 O  O   . MSE A 1 137 ? -1.414  12.272  6.336   1.00 43.71 ? 118 MSE A O   1 
HETATM 1008 C  CB  . MSE A 1 137 ? -0.441  9.293   7.127   1.00 42.51 ? 118 MSE A CB  1 
HETATM 1009 C  CG  . MSE A 1 137 ? 0.520   8.222   6.592   1.00 42.37 ? 118 MSE A CG  1 
HETATM 1010 SE SE  . MSE A 1 137 ? 1.084   8.552   4.757   0.75 39.23 ? 118 MSE A SE  1 
HETATM 1011 C  CE  . MSE A 1 137 ? -0.709  8.318   3.906   1.00 42.65 ? 118 MSE A CE  1 
ATOM   1012 N  N   . ASN A 1 138 ? -1.337  12.085  8.592   1.00 42.63 ? 119 ASN A N   1 
ATOM   1013 C  CA  . ASN A 1 138 ? -2.284  13.191  8.834   1.00 42.42 ? 119 ASN A CA  1 
ATOM   1014 C  C   . ASN A 1 138 ? -1.728  14.501  8.241   1.00 42.18 ? 119 ASN A C   1 
ATOM   1015 O  O   . ASN A 1 138 ? -2.451  15.203  7.540   1.00 42.18 ? 119 ASN A O   1 
ATOM   1016 C  CB  . ASN A 1 138 ? -2.574  13.415  10.324  1.00 42.63 ? 119 ASN A CB  1 
ATOM   1017 C  CG  . ASN A 1 138 ? -3.398  12.310  10.959  1.00 47.19 ? 119 ASN A CG  1 
ATOM   1018 O  OD1 . ASN A 1 138 ? -4.054  11.495  10.286  1.00 47.77 ? 119 ASN A OD1 1 
ATOM   1019 N  ND2 . ASN A 1 138 ? -3.351  12.266  12.293  1.00 47.53 ? 119 ASN A ND2 1 
ATOM   1020 N  N   . ALA A 1 139 ? -0.445  14.781  8.503   1.00 41.44 ? 120 ALA A N   1 
ATOM   1021 C  CA  . ALA A 1 139 ? 0.232   15.978  7.984   1.00 41.48 ? 120 ALA A CA  1 
ATOM   1022 C  C   . ALA A 1 139 ? 0.291   16.025  6.440   1.00 40.34 ? 120 ALA A C   1 
ATOM   1023 O  O   . ALA A 1 139 ? -0.046  17.046  5.835   1.00 39.53 ? 120 ALA A O   1 
ATOM   1024 C  CB  . ALA A 1 139 ? 1.642   16.109  8.589   1.00 40.97 ? 120 ALA A CB  1 
ATOM   1025 N  N   . ARG A 1 140 ? 0.688   14.913  5.824   1.00 40.33 ? 121 ARG A N   1 
ATOM   1026 C  CA  . ARG A 1 140 ? 0.786   14.802  4.347   1.00 41.17 ? 121 ARG A CA  1 
ATOM   1027 C  C   . ARG A 1 140 ? -0.543  14.926  3.604   1.00 40.79 ? 121 ARG A C   1 
ATOM   1028 O  O   . ARG A 1 140 ? -0.637  15.670  2.623   1.00 39.78 ? 121 ARG A O   1 
ATOM   1029 C  CB  . ARG A 1 140 ? 1.449   13.487  3.941   1.00 41.46 ? 121 ARG A CB  1 
ATOM   1030 C  CG  . ARG A 1 140 ? 2.907   13.470  4.249   1.00 43.41 ? 121 ARG A CG  1 
ATOM   1031 C  CD  . ARG A 1 140 ? 3.510   12.151  3.907   1.00 49.96 ? 121 ARG A CD  1 
ATOM   1032 N  NE  . ARG A 1 140 ? 4.964   12.264  3.800   1.00 56.72 ? 121 ARG A NE  1 
ATOM   1033 C  CZ  . ARG A 1 140 ? 5.649   12.722  2.736   1.00 57.87 ? 121 ARG A CZ  1 
ATOM   1034 N  NH1 . ARG A 1 140 ? 5.035   13.155  1.621   1.00 56.60 ? 121 ARG A NH1 1 
ATOM   1035 N  NH2 . ARG A 1 140 ? 6.987   12.772  2.795   1.00 57.96 ? 121 ARG A NH2 1 
ATOM   1036 N  N   . VAL A 1 141 ? -1.548  14.197  4.084   1.00 41.01 ? 122 VAL A N   1 
ATOM   1037 C  CA  . VAL A 1 141 ? -2.887  14.199  3.467   1.00 41.69 ? 122 VAL A CA  1 
ATOM   1038 C  C   . VAL A 1 141 ? -3.566  15.556  3.581   1.00 41.34 ? 122 VAL A C   1 
ATOM   1039 O  O   . VAL A 1 141 ? -4.134  16.033  2.596   1.00 42.39 ? 122 VAL A O   1 
ATOM   1040 C  CB  . VAL A 1 141 ? -3.773  13.045  4.025   1.00 42.25 ? 122 VAL A CB  1 
ATOM   1041 C  CG1 . VAL A 1 141 ? -5.229  13.178  3.580   1.00 44.26 ? 122 VAL A CG1 1 
ATOM   1042 C  CG2 . VAL A 1 141 ? -3.186  11.710  3.568   1.00 42.71 ? 122 VAL A CG2 1 
HETATM 1043 N  N   . MSE A 1 142 ? -3.474  16.165  4.764   1.00 40.68 ? 123 MSE A N   1 
HETATM 1044 C  CA  A MSE A 1 142 ? -4.031  17.508  5.030   0.50 40.36 ? 123 MSE A CA  1 
HETATM 1045 C  CA  B MSE A 1 142 ? -4.061  17.471  4.977   0.50 42.32 ? 123 MSE A CA  1 
HETATM 1046 C  C   . MSE A 1 142 ? -3.362  18.557  4.128   1.00 40.61 ? 123 MSE A C   1 
HETATM 1047 O  O   . MSE A 1 142 ? -4.030  19.460  3.622   1.00 40.77 ? 123 MSE A O   1 
HETATM 1048 C  CB  A MSE A 1 142 ? -3.833  17.956  6.502   0.50 40.13 ? 123 MSE A CB  1 
HETATM 1049 C  CB  B MSE A 1 142 ? -3.993  17.806  6.446   0.50 42.23 ? 123 MSE A CB  1 
HETATM 1050 C  CG  A MSE A 1 142 ? -4.721  19.155  6.925   0.50 41.72 ? 123 MSE A CG  1 
HETATM 1051 C  CG  B MSE A 1 142 ? -4.878  18.915  6.859   0.50 45.63 ? 123 MSE A CG  1 
HETATM 1052 SE SE  A MSE A 1 142 ? -3.956  20.498  8.166   0.38 39.29 ? 123 MSE A SE  1 
HETATM 1053 SE SE  B MSE A 1 142 ? -4.362  19.391  8.597   0.37 48.94 ? 123 MSE A SE  1 
HETATM 1054 C  CE  A MSE A 1 142 ? -3.068  19.276  9.457   0.50 51.81 ? 123 MSE A CE  1 
HETATM 1055 C  CE  B MSE A 1 142 ? -4.482  17.635  9.530   0.50 42.03 ? 123 MSE A CE  1 
ATOM   1056 N  N   . THR A 1 143 ? -2.034  18.451  3.969   1.00 39.29 ? 124 THR A N   1 
ATOM   1057 C  CA  . THR A 1 143 ? -1.246  19.425  3.166   1.00 39.38 ? 124 THR A CA  1 
ATOM   1058 C  C   . THR A 1 143 ? -1.448  19.271  1.666   1.00 37.44 ? 124 THR A C   1 
ATOM   1059 O  O   . THR A 1 143 ? -1.484  20.262  0.947   1.00 36.39 ? 124 THR A O   1 
ATOM   1060 C  CB  . THR A 1 143 ? 0.273   19.361  3.513   1.00 39.72 ? 124 THR A CB  1 
ATOM   1061 O  OG1 . THR A 1 143 ? 0.426   19.573  4.919   1.00 42.71 ? 124 THR A OG1 1 
ATOM   1062 C  CG2 . THR A 1 143 ? 1.108   20.425  2.742   1.00 37.44 ? 124 THR A CG2 1 
ATOM   1063 N  N   . ASP A 1 144 ? -1.562  18.027  1.206   1.00 37.91 ? 125 ASP A N   1 
ATOM   1064 C  CA  . ASP A 1 144 ? -1.744  17.724  -0.211  1.00 38.95 ? 125 ASP A CA  1 
ATOM   1065 C  C   . ASP A 1 144 ? -3.156  18.173  -0.614  1.00 38.38 ? 125 ASP A C   1 
ATOM   1066 O  O   . ASP A 1 144 ? -4.129  17.487  -0.298  1.00 38.50 ? 125 ASP A O   1 
ATOM   1067 C  CB  . ASP A 1 144 ? -1.496  16.227  -0.445  1.00 38.08 ? 125 ASP A CB  1 
ATOM   1068 C  CG  . ASP A 1 144 ? -1.548  15.824  -1.901  1.00 42.01 ? 125 ASP A CG  1 
ATOM   1069 O  OD1 . ASP A 1 144 ? -1.958  16.606  -2.779  1.00 38.88 ? 125 ASP A OD1 1 
ATOM   1070 O  OD2 . ASP A 1 144 ? -1.180  14.672  -2.160  1.00 43.45 ? 125 ASP A OD2 1 
ATOM   1071 N  N   . ALA A 1 145 ? -3.224  19.314  -1.319  1.00 38.91 ? 126 ALA A N   1 
ATOM   1072 C  CA  . ALA A 1 145 ? -4.494  19.944  -1.767  1.00 40.51 ? 126 ALA A CA  1 
ATOM   1073 C  C   . ALA A 1 145 ? -5.421  19.068  -2.640  1.00 41.75 ? 126 ALA A C   1 
ATOM   1074 O  O   . ALA A 1 145 ? -6.632  19.310  -2.666  1.00 41.66 ? 126 ALA A O   1 
ATOM   1075 C  CB  . ALA A 1 145 ? -4.235  21.284  -2.451  1.00 39.27 ? 126 ALA A CB  1 
ATOM   1076 N  N   . ARG A 1 146 ? -4.859  18.063  -3.323  1.00 42.72 ? 127 ARG A N   1 
ATOM   1077 C  CA  . ARG A 1 146 ? -5.650  17.075  -4.102  1.00 44.65 ? 127 ARG A CA  1 
ATOM   1078 C  C   . ARG A 1 146 ? -6.631  16.276  -3.234  1.00 45.76 ? 127 ARG A C   1 
ATOM   1079 O  O   . ARG A 1 146 ? -7.657  15.814  -3.735  1.00 46.34 ? 127 ARG A O   1 
ATOM   1080 C  CB  . ARG A 1 146 ? -4.757  16.051  -4.790  1.00 44.87 ? 127 ARG A CB  1 
ATOM   1081 C  CG  . ARG A 1 146 ? -3.767  16.617  -5.810  1.00 47.26 ? 127 ARG A CG  1 
ATOM   1082 C  CD  . ARG A 1 146 ? -2.954  15.511  -6.450  1.00 46.94 ? 127 ARG A CD  1 
ATOM   1083 N  NE  . ARG A 1 146 ? -2.270  14.671  -5.464  1.00 51.85 ? 127 ARG A NE  1 
ATOM   1084 C  CZ  . ARG A 1 146 ? -1.405  13.690  -5.724  1.00 52.48 ? 127 ARG A CZ  1 
ATOM   1085 N  NH1 . ARG A 1 146 ? -1.020  13.410  -6.969  1.00 57.60 ? 127 ARG A NH1 1 
ATOM   1086 N  NH2 . ARG A 1 146 ? -0.870  13.023  -4.706  1.00 48.48 ? 127 ARG A NH2 1 
ATOM   1087 N  N   . PHE A 1 147 ? -6.301  16.105  -1.953  1.00 46.93 ? 128 PHE A N   1 
ATOM   1088 C  CA  . PHE A 1 147 ? -7.169  15.404  -1.016  1.00 48.51 ? 128 PHE A CA  1 
ATOM   1089 C  C   . PHE A 1 147 ? -8.496  16.076  -0.672  1.00 50.29 ? 128 PHE A C   1 
ATOM   1090 O  O   . PHE A 1 147 ? -9.292  15.420  -0.036  1.00 50.97 ? 128 PHE A O   1 
ATOM   1091 C  CB  . PHE A 1 147 ? -6.397  14.881  0.213   1.00 47.40 ? 128 PHE A CB  1 
ATOM   1092 C  CG  . PHE A 1 147 ? -5.608  13.645  -0.083  1.00 46.70 ? 128 PHE A CG  1 
ATOM   1093 C  CD1 . PHE A 1 147 ? -4.328  13.735  -0.631  1.00 47.76 ? 128 PHE A CD1 1 
ATOM   1094 C  CD2 . PHE A 1 147 ? -6.180  12.372  0.107   1.00 46.61 ? 128 PHE A CD2 1 
ATOM   1095 C  CE1 . PHE A 1 147 ? -3.589  12.570  -0.951  1.00 50.00 ? 128 PHE A CE1 1 
ATOM   1096 C  CE2 . PHE A 1 147 ? -5.463  11.203  -0.217  1.00 48.38 ? 128 PHE A CE2 1 
ATOM   1097 C  CZ  . PHE A 1 147 ? -4.155  11.305  -0.747  1.00 48.18 ? 128 PHE A CZ  1 
ATOM   1098 N  N   . LEU A 1 148 ? -8.727  17.345  -1.057  1.00 51.34 ? 129 LEU A N   1 
ATOM   1099 C  CA  . LEU A 1 148 ? -10.062 18.003  -0.936  1.00 52.36 ? 129 LEU A CA  1 
ATOM   1100 C  C   . LEU A 1 148 ? -11.088 17.158  -1.724  1.00 53.01 ? 129 LEU A C   1 
ATOM   1101 O  O   . LEU A 1 148 ? -12.152 16.830  -1.198  1.00 53.80 ? 129 LEU A O   1 
ATOM   1102 C  CB  . LEU A 1 148 ? -10.064 19.442  -1.493  1.00 53.13 ? 129 LEU A CB  1 
ATOM   1103 C  CG  . LEU A 1 148 ? -11.305 20.331  -1.223  1.00 52.67 ? 129 LEU A CG  1 
ATOM   1104 C  CD1 . LEU A 1 148 ? -11.345 20.750  0.244   1.00 56.80 ? 129 LEU A CD1 1 
ATOM   1105 C  CD2 . LEU A 1 148 ? -11.322 21.561  -2.121  1.00 53.81 ? 129 LEU A CD2 1 
ATOM   1106 N  N   . LYS A 1 149 ? -10.732 16.806  -2.965  1.00 53.01 ? 130 LYS A N   1 
ATOM   1107 C  CA  . LYS A 1 149 ? -11.528 15.900  -3.809  1.00 53.67 ? 130 LYS A CA  1 
ATOM   1108 C  C   . LYS A 1 149 ? -11.508 14.454  -3.253  1.00 54.35 ? 130 LYS A C   1 
ATOM   1109 O  O   . LYS A 1 149 ? -12.561 13.835  -3.130  1.00 55.81 ? 130 LYS A O   1 
ATOM   1110 C  CB  . LYS A 1 149 ? -11.028 15.889  -5.261  1.00 53.37 ? 130 LYS A CB  1 
ATOM   1111 N  N   . TYR A 1 150 ? -10.333 13.944  -2.881  1.00 53.90 ? 131 TYR A N   1 
ATOM   1112 C  CA  . TYR A 1 150 ? -10.219 12.545  -2.408  1.00 54.33 ? 131 TYR A CA  1 
ATOM   1113 C  C   . TYR A 1 150 ? -10.869 12.197  -1.050  1.00 54.90 ? 131 TYR A C   1 
ATOM   1114 O  O   . TYR A 1 150 ? -11.066 11.011  -0.799  1.00 54.75 ? 131 TYR A O   1 
ATOM   1115 C  CB  . TYR A 1 150 ? -8.771  12.031  -2.471  1.00 53.81 ? 131 TYR A CB  1 
ATOM   1116 C  CG  . TYR A 1 150 ? -8.060  12.113  -3.829  1.00 53.89 ? 131 TYR A CG  1 
ATOM   1117 C  CD1 . TYR A 1 150 ? -8.750  11.930  -5.056  1.00 53.80 ? 131 TYR A CD1 1 
ATOM   1118 C  CD2 . TYR A 1 150 ? -6.657  12.268  -3.889  1.00 53.21 ? 131 TYR A CD2 1 
ATOM   1119 C  CE1 . TYR A 1 150 ? -8.067  11.974  -6.302  1.00 52.79 ? 131 TYR A CE1 1 
ATOM   1120 C  CE2 . TYR A 1 150 ? -5.964  12.309  -5.129  1.00 52.03 ? 131 TYR A CE2 1 
ATOM   1121 C  CZ  . TYR A 1 150 ? -6.676  12.156  -6.326  1.00 54.77 ? 131 TYR A CZ  1 
ATOM   1122 O  OH  . TYR A 1 150 ? -6.020  12.195  -7.540  1.00 57.82 ? 131 TYR A OH  1 
ATOM   1123 N  N   . ARG A 1 151 ? -11.232 13.194  -0.219  1.00 55.66 ? 132 ARG A N   1 
ATOM   1124 C  CA  . ARG A 1 151 ? -11.952 12.992  1.101   1.00 56.24 ? 132 ARG A CA  1 
ATOM   1125 C  C   . ARG A 1 151 ? -13.162 12.073  0.982   1.00 53.48 ? 132 ARG A C   1 
ATOM   1126 O  O   . ARG A 1 151 ? -13.389 11.229  1.854   1.00 52.68 ? 132 ARG A O   1 
ATOM   1127 C  CB  . ARG A 1 151 ? -12.532 14.305  1.707   1.00 57.44 ? 132 ARG A CB  1 
ATOM   1128 C  CG  . ARG A 1 151 ? -11.566 15.411  1.944   1.00 59.95 ? 132 ARG A CG  1 
ATOM   1129 C  CD  . ARG A 1 151 ? -12.049 16.555  2.776   1.00 60.47 ? 132 ARG A CD  1 
ATOM   1130 N  NE  . ARG A 1 151 ? -12.290 16.216  4.182   1.00 67.11 ? 132 ARG A NE  1 
ATOM   1131 C  CZ  . ARG A 1 151 ? -12.377 17.098  5.190   1.00 68.83 ? 132 ARG A CZ  1 
ATOM   1132 N  NH1 . ARG A 1 151 ? -12.186 18.427  5.015   1.00 70.74 ? 132 ARG A NH1 1 
ATOM   1133 N  NH2 . ARG A 1 151 ? -12.618 16.638  6.424   1.00 69.91 ? 132 ARG A NH2 1 
ATOM   1134 N  N   . GLU A 1 152 ? -13.938 12.300  -0.090  1.00 51.41 ? 133 GLU A N   1 
ATOM   1135 C  CA  . GLU A 1 152 ? -15.131 11.503  -0.446  1.00 49.38 ? 133 GLU A CA  1 
ATOM   1136 C  C   . GLU A 1 152 ? -14.851 10.005  -0.644  1.00 48.35 ? 133 GLU A C   1 
ATOM   1137 O  O   . GLU A 1 152 ? -15.744 9.193   -0.434  1.00 49.31 ? 133 GLU A O   1 
ATOM   1138 C  CB  . GLU A 1 152 ? -15.795 12.072  -1.713  1.00 50.39 ? 133 GLU A CB  1 
ATOM   1139 N  N   . ALA A 1 153 ? -13.619 9.660   -1.046  1.00 46.61 ? 134 ALA A N   1 
ATOM   1140 C  CA  . ALA A 1 153 ? -13.172 8.270   -1.224  1.00 46.06 ? 134 ALA A CA  1 
ATOM   1141 C  C   . ALA A 1 153 ? -12.892 7.485   0.078   1.00 45.11 ? 134 ALA A C   1 
ATOM   1142 O  O   . ALA A 1 153 ? -12.679 6.265   0.001   1.00 43.08 ? 134 ALA A O   1 
ATOM   1143 C  CB  . ALA A 1 153 ? -11.940 8.226   -2.117  1.00 44.86 ? 134 ALA A CB  1 
ATOM   1144 N  N   . LEU A 1 154 ? -12.872 8.169   1.234   1.00 45.03 ? 135 LEU A N   1 
ATOM   1145 C  CA  . LEU A 1 154 ? -12.628 7.554   2.545   1.00 46.08 ? 135 LEU A CA  1 
ATOM   1146 C  C   . LEU A 1 154 ? -13.955 7.202   3.221   1.00 46.94 ? 135 LEU A C   1 
ATOM   1147 O  O   . LEU A 1 154 ? -14.843 8.058   3.309   1.00 47.49 ? 135 LEU A O   1 
ATOM   1148 C  CB  . LEU A 1 154 ? -11.843 8.510   3.454   1.00 45.00 ? 135 LEU A CB  1 
ATOM   1149 C  CG  . LEU A 1 154 ? -11.313 7.986   4.790   1.00 45.91 ? 135 LEU A CG  1 
ATOM   1150 C  CD1 . LEU A 1 154 ? -10.254 6.885   4.574   1.00 42.78 ? 135 LEU A CD1 1 
ATOM   1151 C  CD2 . LEU A 1 154 ? -10.747 9.157   5.616   1.00 46.54 ? 135 LEU A CD2 1 
ATOM   1152 N  N   . SER A 1 155 ? -14.074 5.964   3.705   1.00 47.30 ? 136 SER A N   1 
ATOM   1153 C  CA  . SER A 1 155 ? -15.293 5.481   4.377   1.00 48.31 ? 136 SER A CA  1 
ATOM   1154 C  C   . SER A 1 155 ? -14.996 4.441   5.453   1.00 50.13 ? 136 SER A C   1 
ATOM   1155 O  O   . SER A 1 155 ? -13.868 3.941   5.601   1.00 49.08 ? 136 SER A O   1 
ATOM   1156 C  CB  . SER A 1 155 ? -16.245 4.870   3.339   1.00 49.13 ? 136 SER A CB  1 
ATOM   1157 O  OG  . SER A 1 155 ? -15.719 3.659   2.796   1.00 50.28 ? 136 SER A OG  1 
ATOM   1158 O  OXT . SER A 1 155 ? -15.932 4.065   6.177   1.00 51.73 ? 136 SER A OXT 1 
HETATM 1159 O  O1  . UNL B 2 .   ? 4.062   -0.882  1.820   1.00 49.11 ? 137 UNL A O1  1 
HETATM 1160 O  O2  . UNL B 2 .   ? 2.745   0.530   1.355   1.00 47.92 ? 137 UNL A O2  1 
HETATM 1161 O  O3  . UNL B 2 .   ? 4.370   0.742   1.249   1.00 54.89 ? 137 UNL A O3  1 
HETATM 1162 O  O4  . UNL B 2 .   ? 2.585   -0.951  2.183   1.00 51.86 ? 137 UNL A O4  1 
HETATM 1163 O  O   . HOH C 3 .   ? 15.867  -7.703  5.879   1.00 59.59 ? 138 HOH A O   1 
HETATM 1164 O  O   . HOH C 3 .   ? 4.227   -19.073 -0.238  1.00 36.57 ? 139 HOH A O   1 
HETATM 1165 O  O   . HOH C 3 .   ? 11.883  9.385   14.868  1.00 54.33 ? 140 HOH A O   1 
HETATM 1166 O  O   . HOH C 3 .   ? 15.639  -7.996  10.000  1.00 61.72 ? 141 HOH A O   1 
HETATM 1167 O  O   . HOH C 3 .   ? -10.563 -6.260  6.954   1.00 39.87 ? 142 HOH A O   1 
HETATM 1168 O  O   . HOH C 3 .   ? 12.120  1.242   17.324  1.00 48.08 ? 143 HOH A O   1 
HETATM 1169 O  O   . HOH C 3 .   ? -10.395 -3.171  -12.573 1.00 42.48 ? 144 HOH A O   1 
HETATM 1170 O  O   . HOH C 3 .   ? 12.250  -5.343  -1.457  1.00 37.71 ? 145 HOH A O   1 
HETATM 1171 O  O   . HOH C 3 .   ? -10.313 6.527   -9.174  1.00 42.27 ? 146 HOH A O   1 
HETATM 1172 O  O   . HOH C 3 .   ? 11.352  7.368   7.682   1.00 39.51 ? 147 HOH A O   1 
HETATM 1173 O  O   . HOH C 3 .   ? -12.524 -10.899 -9.924  1.00 44.65 ? 148 HOH A O   1 
HETATM 1174 O  O   . HOH C 3 .   ? 0.567   -18.320 -8.187  1.00 41.15 ? 149 HOH A O   1 
HETATM 1175 O  O   . HOH C 3 .   ? -11.228 -8.276  -13.048 1.00 43.47 ? 150 HOH A O   1 
HETATM 1176 O  O   . HOH C 3 .   ? -14.232 4.114   0.676   1.00 37.16 ? 151 HOH A O   1 
HETATM 1177 O  O   . HOH C 3 .   ? -10.893 4.666   12.884  1.00 38.06 ? 152 HOH A O   1 
HETATM 1178 O  O   . HOH C 3 .   ? 5.463   11.111  13.071  1.00 44.57 ? 153 HOH A O   1 
HETATM 1179 O  O   . HOH C 3 .   ? -6.296  -8.408  0.874   1.00 30.92 ? 154 HOH A O   1 
HETATM 1180 O  O   . HOH C 3 .   ? -1.847  -0.965  13.623  1.00 37.59 ? 155 HOH A O   1 
HETATM 1181 O  O   . HOH C 3 .   ? 1.233   10.641  -3.466  1.00 48.15 ? 156 HOH A O   1 
HETATM 1182 O  O   . HOH C 3 .   ? 2.982   -19.603 -5.169  1.00 43.82 ? 157 HOH A O   1 
HETATM 1183 O  O   . HOH C 3 .   ? -6.514  6.433   15.978  1.00 41.09 ? 158 HOH A O   1 
HETATM 1184 O  O   . HOH C 3 .   ? -8.116  11.996  -9.788  1.00 64.69 ? 159 HOH A O   1 
HETATM 1185 O  O   . HOH C 3 .   ? 15.838  5.007   2.826   1.00 54.18 ? 160 HOH A O   1 
HETATM 1186 O  O   . HOH C 3 .   ? 13.690  -1.360  10.673  1.00 44.85 ? 161 HOH A O   1 
HETATM 1187 O  O   . HOH C 3 .   ? -4.762  -13.229 -12.684 1.00 58.93 ? 162 HOH A O   1 
HETATM 1188 O  O   . HOH C 3 .   ? -1.720  13.953  13.897  1.00 57.15 ? 163 HOH A O   1 
HETATM 1189 O  O   . HOH C 3 .   ? 8.960   -7.429  -12.413 1.00 63.15 ? 164 HOH A O   1 
HETATM 1190 O  O   . HOH C 3 .   ? -11.496 -9.111  -3.699  1.00 64.74 ? 165 HOH A O   1 
HETATM 1191 O  O   . HOH C 3 .   ? 14.513  -12.073 2.569   1.00 54.53 ? 166 HOH A O   1 
HETATM 1192 O  O   . HOH C 3 .   ? -13.373 -13.723 -9.730  1.00 67.46 ? 167 HOH A O   1 
HETATM 1193 O  O   . HOH C 3 .   ? 3.494   12.016  -2.768  1.00 58.73 ? 168 HOH A O   1 
HETATM 1194 O  O   . HOH C 3 .   ? -15.354 0.365   -1.214  1.00 47.10 ? 169 HOH A O   1 
HETATM 1195 O  O   . HOH C 3 .   ? 3.547   -0.173  -13.050 1.00 60.47 ? 170 HOH A O   1 
HETATM 1196 O  O   . HOH C 3 .   ? 12.631  3.303   1.627   1.00 53.71 ? 171 HOH A O   1 
HETATM 1197 O  O   . HOH C 3 .   ? 15.253  -8.691  2.887   1.00 69.42 ? 172 HOH A O   1 
HETATM 1198 O  O   . HOH C 3 .   ? -14.837 -0.771  -3.941  1.00 56.94 ? 173 HOH A O   1 
HETATM 1199 O  O   . HOH C 3 .   ? 3.993   7.250   18.499  1.00 49.39 ? 174 HOH A O   1 
HETATM 1200 O  O   . HOH C 3 .   ? -15.581 -0.862  1.204   1.00 51.48 ? 175 HOH A O   1 
HETATM 1201 O  O   . HOH C 3 .   ? 11.451  -7.459  -3.065  1.00 53.60 ? 176 HOH A O   1 
HETATM 1202 O  O   . HOH C 3 .   ? -2.672  -7.976  -15.028 1.00 55.58 ? 177 HOH A O   1 
HETATM 1203 O  O   . HOH C 3 .   ? 15.957  -0.783  9.342   1.00 55.11 ? 178 HOH A O   1 
HETATM 1204 O  O   . HOH C 3 .   ? -11.907 -6.843  4.490   1.00 58.61 ? 179 HOH A O   1 
HETATM 1205 O  O   . HOH C 3 .   ? -9.228  -11.666 0.763   1.00 44.87 ? 180 HOH A O   1 
HETATM 1206 O  O   . HOH C 3 .   ? 2.501   -20.787 -1.355  0.50 41.40 ? 181 HOH A O   1 
HETATM 1207 O  O   . HOH C 3 .   ? -7.940  -8.021  3.003   1.00 51.39 ? 182 HOH A O   1 
HETATM 1208 O  O   . HOH C 3 .   ? 10.876  -12.937 8.621   1.00 50.68 ? 183 HOH A O   1 
HETATM 1209 O  O   . HOH C 3 .   ? 10.591  -11.234 -5.512  1.00 67.92 ? 184 HOH A O   1 
HETATM 1210 O  O   . HOH C 3 .   ? -0.513  -0.254  15.902  0.50 40.56 ? 185 HOH A O   1 
HETATM 1211 O  O   . HOH C 3 .   ? -5.835  18.732  1.660   1.00 48.65 ? 186 HOH A O   1 
HETATM 1212 O  O   . HOH C 3 .   ? 2.032   5.783   20.254  1.00 45.48 ? 187 HOH A O   1 
HETATM 1213 O  O   . HOH C 3 .   ? 3.421   4.492   22.492  1.00 48.98 ? 188 HOH A O   1 
HETATM 1214 O  O   . HOH C 3 .   ? -9.503  2.945   14.487  1.00 45.58 ? 189 HOH A O   1 
HETATM 1215 O  O   . HOH C 3 .   ? -6.989  3.548   14.972  1.00 40.77 ? 190 HOH A O   1 
HETATM 1216 O  O   . HOH C 3 .   ? 1.781   16.731  1.531   1.00 42.91 ? 191 HOH A O   1 
HETATM 1217 O  O   . HOH C 3 .   ? 7.597   12.329  6.030   1.00 44.73 ? 192 HOH A O   1 
HETATM 1218 O  O   . HOH C 3 .   ? -6.188  -18.078 -5.418  1.00 39.93 ? 193 HOH A O   1 
HETATM 1219 O  O   . HOH C 3 .   ? -3.364  9.187   -7.993  1.00 45.79 ? 194 HOH A O   1 
HETATM 1220 O  O   . HOH C 3 .   ? 4.672   14.145  7.255   1.00 50.44 ? 195 HOH A O   1 
HETATM 1221 O  O   . HOH C 3 .   ? 9.400   8.737   13.959  1.00 47.51 ? 196 HOH A O   1 
HETATM 1222 O  O   . HOH C 3 .   ? 15.246  6.610   8.872   1.00 52.52 ? 197 HOH A O   1 
HETATM 1223 O  O   . HOH C 3 .   ? 9.523   10.187  7.242   1.00 56.91 ? 198 HOH A O   1 
HETATM 1224 O  O   . HOH C 3 .   ? 2.329   17.339  -1.126  1.00 56.78 ? 199 HOH A O   1 
HETATM 1225 O  O   . HOH C 3 .   ? -9.545  -14.738 -1.227  1.00 53.98 ? 200 HOH A O   1 
HETATM 1226 O  O   . HOH C 3 .   ? -15.644 -4.842  10.813  1.00 52.87 ? 201 HOH A O   1 
HETATM 1227 O  O   . HOH C 3 .   ? 6.028   -19.378 1.698   1.00 45.45 ? 202 HOH A O   1 
HETATM 1228 O  O   . HOH C 3 .   ? -12.617 -5.300  8.146   1.00 64.59 ? 203 HOH A O   1 
HETATM 1229 O  O   . HOH C 3 .   ? 9.815   3.680   1.054   1.00 56.23 ? 204 HOH A O   1 
HETATM 1230 O  O   . HOH C 3 .   ? -15.991 5.728   -0.659  1.00 56.26 ? 205 HOH A O   1 
HETATM 1231 O  O   . HOH C 3 .   ? -13.768 -2.145  2.944   1.00 58.30 ? 206 HOH A O   1 
HETATM 1232 O  O   . HOH C 3 .   ? -2.684  3.523   -14.953 1.00 63.99 ? 207 HOH A O   1 
HETATM 1233 O  O   . HOH C 3 .   ? -4.576  -19.124 -2.740  1.00 53.63 ? 208 HOH A O   1 
HETATM 1234 O  O   . HOH C 3 .   ? -4.245  -1.460  -15.430 1.00 66.30 ? 209 HOH A O   1 
HETATM 1235 O  O   . HOH C 3 .   ? -12.780 -3.779  -10.684 1.00 68.13 ? 210 HOH A O   1 
HETATM 1236 O  O   . HOH C 3 .   ? -12.399 -4.629  1.697   1.00 70.70 ? 211 HOH A O   1 
HETATM 1237 O  O   . HOH C 3 .   ? -14.856 -7.105  7.662   1.00 68.36 ? 212 HOH A O   1 
HETATM 1238 O  O   . HOH C 3 .   ? -14.828 -6.580  -5.890  1.00 68.75 ? 213 HOH A O   1 
HETATM 1239 O  O   . HOH C 3 .   ? -8.099  6.722   -13.157 1.00 64.53 ? 214 HOH A O   1 
HETATM 1240 O  O   . HOH C 3 .   ? 8.008   10.509  12.403  1.00 55.38 ? 215 HOH A O   1 
HETATM 1241 O  O   . HOH C 3 .   ? 5.180   11.260  15.790  1.00 57.53 ? 216 HOH A O   1 
HETATM 1242 O  O   . HOH C 3 .   ? 7.718   9.787   16.527  1.00 60.33 ? 217 HOH A O   1 
HETATM 1243 O  O   . HOH C 3 .   ? 2.434   9.382   17.806  1.00 70.29 ? 218 HOH A O   1 
HETATM 1244 O  O   . HOH C 3 .   ? 0.350   9.856   19.502  1.00 71.10 ? 219 HOH A O   1 
HETATM 1245 O  O   . HOH C 3 .   ? -1.640  8.269   20.512  1.00 68.72 ? 220 HOH A O   1 
HETATM 1246 O  O   . HOH C 3 .   ? -10.502 -7.632  2.345   1.00 70.11 ? 221 HOH A O   1 
HETATM 1247 O  O   . HOH C 3 .   ? 13.180  -11.719 9.447   1.00 61.64 ? 222 HOH A O   1 
HETATM 1248 O  O   . HOH C 3 .   ? 13.828  -12.381 6.586   1.00 66.77 ? 223 HOH A O   1 
HETATM 1249 O  O   . HOH C 3 .   ? 16.537  1.593   15.338  1.00 73.14 ? 224 HOH A O   1 
HETATM 1250 O  O   . HOH C 3 .   ? 8.919   1.966   18.592  1.00 75.24 ? 225 HOH A O   1 
HETATM 1251 O  O   . HOH C 3 .   ? -14.278 1.179   6.232   1.00 59.43 ? 226 HOH A O   1 
HETATM 1252 O  O   . HOH C 3 .   ? -16.289 3.417   8.814   1.00 58.97 ? 227 HOH A O   1 
HETATM 1253 O  O   . HOH C 3 .   ? 2.636   14.969  -3.079  1.00 67.94 ? 228 HOH A O   1 
HETATM 1254 O  O   . HOH C 3 .   ? -8.795  18.583  -4.720  1.00 65.22 ? 229 HOH A O   1 
HETATM 1255 O  O   . HOH C 3 .   ? -7.874  15.896  -6.766  1.00 63.63 ? 230 HOH A O   1 
HETATM 1256 O  O   . HOH C 3 .   ? 11.619  8.464   2.528   1.00 80.09 ? 231 HOH A O   1 
HETATM 1257 O  O   . HOH C 3 .   ? 0.294   15.285  12.291  1.00 52.42 ? 232 HOH A O   1 
HETATM 1258 O  O   . HOH C 3 .   ? 6.276   -20.538 -2.230  1.00 71.21 ? 233 HOH A O   1 
HETATM 1259 O  O   . HOH C 3 .   ? -13.613 6.731   -5.021  1.00 58.11 ? 234 HOH A O   1 
HETATM 1260 O  O   . HOH C 3 .   ? -10.174 -12.849 -5.955  1.00 64.20 ? 235 HOH A O   1 
HETATM 1261 O  O   . HOH C 3 .   ? -9.205  -14.996 -4.290  1.00 56.44 ? 236 HOH A O   1 
HETATM 1262 O  O   . HOH C 3 .   ? -15.245 9.499   -4.058  1.00 69.13 ? 237 HOH A O   1 
HETATM 1263 O  O   . HOH C 3 .   ? 10.550  6.205   -1.560  1.00 56.68 ? 238 HOH A O   1 
HETATM 1264 O  O   . HOH C 3 .   ? 13.081  4.771   -2.304  1.00 65.52 ? 239 HOH A O   1 
HETATM 1265 O  O   . HOH C 3 .   ? -10.133 5.130   -12.384 1.00 71.75 ? 240 HOH A O   1 
HETATM 1266 O  O   . HOH C 3 .   ? 13.526  5.762   1.145   1.00 67.09 ? 241 HOH A O   1 
HETATM 1267 O  O   . HOH C 3 .   ? 10.956  6.420   1.034   1.00 56.46 ? 242 HOH A O   1 
# 
